data_1K9V
# 
_entry.id   1K9V 
# 
_audit_conform.dict_name       mmcif_pdbx.dic 
_audit_conform.dict_version    5.389 
_audit_conform.dict_location   http://mmcif.pdb.org/dictionaries/ascii/mmcif_pdbx.dic 
# 
loop_
_database_2.database_id 
_database_2.database_code 
_database_2.pdbx_database_accession 
_database_2.pdbx_DOI 
PDB   1K9V         pdb_00001k9v 10.2210/pdb1k9v/pdb 
RCSB  RCSB014741   ?            ?                   
WWPDB D_1000014741 ?            ?                   
# 
loop_
_pdbx_audit_revision_history.ordinal 
_pdbx_audit_revision_history.data_content_type 
_pdbx_audit_revision_history.major_revision 
_pdbx_audit_revision_history.minor_revision 
_pdbx_audit_revision_history.revision_date 
1 'Structure model' 1 0 2002-02-20 
2 'Structure model' 1 1 2008-04-27 
3 'Structure model' 1 2 2011-07-13 
4 'Structure model' 1 3 2024-03-13 
5 'Structure model' 1 4 2024-04-03 
# 
_pdbx_audit_revision_details.ordinal             1 
_pdbx_audit_revision_details.revision_ordinal    1 
_pdbx_audit_revision_details.data_content_type   'Structure model' 
_pdbx_audit_revision_details.provider            repository 
_pdbx_audit_revision_details.type                'Initial release' 
_pdbx_audit_revision_details.description         ? 
_pdbx_audit_revision_details.details             ? 
# 
loop_
_pdbx_audit_revision_group.ordinal 
_pdbx_audit_revision_group.revision_ordinal 
_pdbx_audit_revision_group.data_content_type 
_pdbx_audit_revision_group.group 
1 2 'Structure model' 'Version format compliance' 
2 3 'Structure model' 'Version format compliance' 
3 4 'Structure model' 'Data collection'           
4 4 'Structure model' 'Database references'       
5 4 'Structure model' 'Derived calculations'      
6 5 'Structure model' 'Refinement description'    
# 
loop_
_pdbx_audit_revision_category.ordinal 
_pdbx_audit_revision_category.revision_ordinal 
_pdbx_audit_revision_category.data_content_type 
_pdbx_audit_revision_category.category 
1 4 'Structure model' chem_comp_atom                
2 4 'Structure model' chem_comp_bond                
3 4 'Structure model' database_2                    
4 4 'Structure model' diffrn_source                 
5 4 'Structure model' struct_site                   
6 5 'Structure model' pdbx_initial_refinement_model 
# 
loop_
_pdbx_audit_revision_item.ordinal 
_pdbx_audit_revision_item.revision_ordinal 
_pdbx_audit_revision_item.data_content_type 
_pdbx_audit_revision_item.item 
1 4 'Structure model' '_database_2.pdbx_DOI'                 
2 4 'Structure model' '_database_2.pdbx_database_accession'  
3 4 'Structure model' '_diffrn_source.pdbx_synchrotron_site' 
4 4 'Structure model' '_struct_site.pdbx_auth_asym_id'       
5 4 'Structure model' '_struct_site.pdbx_auth_comp_id'       
6 4 'Structure model' '_struct_site.pdbx_auth_seq_id'        
# 
_pdbx_database_status.status_code                     REL 
_pdbx_database_status.entry_id                        1K9V 
_pdbx_database_status.recvd_initial_deposition_date   2001-10-31 
_pdbx_database_status.deposit_site                    RCSB 
_pdbx_database_status.process_site                    PDBJ 
_pdbx_database_status.status_code_sf                  REL 
_pdbx_database_status.SG_entry                        . 
_pdbx_database_status.pdb_format_compatible           Y 
_pdbx_database_status.status_code_mr                  ? 
_pdbx_database_status.status_code_cs                  ? 
_pdbx_database_status.status_code_nmr_data            ? 
_pdbx_database_status.methods_development_category    ? 
# 
loop_
_audit_author.name 
_audit_author.pdbx_ordinal 
'Douangamath, A.'        1 
'Walker, M.'             2 
'Beismann-Driemeyer, S.' 3 
'Vega-Fernandez, M.C.'   4 
'Sterner, R.'            5 
'Wilmanns, M.'           6 
# 
_citation.id                        primary 
_citation.title                     
;Structural evidence for ammonia tunneling across the (beta alpha)(8) barrel of the imidazole glycerol phosphate synthase bienzyme complex.
;
_citation.journal_abbrev            Structure 
_citation.journal_volume            10 
_citation.page_first                185 
_citation.page_last                 193 
_citation.year                      2002 
_citation.journal_id_ASTM           STRUE6 
_citation.country                   UK 
_citation.journal_id_ISSN           0969-2126 
_citation.journal_id_CSD            2005 
_citation.book_publisher            ? 
_citation.pdbx_database_id_PubMed   11839304 
_citation.pdbx_database_id_DOI      '10.1016/S0969-2126(02)00702-5' 
# 
loop_
_citation_author.citation_id 
_citation_author.name 
_citation_author.ordinal 
_citation_author.identifier_ORCID 
primary 'Douangamath, A.'        1 ? 
primary 'Walker, M.'             2 ? 
primary 'Beismann-Driemeyer, S.' 3 ? 
primary 'Vega-Fernandez, M.C.'   4 ? 
primary 'Sterner, R.'            5 ? 
primary 'Wilmanns, M.'           6 ? 
# 
loop_
_entity.id 
_entity.type 
_entity.src_method 
_entity.pdbx_description 
_entity.formula_weight 
_entity.pdbx_number_of_molecules 
_entity.pdbx_ec 
_entity.pdbx_mutation 
_entity.pdbx_fragment 
_entity.details 
1 polymer     man 'Amidotransferase hisH' 23130.564 1  2.4.2.- ? ? ? 
2 non-polymer syn 'ACETIC ACID'           60.052    1  ?       ? ? ? 
3 water       nat water                   18.015    65 ?       ? ? ? 
# 
_entity_poly.entity_id                      1 
_entity_poly.type                           'polypeptide(L)' 
_entity_poly.nstd_linkage                   no 
_entity_poly.nstd_monomer                   no 
_entity_poly.pdbx_seq_one_letter_code       
;MRIGIISVGPGNIMNLYRGVKRASENFEDVSIELVESPRNDLYDLLFIPGVGHFGEGMRRLRENDLIDFVRKHVEDERYV
VGVCLGMQLLFEESEEAPGVKGLSLIEGNVVKLRSRRLPHMGWNEVIFKDTFPNGYYYFVHTYRAVCEEEHVLGTTEYDG
EIFPSAVRKGRILGFQFHPEKSSKIGRKLLEKVIECSLSRR
;
_entity_poly.pdbx_seq_one_letter_code_can   
;MRIGIISVGPGNIMNLYRGVKRASENFEDVSIELVESPRNDLYDLLFIPGVGHFGEGMRRLRENDLIDFVRKHVEDERYV
VGVCLGMQLLFEESEEAPGVKGLSLIEGNVVKLRSRRLPHMGWNEVIFKDTFPNGYYYFVHTYRAVCEEEHVLGTTEYDG
EIFPSAVRKGRILGFQFHPEKSSKIGRKLLEKVIECSLSRR
;
_entity_poly.pdbx_strand_id                 F 
_entity_poly.pdbx_target_identifier         ? 
# 
loop_
_pdbx_entity_nonpoly.entity_id 
_pdbx_entity_nonpoly.name 
_pdbx_entity_nonpoly.comp_id 
2 'ACETIC ACID' ACY 
3 water         HOH 
# 
loop_
_entity_poly_seq.entity_id 
_entity_poly_seq.num 
_entity_poly_seq.mon_id 
_entity_poly_seq.hetero 
1 1   MET n 
1 2   ARG n 
1 3   ILE n 
1 4   GLY n 
1 5   ILE n 
1 6   ILE n 
1 7   SER n 
1 8   VAL n 
1 9   GLY n 
1 10  PRO n 
1 11  GLY n 
1 12  ASN n 
1 13  ILE n 
1 14  MET n 
1 15  ASN n 
1 16  LEU n 
1 17  TYR n 
1 18  ARG n 
1 19  GLY n 
1 20  VAL n 
1 21  LYS n 
1 22  ARG n 
1 23  ALA n 
1 24  SER n 
1 25  GLU n 
1 26  ASN n 
1 27  PHE n 
1 28  GLU n 
1 29  ASP n 
1 30  VAL n 
1 31  SER n 
1 32  ILE n 
1 33  GLU n 
1 34  LEU n 
1 35  VAL n 
1 36  GLU n 
1 37  SER n 
1 38  PRO n 
1 39  ARG n 
1 40  ASN n 
1 41  ASP n 
1 42  LEU n 
1 43  TYR n 
1 44  ASP n 
1 45  LEU n 
1 46  LEU n 
1 47  PHE n 
1 48  ILE n 
1 49  PRO n 
1 50  GLY n 
1 51  VAL n 
1 52  GLY n 
1 53  HIS n 
1 54  PHE n 
1 55  GLY n 
1 56  GLU n 
1 57  GLY n 
1 58  MET n 
1 59  ARG n 
1 60  ARG n 
1 61  LEU n 
1 62  ARG n 
1 63  GLU n 
1 64  ASN n 
1 65  ASP n 
1 66  LEU n 
1 67  ILE n 
1 68  ASP n 
1 69  PHE n 
1 70  VAL n 
1 71  ARG n 
1 72  LYS n 
1 73  HIS n 
1 74  VAL n 
1 75  GLU n 
1 76  ASP n 
1 77  GLU n 
1 78  ARG n 
1 79  TYR n 
1 80  VAL n 
1 81  VAL n 
1 82  GLY n 
1 83  VAL n 
1 84  CYS n 
1 85  LEU n 
1 86  GLY n 
1 87  MET n 
1 88  GLN n 
1 89  LEU n 
1 90  LEU n 
1 91  PHE n 
1 92  GLU n 
1 93  GLU n 
1 94  SER n 
1 95  GLU n 
1 96  GLU n 
1 97  ALA n 
1 98  PRO n 
1 99  GLY n 
1 100 VAL n 
1 101 LYS n 
1 102 GLY n 
1 103 LEU n 
1 104 SER n 
1 105 LEU n 
1 106 ILE n 
1 107 GLU n 
1 108 GLY n 
1 109 ASN n 
1 110 VAL n 
1 111 VAL n 
1 112 LYS n 
1 113 LEU n 
1 114 ARG n 
1 115 SER n 
1 116 ARG n 
1 117 ARG n 
1 118 LEU n 
1 119 PRO n 
1 120 HIS n 
1 121 MET n 
1 122 GLY n 
1 123 TRP n 
1 124 ASN n 
1 125 GLU n 
1 126 VAL n 
1 127 ILE n 
1 128 PHE n 
1 129 LYS n 
1 130 ASP n 
1 131 THR n 
1 132 PHE n 
1 133 PRO n 
1 134 ASN n 
1 135 GLY n 
1 136 TYR n 
1 137 TYR n 
1 138 TYR n 
1 139 PHE n 
1 140 VAL n 
1 141 HIS n 
1 142 THR n 
1 143 TYR n 
1 144 ARG n 
1 145 ALA n 
1 146 VAL n 
1 147 CYS n 
1 148 GLU n 
1 149 GLU n 
1 150 GLU n 
1 151 HIS n 
1 152 VAL n 
1 153 LEU n 
1 154 GLY n 
1 155 THR n 
1 156 THR n 
1 157 GLU n 
1 158 TYR n 
1 159 ASP n 
1 160 GLY n 
1 161 GLU n 
1 162 ILE n 
1 163 PHE n 
1 164 PRO n 
1 165 SER n 
1 166 ALA n 
1 167 VAL n 
1 168 ARG n 
1 169 LYS n 
1 170 GLY n 
1 171 ARG n 
1 172 ILE n 
1 173 LEU n 
1 174 GLY n 
1 175 PHE n 
1 176 GLN n 
1 177 PHE n 
1 178 HIS n 
1 179 PRO n 
1 180 GLU n 
1 181 LYS n 
1 182 SER n 
1 183 SER n 
1 184 LYS n 
1 185 ILE n 
1 186 GLY n 
1 187 ARG n 
1 188 LYS n 
1 189 LEU n 
1 190 LEU n 
1 191 GLU n 
1 192 LYS n 
1 193 VAL n 
1 194 ILE n 
1 195 GLU n 
1 196 CYS n 
1 197 SER n 
1 198 LEU n 
1 199 SER n 
1 200 ARG n 
1 201 ARG n 
# 
_entity_src_gen.entity_id                          1 
_entity_src_gen.pdbx_src_id                        1 
_entity_src_gen.pdbx_alt_source_flag               sample 
_entity_src_gen.pdbx_seq_type                      ? 
_entity_src_gen.pdbx_beg_seq_num                   ? 
_entity_src_gen.pdbx_end_seq_num                   ? 
_entity_src_gen.gene_src_common_name               ? 
_entity_src_gen.gene_src_genus                     Thermotoga 
_entity_src_gen.pdbx_gene_src_gene                 ? 
_entity_src_gen.gene_src_species                   ? 
_entity_src_gen.gene_src_strain                    ? 
_entity_src_gen.gene_src_tissue                    ? 
_entity_src_gen.gene_src_tissue_fraction           ? 
_entity_src_gen.gene_src_details                   ? 
_entity_src_gen.pdbx_gene_src_fragment             ? 
_entity_src_gen.pdbx_gene_src_scientific_name      'Thermotoga maritima' 
_entity_src_gen.pdbx_gene_src_ncbi_taxonomy_id     2336 
_entity_src_gen.pdbx_gene_src_variant              ? 
_entity_src_gen.pdbx_gene_src_cell_line            ? 
_entity_src_gen.pdbx_gene_src_atcc                 ? 
_entity_src_gen.pdbx_gene_src_organ                ? 
_entity_src_gen.pdbx_gene_src_organelle            ? 
_entity_src_gen.pdbx_gene_src_cell                 ? 
_entity_src_gen.pdbx_gene_src_cellular_location    ? 
_entity_src_gen.host_org_common_name               ? 
_entity_src_gen.pdbx_host_org_scientific_name      'Escherichia coli' 
_entity_src_gen.pdbx_host_org_ncbi_taxonomy_id     562 
_entity_src_gen.host_org_genus                     Escherichia 
_entity_src_gen.pdbx_host_org_gene                 ? 
_entity_src_gen.pdbx_host_org_organ                ? 
_entity_src_gen.host_org_species                   ? 
_entity_src_gen.pdbx_host_org_tissue               ? 
_entity_src_gen.pdbx_host_org_tissue_fraction      ? 
_entity_src_gen.pdbx_host_org_strain               ? 
_entity_src_gen.pdbx_host_org_variant              ? 
_entity_src_gen.pdbx_host_org_cell_line            ? 
_entity_src_gen.pdbx_host_org_atcc                 ? 
_entity_src_gen.pdbx_host_org_culture_collection   ? 
_entity_src_gen.pdbx_host_org_cell                 ? 
_entity_src_gen.pdbx_host_org_organelle            ? 
_entity_src_gen.pdbx_host_org_cellular_location    ? 
_entity_src_gen.pdbx_host_org_vector_type          ? 
_entity_src_gen.pdbx_host_org_vector               ? 
_entity_src_gen.host_org_details                   ? 
_entity_src_gen.expression_system_id               ? 
_entity_src_gen.plasmid_name                       ? 
_entity_src_gen.plasmid_details                    ? 
_entity_src_gen.pdbx_description                   ? 
# 
loop_
_chem_comp.id 
_chem_comp.type 
_chem_comp.mon_nstd_flag 
_chem_comp.name 
_chem_comp.pdbx_synonyms 
_chem_comp.formula 
_chem_comp.formula_weight 
ACY non-polymer         . 'ACETIC ACID'   ? 'C2 H4 O2'       60.052  
ALA 'L-peptide linking' y ALANINE         ? 'C3 H7 N O2'     89.093  
ARG 'L-peptide linking' y ARGININE        ? 'C6 H15 N4 O2 1' 175.209 
ASN 'L-peptide linking' y ASPARAGINE      ? 'C4 H8 N2 O3'    132.118 
ASP 'L-peptide linking' y 'ASPARTIC ACID' ? 'C4 H7 N O4'     133.103 
CYS 'L-peptide linking' y CYSTEINE        ? 'C3 H7 N O2 S'   121.158 
GLN 'L-peptide linking' y GLUTAMINE       ? 'C5 H10 N2 O3'   146.144 
GLU 'L-peptide linking' y 'GLUTAMIC ACID' ? 'C5 H9 N O4'     147.129 
GLY 'peptide linking'   y GLYCINE         ? 'C2 H5 N O2'     75.067  
HIS 'L-peptide linking' y HISTIDINE       ? 'C6 H10 N3 O2 1' 156.162 
HOH non-polymer         . WATER           ? 'H2 O'           18.015  
ILE 'L-peptide linking' y ISOLEUCINE      ? 'C6 H13 N O2'    131.173 
LEU 'L-peptide linking' y LEUCINE         ? 'C6 H13 N O2'    131.173 
LYS 'L-peptide linking' y LYSINE          ? 'C6 H15 N2 O2 1' 147.195 
MET 'L-peptide linking' y METHIONINE      ? 'C5 H11 N O2 S'  149.211 
PHE 'L-peptide linking' y PHENYLALANINE   ? 'C9 H11 N O2'    165.189 
PRO 'L-peptide linking' y PROLINE         ? 'C5 H9 N O2'     115.130 
SER 'L-peptide linking' y SERINE          ? 'C3 H7 N O3'     105.093 
THR 'L-peptide linking' y THREONINE       ? 'C4 H9 N O3'     119.119 
TRP 'L-peptide linking' y TRYPTOPHAN      ? 'C11 H12 N2 O2'  204.225 
TYR 'L-peptide linking' y TYROSINE        ? 'C9 H11 N O3'    181.189 
VAL 'L-peptide linking' y VALINE          ? 'C5 H11 N O2'    117.146 
# 
loop_
_pdbx_poly_seq_scheme.asym_id 
_pdbx_poly_seq_scheme.entity_id 
_pdbx_poly_seq_scheme.seq_id 
_pdbx_poly_seq_scheme.mon_id 
_pdbx_poly_seq_scheme.ndb_seq_num 
_pdbx_poly_seq_scheme.pdb_seq_num 
_pdbx_poly_seq_scheme.auth_seq_num 
_pdbx_poly_seq_scheme.pdb_mon_id 
_pdbx_poly_seq_scheme.auth_mon_id 
_pdbx_poly_seq_scheme.pdb_strand_id 
_pdbx_poly_seq_scheme.pdb_ins_code 
_pdbx_poly_seq_scheme.hetero 
A 1 1   MET 1   301 301 MET MET F . n 
A 1 2   ARG 2   302 302 ARG ARG F . n 
A 1 3   ILE 3   303 303 ILE ILE F . n 
A 1 4   GLY 4   304 304 GLY GLY F . n 
A 1 5   ILE 5   305 305 ILE ILE F . n 
A 1 6   ILE 6   306 306 ILE ILE F . n 
A 1 7   SER 7   307 307 SER SER F . n 
A 1 8   VAL 8   308 308 VAL VAL F . n 
A 1 9   GLY 9   309 309 GLY GLY F . n 
A 1 10  PRO 10  310 310 PRO PRO F . n 
A 1 11  GLY 11  311 311 GLY GLY F . n 
A 1 12  ASN 12  312 312 ASN ASN F . n 
A 1 13  ILE 13  313 313 ILE ILE F . n 
A 1 14  MET 14  314 314 MET MET F . n 
A 1 15  ASN 15  315 315 ASN ASN F . n 
A 1 16  LEU 16  316 316 LEU LEU F . n 
A 1 17  TYR 17  317 317 TYR TYR F . n 
A 1 18  ARG 18  318 318 ARG ARG F . n 
A 1 19  GLY 19  319 319 GLY GLY F . n 
A 1 20  VAL 20  320 320 VAL VAL F . n 
A 1 21  LYS 21  321 321 LYS LYS F . n 
A 1 22  ARG 22  322 322 ARG ALA F . n 
A 1 23  ALA 23  323 323 ALA ALA F . n 
A 1 24  SER 24  324 324 SER SER F . n 
A 1 25  GLU 25  325 325 GLU ALA F . n 
A 1 26  ASN 26  326 326 ASN ALA F . n 
A 1 27  PHE 27  327 327 PHE PHE F . n 
A 1 28  GLU 28  328 328 GLU GLU F . n 
A 1 29  ASP 29  329 329 ASP ASP F . n 
A 1 30  VAL 30  330 330 VAL VAL F . n 
A 1 31  SER 31  331 331 SER SER F . n 
A 1 32  ILE 32  332 332 ILE ILE F . n 
A 1 33  GLU 33  333 333 GLU GLU F . n 
A 1 34  LEU 34  334 334 LEU LEU F . n 
A 1 35  VAL 35  335 335 VAL VAL F . n 
A 1 36  GLU 36  336 336 GLU GLU F . n 
A 1 37  SER 37  337 337 SER SER F . n 
A 1 38  PRO 38  338 338 PRO PRO F . n 
A 1 39  ARG 39  339 339 ARG ARG F . n 
A 1 40  ASN 40  340 340 ASN ASP F . n 
A 1 41  ASP 41  341 341 ASP ASP F . n 
A 1 42  LEU 42  342 342 LEU LEU F . n 
A 1 43  TYR 43  343 343 TYR TYR F . n 
A 1 44  ASP 44  344 344 ASP ALA F . n 
A 1 45  LEU 45  345 345 LEU LEU F . n 
A 1 46  LEU 46  346 346 LEU LEU F . n 
A 1 47  PHE 47  347 347 PHE PHE F . n 
A 1 48  ILE 48  348 348 ILE ILE F . n 
A 1 49  PRO 49  349 349 PRO PRO F . n 
A 1 50  GLY 50  350 350 GLY GLY F . n 
A 1 51  VAL 51  351 351 VAL VAL F . n 
A 1 52  GLY 52  352 352 GLY GLY F . n 
A 1 53  HIS 53  353 353 HIS HIS F . n 
A 1 54  PHE 54  354 354 PHE PHE F . n 
A 1 55  GLY 55  355 355 GLY GLY F . n 
A 1 56  GLU 56  356 356 GLU GLU F . n 
A 1 57  GLY 57  357 357 GLY GLY F . n 
A 1 58  MET 58  358 358 MET MET F . n 
A 1 59  ARG 59  359 359 ARG ARG F . n 
A 1 60  ARG 60  360 360 ARG ARG F . n 
A 1 61  LEU 61  361 361 LEU LEU F . n 
A 1 62  ARG 62  362 362 ARG ARG F . n 
A 1 63  GLU 63  363 363 GLU GLU F . n 
A 1 64  ASN 64  364 364 ASN ASN F . n 
A 1 65  ASP 65  365 365 ASP ASP F . n 
A 1 66  LEU 66  366 366 LEU LEU F . n 
A 1 67  ILE 67  367 367 ILE ILE F . n 
A 1 68  ASP 68  368 368 ASP ASP F . n 
A 1 69  PHE 69  369 369 PHE PHE F . n 
A 1 70  VAL 70  370 370 VAL VAL F . n 
A 1 71  ARG 71  371 371 ARG ARG F . n 
A 1 72  LYS 72  372 372 LYS LYS F . n 
A 1 73  HIS 73  373 373 HIS HIS F . n 
A 1 74  VAL 74  374 374 VAL VAL F . n 
A 1 75  GLU 75  375 375 GLU GLU F . n 
A 1 76  ASP 76  376 376 ASP ASP F . n 
A 1 77  GLU 77  377 377 GLU ALA F . n 
A 1 78  ARG 78  378 378 ARG ARG F . n 
A 1 79  TYR 79  379 379 TYR TYR F . n 
A 1 80  VAL 80  380 380 VAL VAL F . n 
A 1 81  VAL 81  381 381 VAL VAL F . n 
A 1 82  GLY 82  382 382 GLY GLY F . n 
A 1 83  VAL 83  383 383 VAL VAL F . n 
A 1 84  CYS 84  384 384 CYS CYS F . n 
A 1 85  LEU 85  385 385 LEU LEU F . n 
A 1 86  GLY 86  386 386 GLY GLY F . n 
A 1 87  MET 87  387 387 MET MET F . n 
A 1 88  GLN 88  388 388 GLN GLN F . n 
A 1 89  LEU 89  389 389 LEU LEU F . n 
A 1 90  LEU 90  390 390 LEU LEU F . n 
A 1 91  PHE 91  391 391 PHE PHE F . n 
A 1 92  GLU 92  392 392 GLU GLU F . n 
A 1 93  GLU 93  393 393 GLU GLU F . n 
A 1 94  SER 94  394 394 SER SER F . n 
A 1 95  GLU 95  395 395 GLU GLU F . n 
A 1 96  GLU 96  396 396 GLU GLU F . n 
A 1 97  ALA 97  397 397 ALA ALA F . n 
A 1 98  PRO 98  398 398 PRO PRO F . n 
A 1 99  GLY 99  399 399 GLY GLY F . n 
A 1 100 VAL 100 400 400 VAL VAL F . n 
A 1 101 LYS 101 401 401 LYS LYS F . n 
A 1 102 GLY 102 402 402 GLY GLY F . n 
A 1 103 LEU 103 403 403 LEU LEU F . n 
A 1 104 SER 104 404 404 SER SER F . n 
A 1 105 LEU 105 405 405 LEU LEU F . n 
A 1 106 ILE 106 406 406 ILE ILE F . n 
A 1 107 GLU 107 407 407 GLU GLU F . n 
A 1 108 GLY 108 408 408 GLY GLY F . n 
A 1 109 ASN 109 409 409 ASN ASN F . n 
A 1 110 VAL 110 410 410 VAL VAL F . n 
A 1 111 VAL 111 411 411 VAL VAL F . n 
A 1 112 LYS 112 412 412 LYS LYS F . n 
A 1 113 LEU 113 413 413 LEU LEU F . n 
A 1 114 ARG 114 414 414 ARG ARG F . n 
A 1 115 SER 115 415 415 SER SER F . n 
A 1 116 ARG 116 416 416 ARG ARG F . n 
A 1 117 ARG 117 417 417 ARG ARG F . n 
A 1 118 LEU 118 418 418 LEU LEU F . n 
A 1 119 PRO 119 419 419 PRO CPR F . n 
A 1 120 HIS 120 420 420 HIS HIS F . n 
A 1 121 MET 121 421 421 MET MET F . n 
A 1 122 GLY 122 422 422 GLY GLY F . n 
A 1 123 TRP 123 423 423 TRP TRP F . n 
A 1 124 ASN 124 424 424 ASN ASN F . n 
A 1 125 GLU 125 425 425 GLU GLU F . n 
A 1 126 VAL 126 426 426 VAL VAL F . n 
A 1 127 ILE 127 427 427 ILE ILE F . n 
A 1 128 PHE 128 428 428 PHE PHE F . n 
A 1 129 LYS 129 429 429 LYS LYS F . n 
A 1 130 ASP 130 430 430 ASP ASP F . n 
A 1 131 THR 131 431 431 THR THR F . n 
A 1 132 PHE 132 432 432 PHE PHE F . n 
A 1 133 PRO 133 433 433 PRO PRO F . n 
A 1 134 ASN 134 434 434 ASN ASN F . n 
A 1 135 GLY 135 435 435 GLY GLY F . n 
A 1 136 TYR 136 436 436 TYR TYR F . n 
A 1 137 TYR 137 437 437 TYR TYR F . n 
A 1 138 TYR 138 438 438 TYR TYR F . n 
A 1 139 PHE 139 439 439 PHE PHE F . n 
A 1 140 VAL 140 440 440 VAL VAL F . n 
A 1 141 HIS 141 441 441 HIS HIS F . n 
A 1 142 THR 142 442 442 THR THR F . n 
A 1 143 TYR 143 443 443 TYR TYR F . n 
A 1 144 ARG 144 444 444 ARG ARG F . n 
A 1 145 ALA 145 445 445 ALA ALA F . n 
A 1 146 VAL 146 446 446 VAL VAL F . n 
A 1 147 CYS 147 447 447 CYS CYS F . n 
A 1 148 GLU 148 448 448 GLU ALA F . n 
A 1 149 GLU 149 449 449 GLU GLU F . n 
A 1 150 GLU 150 450 450 GLU GLU F . n 
A 1 151 HIS 151 451 451 HIS HIS F . n 
A 1 152 VAL 152 452 452 VAL VAL F . n 
A 1 153 LEU 153 453 453 LEU LEU F . n 
A 1 154 GLY 154 454 454 GLY GLY F . n 
A 1 155 THR 155 455 455 THR THR F . n 
A 1 156 THR 156 456 456 THR THR F . n 
A 1 157 GLU 157 457 457 GLU GLU F . n 
A 1 158 TYR 158 458 458 TYR TYR F . n 
A 1 159 ASP 159 459 459 ASP ASP F . n 
A 1 160 GLY 160 460 460 GLY GLY F . n 
A 1 161 GLU 161 461 461 GLU GLU F . n 
A 1 162 ILE 162 462 462 ILE ILE F . n 
A 1 163 PHE 163 463 463 PHE PHE F . n 
A 1 164 PRO 164 464 464 PRO PRO F . n 
A 1 165 SER 165 465 465 SER SER F . n 
A 1 166 ALA 166 466 466 ALA ALA F . n 
A 1 167 VAL 167 467 467 VAL VAL F . n 
A 1 168 ARG 168 468 468 ARG ARG F . n 
A 1 169 LYS 169 469 469 LYS LYS F . n 
A 1 170 GLY 170 470 470 GLY GLY F . n 
A 1 171 ARG 171 471 471 ARG ARG F . n 
A 1 172 ILE 172 472 472 ILE ILE F . n 
A 1 173 LEU 173 473 473 LEU LEU F . n 
A 1 174 GLY 174 474 474 GLY GLY F . n 
A 1 175 PHE 175 475 475 PHE PHE F . n 
A 1 176 GLN 176 476 476 GLN GLN F . n 
A 1 177 PHE 177 477 477 PHE PHE F . n 
A 1 178 HIS 178 478 478 HIS HIS F . n 
A 1 179 PRO 179 479 479 PRO PRO F . n 
A 1 180 GLU 180 480 480 GLU GLU F . n 
A 1 181 LYS 181 481 481 LYS LYS F . n 
A 1 182 SER 182 482 482 SER SER F . n 
A 1 183 SER 183 483 483 SER ALA F . n 
A 1 184 LYS 184 484 484 LYS ALA F . n 
A 1 185 ILE 185 485 485 ILE ILE F . n 
A 1 186 GLY 186 486 486 GLY GLY F . n 
A 1 187 ARG 187 487 487 ARG ALA F . n 
A 1 188 LYS 188 488 488 LYS LYS F . n 
A 1 189 LEU 189 489 489 LEU LEU F . n 
A 1 190 LEU 190 490 490 LEU LEU F . n 
A 1 191 GLU 191 491 491 GLU GLU F . n 
A 1 192 LYS 192 492 492 LYS LYS F . n 
A 1 193 VAL 193 493 493 VAL VAL F . n 
A 1 194 ILE 194 494 494 ILE ILE F . n 
A 1 195 GLU 195 495 495 GLU GLU F . n 
A 1 196 CYS 196 496 496 CYS CYS F . n 
A 1 197 SER 197 497 497 SER SER F . n 
A 1 198 LEU 198 498 498 LEU LEU F . n 
A 1 199 SER 199 499 499 SER SER F . n 
A 1 200 ARG 200 500 500 ARG ALA F . n 
A 1 201 ARG 201 501 ?   ?   ?   F . n 
# 
loop_
_pdbx_nonpoly_scheme.asym_id 
_pdbx_nonpoly_scheme.entity_id 
_pdbx_nonpoly_scheme.mon_id 
_pdbx_nonpoly_scheme.ndb_seq_num 
_pdbx_nonpoly_scheme.pdb_seq_num 
_pdbx_nonpoly_scheme.auth_seq_num 
_pdbx_nonpoly_scheme.pdb_mon_id 
_pdbx_nonpoly_scheme.auth_mon_id 
_pdbx_nonpoly_scheme.pdb_strand_id 
_pdbx_nonpoly_scheme.pdb_ins_code 
B 2 ACY 1  1001 1  ACY ACY F . 
C 3 HOH 1  1    1  HOH WAT F . 
C 3 HOH 2  2    2  HOH WAT F . 
C 3 HOH 3  3    3  HOH WAT F . 
C 3 HOH 4  4    4  HOH WAT F . 
C 3 HOH 5  5    5  HOH WAT F . 
C 3 HOH 6  6    6  HOH WAT F . 
C 3 HOH 7  7    7  HOH WAT F . 
C 3 HOH 8  8    8  HOH WAT F . 
C 3 HOH 9  9    9  HOH WAT F . 
C 3 HOH 10 10   10 HOH WAT F . 
C 3 HOH 11 11   11 HOH WAT F . 
C 3 HOH 12 12   12 HOH WAT F . 
C 3 HOH 13 13   13 HOH WAT F . 
C 3 HOH 14 14   14 HOH WAT F . 
C 3 HOH 15 15   15 HOH WAT F . 
C 3 HOH 16 16   16 HOH WAT F . 
C 3 HOH 17 17   17 HOH WAT F . 
C 3 HOH 18 18   18 HOH WAT F . 
C 3 HOH 19 19   19 HOH WAT F . 
C 3 HOH 20 20   20 HOH WAT F . 
C 3 HOH 21 21   21 HOH WAT F . 
C 3 HOH 22 22   22 HOH WAT F . 
C 3 HOH 23 23   23 HOH WAT F . 
C 3 HOH 24 24   24 HOH WAT F . 
C 3 HOH 25 25   25 HOH WAT F . 
C 3 HOH 26 26   26 HOH WAT F . 
C 3 HOH 27 27   27 HOH WAT F . 
C 3 HOH 28 28   28 HOH WAT F . 
C 3 HOH 29 29   29 HOH WAT F . 
C 3 HOH 30 30   30 HOH WAT F . 
C 3 HOH 31 31   31 HOH WAT F . 
C 3 HOH 32 32   32 HOH WAT F . 
C 3 HOH 33 33   33 HOH WAT F . 
C 3 HOH 34 34   34 HOH WAT F . 
C 3 HOH 35 35   35 HOH WAT F . 
C 3 HOH 36 36   36 HOH WAT F . 
C 3 HOH 37 37   37 HOH WAT F . 
C 3 HOH 38 38   38 HOH WAT F . 
C 3 HOH 39 39   39 HOH WAT F . 
C 3 HOH 40 40   40 HOH WAT F . 
C 3 HOH 41 41   41 HOH WAT F . 
C 3 HOH 42 42   42 HOH WAT F . 
C 3 HOH 43 43   43 HOH WAT F . 
C 3 HOH 44 44   44 HOH WAT F . 
C 3 HOH 45 45   45 HOH WAT F . 
C 3 HOH 46 46   46 HOH WAT F . 
C 3 HOH 47 47   47 HOH WAT F . 
C 3 HOH 48 48   48 HOH WAT F . 
C 3 HOH 49 49   49 HOH WAT F . 
C 3 HOH 50 50   50 HOH WAT F . 
C 3 HOH 51 51   51 HOH WAT F . 
C 3 HOH 52 52   52 HOH WAT F . 
C 3 HOH 53 53   53 HOH WAT F . 
C 3 HOH 54 54   54 HOH WAT F . 
C 3 HOH 55 55   55 HOH WAT F . 
C 3 HOH 56 56   56 HOH WAT F . 
C 3 HOH 57 57   57 HOH WAT F . 
C 3 HOH 58 58   58 HOH WAT F . 
C 3 HOH 59 59   59 HOH WAT F . 
C 3 HOH 60 60   60 HOH WAT F . 
C 3 HOH 61 61   61 HOH WAT F . 
C 3 HOH 62 62   62 HOH WAT F . 
C 3 HOH 63 63   63 HOH WAT F . 
C 3 HOH 64 64   64 HOH WAT F . 
C 3 HOH 65 65   65 HOH WAT F . 
# 
loop_
_pdbx_unobs_or_zero_occ_atoms.id 
_pdbx_unobs_or_zero_occ_atoms.PDB_model_num 
_pdbx_unobs_or_zero_occ_atoms.polymer_flag 
_pdbx_unobs_or_zero_occ_atoms.occupancy_flag 
_pdbx_unobs_or_zero_occ_atoms.auth_asym_id 
_pdbx_unobs_or_zero_occ_atoms.auth_comp_id 
_pdbx_unobs_or_zero_occ_atoms.auth_seq_id 
_pdbx_unobs_or_zero_occ_atoms.PDB_ins_code 
_pdbx_unobs_or_zero_occ_atoms.auth_atom_id 
_pdbx_unobs_or_zero_occ_atoms.label_alt_id 
_pdbx_unobs_or_zero_occ_atoms.label_asym_id 
_pdbx_unobs_or_zero_occ_atoms.label_comp_id 
_pdbx_unobs_or_zero_occ_atoms.label_seq_id 
_pdbx_unobs_or_zero_occ_atoms.label_atom_id 
1  1 Y 1 F ARG 322 ? CG  ? A ARG 22  CG  
2  1 Y 1 F ARG 322 ? CD  ? A ARG 22  CD  
3  1 Y 1 F ARG 322 ? NE  ? A ARG 22  NE  
4  1 Y 1 F ARG 322 ? CZ  ? A ARG 22  CZ  
5  1 Y 1 F ARG 322 ? NH1 ? A ARG 22  NH1 
6  1 Y 1 F ARG 322 ? NH2 ? A ARG 22  NH2 
7  1 Y 1 F GLU 325 ? CG  ? A GLU 25  CG  
8  1 Y 1 F GLU 325 ? CD  ? A GLU 25  CD  
9  1 Y 1 F GLU 325 ? OE1 ? A GLU 25  OE1 
10 1 Y 1 F GLU 325 ? OE2 ? A GLU 25  OE2 
11 1 Y 1 F ASN 326 ? CG  ? A ASN 26  CG  
12 1 Y 1 F ASN 326 ? OD1 ? A ASN 26  OD1 
13 1 Y 1 F ASN 326 ? ND2 ? A ASN 26  ND2 
14 1 Y 1 F ASP 344 ? CG  ? A ASP 44  CG  
15 1 Y 1 F ASP 344 ? OD1 ? A ASP 44  OD1 
16 1 Y 1 F ASP 344 ? OD2 ? A ASP 44  OD2 
17 1 Y 1 F GLU 377 ? CG  ? A GLU 77  CG  
18 1 Y 1 F GLU 377 ? CD  ? A GLU 77  CD  
19 1 Y 1 F GLU 377 ? OE1 ? A GLU 77  OE1 
20 1 Y 1 F GLU 377 ? OE2 ? A GLU 77  OE2 
21 1 Y 1 F GLU 448 ? CG  ? A GLU 148 CG  
22 1 Y 1 F GLU 448 ? CD  ? A GLU 148 CD  
23 1 Y 1 F GLU 448 ? OE1 ? A GLU 148 OE1 
24 1 Y 1 F GLU 448 ? OE2 ? A GLU 148 OE2 
25 1 Y 1 F SER 483 ? OG  ? A SER 183 OG  
26 1 Y 1 F LYS 484 ? CG  ? A LYS 184 CG  
27 1 Y 1 F LYS 484 ? CD  ? A LYS 184 CD  
28 1 Y 1 F LYS 484 ? CE  ? A LYS 184 CE  
29 1 Y 1 F LYS 484 ? NZ  ? A LYS 184 NZ  
30 1 Y 1 F ARG 487 ? CG  ? A ARG 187 CG  
31 1 Y 1 F ARG 487 ? CD  ? A ARG 187 CD  
32 1 Y 1 F ARG 487 ? NE  ? A ARG 187 NE  
33 1 Y 1 F ARG 487 ? CZ  ? A ARG 187 CZ  
34 1 Y 1 F ARG 487 ? NH1 ? A ARG 187 NH1 
35 1 Y 1 F ARG 487 ? NH2 ? A ARG 187 NH2 
36 1 Y 1 F ARG 500 ? CG  ? A ARG 200 CG  
37 1 Y 1 F ARG 500 ? CD  ? A ARG 200 CD  
38 1 Y 1 F ARG 500 ? NE  ? A ARG 200 NE  
39 1 Y 1 F ARG 500 ? CZ  ? A ARG 200 CZ  
40 1 Y 1 F ARG 500 ? NH1 ? A ARG 200 NH1 
41 1 Y 1 F ARG 500 ? NH2 ? A ARG 200 NH2 
# 
loop_
_software.name 
_software.classification 
_software.version 
_software.citation_id 
_software.pdbx_ordinal 
DENZO     'data reduction' . ? 1 
SCALEPACK 'data scaling'   . ? 2 
AMoRE     phasing          . ? 3 
CNS       refinement       . ? 4 
# 
_cell.entry_id           1K9V 
_cell.length_a           126.008 
_cell.length_b           35.837 
_cell.length_c           42.507 
_cell.angle_alpha        90.00 
_cell.angle_beta         90.00 
_cell.angle_gamma        90.00 
_cell.Z_PDB              4 
_cell.pdbx_unique_axis   ? 
# 
_symmetry.entry_id                         1K9V 
_symmetry.space_group_name_H-M             'P 21 21 2' 
_symmetry.pdbx_full_space_group_name_H-M   ? 
_symmetry.cell_setting                     ? 
_symmetry.Int_Tables_number                18 
# 
_exptl.entry_id          1K9V 
_exptl.method            'X-RAY DIFFRACTION' 
_exptl.crystals_number   1 
# 
_exptl_crystal.id                    1 
_exptl_crystal.density_meas          ? 
_exptl_crystal.density_Matthews      2.07 
_exptl_crystal.density_percent_sol   40.69 
_exptl_crystal.description           ? 
# 
_exptl_crystal_grow.crystal_id      1 
_exptl_crystal_grow.method          'VAPOR DIFFUSION, HANGING DROP' 
_exptl_crystal_grow.temp            298.0 
_exptl_crystal_grow.temp_details    ? 
_exptl_crystal_grow.pH              5.0 
_exptl_crystal_grow.pdbx_details    
'PEG 200, sodium acetate, DTT, calcium chloride, pH 5.0, VAPOR DIFFUSION, HANGING DROP, temperature 298.0K' 
_exptl_crystal_grow.pdbx_pH_range   . 
# 
_diffrn.id                     1 
_diffrn.ambient_temp           100 
_diffrn.ambient_temp_details   ? 
_diffrn.crystal_id             1 
# 
_diffrn_detector.diffrn_id              1 
_diffrn_detector.detector               CCD 
_diffrn_detector.type                   MARRESEARCH 
_diffrn_detector.pdbx_collection_date   2000-08-25 
_diffrn_detector.details                ? 
# 
_diffrn_radiation.diffrn_id                        1 
_diffrn_radiation.wavelength_id                    1 
_diffrn_radiation.pdbx_monochromatic_or_laue_m_l   M 
_diffrn_radiation.monochromator                    ? 
_diffrn_radiation.pdbx_diffrn_protocol             'SINGLE WAVELENGTH' 
_diffrn_radiation.pdbx_scattering_type             x-ray 
# 
_diffrn_radiation_wavelength.id           1 
_diffrn_radiation_wavelength.wavelength   0.91 
_diffrn_radiation_wavelength.wt           1.0 
# 
_diffrn_source.diffrn_id                   1 
_diffrn_source.source                      SYNCHROTRON 
_diffrn_source.type                        'EMBL/DESY, HAMBURG BEAMLINE X11' 
_diffrn_source.pdbx_synchrotron_site       'EMBL/DESY, HAMBURG' 
_diffrn_source.pdbx_synchrotron_beamline   X11 
_diffrn_source.pdbx_wavelength             ? 
_diffrn_source.pdbx_wavelength_list        0.91 
# 
_reflns.entry_id                     1K9V 
_reflns.observed_criterion_sigma_I   ? 
_reflns.observed_criterion_sigma_F   ? 
_reflns.d_resolution_low             20 
_reflns.d_resolution_high            2.4 
_reflns.number_obs                   32780 
_reflns.number_all                   32978 
_reflns.percent_possible_obs         99.4 
_reflns.pdbx_Rmerge_I_obs            0.042 
_reflns.pdbx_Rsym_value              ? 
_reflns.pdbx_netI_over_sigmaI        31.7 
_reflns.B_iso_Wilson_estimate        49.6 
_reflns.pdbx_redundancy              4.1 
_reflns.R_free_details               ? 
_reflns.limit_h_max                  ? 
_reflns.limit_h_min                  ? 
_reflns.limit_k_max                  ? 
_reflns.limit_k_min                  ? 
_reflns.limit_l_max                  ? 
_reflns.limit_l_min                  ? 
_reflns.observed_criterion_F_max     ? 
_reflns.observed_criterion_F_min     ? 
_reflns.pdbx_diffrn_id               1 
_reflns.pdbx_ordinal                 1 
# 
_reflns_shell.d_res_high             2.40 
_reflns_shell.d_res_low              2.44 
_reflns_shell.percent_possible_all   97.1 
_reflns_shell.Rmerge_I_obs           0.215 
_reflns_shell.pdbx_Rsym_value        ? 
_reflns_shell.meanI_over_sigI_obs    6.3 
_reflns_shell.pdbx_redundancy        ? 
_reflns_shell.percent_possible_obs   ? 
_reflns_shell.number_unique_all      ? 
_reflns_shell.pdbx_diffrn_id         ? 
_reflns_shell.pdbx_ordinal           1 
# 
_refine.entry_id                                 1K9V 
_refine.ls_number_reflns_obs                     7530 
_refine.ls_number_reflns_all                     7530 
_refine.pdbx_ls_sigma_I                          ? 
_refine.pdbx_ls_sigma_F                          0 
_refine.pdbx_data_cutoff_high_absF               ? 
_refine.pdbx_data_cutoff_low_absF                ? 
_refine.ls_d_res_low                             15 
_refine.ls_d_res_high                            2.4 
_refine.ls_percent_reflns_obs                    ? 
_refine.ls_R_factor_obs                          0.224 
_refine.ls_R_factor_all                          0.224 
_refine.ls_R_factor_R_work                       0.224 
_refine.ls_R_factor_R_free                       0.278 
_refine.ls_R_factor_R_free_error                 ? 
_refine.ls_R_factor_R_free_error_details         ? 
_refine.ls_percent_reflns_R_free                 5.67 
_refine.ls_number_reflns_R_free                  427 
_refine.ls_number_parameters                     ? 
_refine.ls_number_restraints                     ? 
_refine.occupancy_min                            ? 
_refine.occupancy_max                            ? 
_refine.B_iso_mean                               42.6 
_refine.aniso_B[1][1]                            10.871 
_refine.aniso_B[2][2]                            -10.320 
_refine.aniso_B[3][3]                            -0.552 
_refine.aniso_B[1][2]                            0.000 
_refine.aniso_B[1][3]                            0.000 
_refine.aniso_B[2][3]                            0.000 
_refine.solvent_model_details                    ? 
_refine.solvent_model_param_ksol                 ? 
_refine.solvent_model_param_bsol                 ? 
_refine.pdbx_ls_cross_valid_method               THROUGHOUT 
_refine.details                                  ? 
_refine.pdbx_starting_model                      'His H from the complex structure HisH-HisF' 
_refine.pdbx_method_to_determine_struct          'MOLECULAR REPLACEMENT' 
_refine.pdbx_isotropic_thermal_model             isotropic 
_refine.pdbx_stereochemistry_target_values       'Engh & Huber' 
_refine.pdbx_stereochem_target_val_spec_case     ? 
_refine.pdbx_R_Free_selection_details            random 
_refine.pdbx_overall_ESU_R_Free                  ? 
_refine.overall_SU_B                             ? 
_refine.ls_redundancy_reflns_obs                 ? 
_refine.B_iso_min                                ? 
_refine.B_iso_max                                ? 
_refine.correlation_coeff_Fo_to_Fc               ? 
_refine.overall_SU_R_Cruickshank_DPI             ? 
_refine.overall_SU_R_free                        ? 
_refine.overall_SU_ML                            ? 
_refine.pdbx_overall_ESU_R                       ? 
_refine.pdbx_data_cutoff_high_rms_absF           ? 
_refine.correlation_coeff_Fo_to_Fc_free          ? 
_refine.pdbx_solvent_vdw_probe_radii             ? 
_refine.pdbx_solvent_ion_probe_radii             ? 
_refine.pdbx_solvent_shrinkage_radii             ? 
_refine.pdbx_refine_id                           'X-RAY DIFFRACTION' 
_refine.pdbx_diffrn_id                           1 
_refine.pdbx_TLS_residual_ADP_flag               ? 
_refine.pdbx_overall_phase_error                 ? 
_refine.pdbx_overall_SU_R_free_Cruickshank_DPI   ? 
_refine.pdbx_overall_SU_R_Blow_DPI               ? 
_refine.pdbx_overall_SU_R_free_Blow_DPI          ? 
# 
_refine_hist.pdbx_refine_id                   'X-RAY DIFFRACTION' 
_refine_hist.cycle_id                         LAST 
_refine_hist.pdbx_number_atoms_protein        1574 
_refine_hist.pdbx_number_atoms_nucleic_acid   0 
_refine_hist.pdbx_number_atoms_ligand         0 
_refine_hist.number_atoms_solvent             69 
_refine_hist.number_atoms_total               1643 
_refine_hist.d_res_high                       2.4 
_refine_hist.d_res_low                        15 
# 
loop_
_refine_ls_restr.type 
_refine_ls_restr.dev_ideal 
_refine_ls_restr.dev_ideal_target 
_refine_ls_restr.weight 
_refine_ls_restr.number 
_refine_ls_restr.pdbx_refine_id 
_refine_ls_restr.pdbx_restraint_function 
c_angle_deg 1.236 ? ? ? 'X-RAY DIFFRACTION' ? 
c_bond_d    0.006 ? ? ? 'X-RAY DIFFRACTION' ? 
# 
_struct.entry_id                  1K9V 
_struct.title                     
;Structural evidence for ammonia tunelling across the (beta-alpha)8-barrel of the imidazole glycerol phosphate synthase bienzyme complex
;
_struct.pdbx_model_details        ? 
_struct.pdbx_CASP_flag            ? 
_struct.pdbx_model_type_details   ? 
# 
_struct_keywords.entry_id        1K9V 
_struct_keywords.pdbx_keywords   TRANSFERASE 
_struct_keywords.text            
'glutaminase, imidazole glycerol phosphate synthase, (beta-alpha)8-barrel, ammonia tunnel, TRANSFERASE' 
# 
loop_
_struct_asym.id 
_struct_asym.pdbx_blank_PDB_chainid_flag 
_struct_asym.pdbx_modified 
_struct_asym.entity_id 
_struct_asym.details 
A N N 1 ? 
B N N 2 ? 
C N N 3 ? 
# 
_struct_ref.id                         1 
_struct_ref.db_name                    UNP 
_struct_ref.db_code                    HIS5_THEMA 
_struct_ref.entity_id                  1 
_struct_ref.pdbx_seq_one_letter_code   
;MRIGIISVGPGNIMNLYRGVKRASENFEDVSIELVESPRNDLYDLLFIPGVGHFGEGMRRLRENDLIDFVRKHVEDERYV
VGVCLGMQLLFEESEEAPGVKGLSLIEGNVVKLRSRRLPHMGWNEVIFKDTFPNGYYYFVHTYRAVCEEEHVLGTTEYDG
EIFPSAVRKGRILGFQFHPEKSSKIGRKLLEKVIECSLSRR
;
_struct_ref.pdbx_align_begin           1 
_struct_ref.pdbx_db_accession          Q9X0C8 
_struct_ref.pdbx_db_isoform            ? 
# 
_struct_ref_seq.align_id                      1 
_struct_ref_seq.ref_id                        1 
_struct_ref_seq.pdbx_PDB_id_code              1K9V 
_struct_ref_seq.pdbx_strand_id                F 
_struct_ref_seq.seq_align_beg                 1 
_struct_ref_seq.pdbx_seq_align_beg_ins_code   ? 
_struct_ref_seq.seq_align_end                 201 
_struct_ref_seq.pdbx_seq_align_end_ins_code   ? 
_struct_ref_seq.pdbx_db_accession             Q9X0C8 
_struct_ref_seq.db_align_beg                  1 
_struct_ref_seq.pdbx_db_align_beg_ins_code    ? 
_struct_ref_seq.db_align_end                  201 
_struct_ref_seq.pdbx_db_align_end_ins_code    ? 
_struct_ref_seq.pdbx_auth_seq_align_beg       301 
_struct_ref_seq.pdbx_auth_seq_align_end       501 
# 
_pdbx_struct_assembly.id                   1 
_pdbx_struct_assembly.details              author_defined_assembly 
_pdbx_struct_assembly.method_details       ? 
_pdbx_struct_assembly.oligomeric_details   monomeric 
_pdbx_struct_assembly.oligomeric_count     1 
# 
_pdbx_struct_assembly_gen.assembly_id       1 
_pdbx_struct_assembly_gen.oper_expression   1 
_pdbx_struct_assembly_gen.asym_id_list      A,B,C 
# 
_pdbx_struct_oper_list.id                   1 
_pdbx_struct_oper_list.type                 'identity operation' 
_pdbx_struct_oper_list.name                 1_555 
_pdbx_struct_oper_list.symmetry_operation   x,y,z 
_pdbx_struct_oper_list.matrix[1][1]         1.0000000000 
_pdbx_struct_oper_list.matrix[1][2]         0.0000000000 
_pdbx_struct_oper_list.matrix[1][3]         0.0000000000 
_pdbx_struct_oper_list.vector[1]            0.0000000000 
_pdbx_struct_oper_list.matrix[2][1]         0.0000000000 
_pdbx_struct_oper_list.matrix[2][2]         1.0000000000 
_pdbx_struct_oper_list.matrix[2][3]         0.0000000000 
_pdbx_struct_oper_list.vector[2]            0.0000000000 
_pdbx_struct_oper_list.matrix[3][1]         0.0000000000 
_pdbx_struct_oper_list.matrix[3][2]         0.0000000000 
_pdbx_struct_oper_list.matrix[3][3]         1.0000000000 
_pdbx_struct_oper_list.vector[3]            0.0000000000 
# 
_struct_biol.id                    1 
_struct_biol.pdbx_parent_biol_id   ? 
_struct_biol.details               ? 
# 
loop_
_struct_conf.conf_type_id 
_struct_conf.id 
_struct_conf.pdbx_PDB_helix_id 
_struct_conf.beg_label_comp_id 
_struct_conf.beg_label_asym_id 
_struct_conf.beg_label_seq_id 
_struct_conf.pdbx_beg_PDB_ins_code 
_struct_conf.end_label_comp_id 
_struct_conf.end_label_asym_id 
_struct_conf.end_label_seq_id 
_struct_conf.pdbx_end_PDB_ins_code 
_struct_conf.beg_auth_comp_id 
_struct_conf.beg_auth_asym_id 
_struct_conf.beg_auth_seq_id 
_struct_conf.end_auth_comp_id 
_struct_conf.end_auth_asym_id 
_struct_conf.end_auth_seq_id 
_struct_conf.pdbx_PDB_helix_class 
_struct_conf.details 
_struct_conf.pdbx_PDB_helix_length 
HELX_P HELX_P1 1 ILE A 13  ? SER A 24  ? ILE F 313 SER F 324 1 ? 12 
HELX_P HELX_P2 2 HIS A 53  ? ASN A 64  ? HIS F 353 ASN F 364 1 ? 12 
HELX_P HELX_P3 3 LEU A 66  ? ASP A 76  ? LEU F 366 ASP F 376 1 ? 11 
HELX_P HELX_P4 4 CYS A 84  ? LEU A 89  ? CYS F 384 LEU F 389 1 ? 6  
HELX_P HELX_P5 5 HIS A 178 ? LYS A 181 ? HIS F 478 LYS F 481 5 ? 4  
HELX_P HELX_P6 6 SER A 182 ? SER A 199 ? SER F 482 SER F 499 1 ? 18 
# 
_struct_conf_type.id          HELX_P 
_struct_conf_type.criteria    ? 
_struct_conf_type.reference   ? 
# 
_struct_mon_prot_cis.pdbx_id                1 
_struct_mon_prot_cis.label_comp_id          LEU 
_struct_mon_prot_cis.label_seq_id           118 
_struct_mon_prot_cis.label_asym_id          A 
_struct_mon_prot_cis.label_alt_id           . 
_struct_mon_prot_cis.pdbx_PDB_ins_code      ? 
_struct_mon_prot_cis.auth_comp_id           LEU 
_struct_mon_prot_cis.auth_seq_id            418 
_struct_mon_prot_cis.auth_asym_id           F 
_struct_mon_prot_cis.pdbx_label_comp_id_2   PRO 
_struct_mon_prot_cis.pdbx_label_seq_id_2    119 
_struct_mon_prot_cis.pdbx_label_asym_id_2   A 
_struct_mon_prot_cis.pdbx_PDB_ins_code_2    ? 
_struct_mon_prot_cis.pdbx_auth_comp_id_2    PRO 
_struct_mon_prot_cis.pdbx_auth_seq_id_2     419 
_struct_mon_prot_cis.pdbx_auth_asym_id_2    F 
_struct_mon_prot_cis.pdbx_PDB_model_num     1 
_struct_mon_prot_cis.pdbx_omega_angle       0.00 
# 
loop_
_struct_sheet.id 
_struct_sheet.type 
_struct_sheet.number_strands 
_struct_sheet.details 
A ? 9 ? 
B ? 3 ? 
# 
loop_
_struct_sheet_order.sheet_id 
_struct_sheet_order.range_id_1 
_struct_sheet_order.range_id_2 
_struct_sheet_order.offset 
_struct_sheet_order.sense 
A 1 2 ? parallel      
A 2 3 ? parallel      
A 3 4 ? parallel      
A 4 5 ? parallel      
A 5 6 ? anti-parallel 
A 6 7 ? anti-parallel 
A 7 8 ? anti-parallel 
A 8 9 ? anti-parallel 
B 1 2 ? parallel      
B 2 3 ? anti-parallel 
# 
loop_
_struct_sheet_range.sheet_id 
_struct_sheet_range.id 
_struct_sheet_range.beg_label_comp_id 
_struct_sheet_range.beg_label_asym_id 
_struct_sheet_range.beg_label_seq_id 
_struct_sheet_range.pdbx_beg_PDB_ins_code 
_struct_sheet_range.end_label_comp_id 
_struct_sheet_range.end_label_asym_id 
_struct_sheet_range.end_label_seq_id 
_struct_sheet_range.pdbx_end_PDB_ins_code 
_struct_sheet_range.beg_auth_comp_id 
_struct_sheet_range.beg_auth_asym_id 
_struct_sheet_range.beg_auth_seq_id 
_struct_sheet_range.end_auth_comp_id 
_struct_sheet_range.end_auth_asym_id 
_struct_sheet_range.end_auth_seq_id 
A 1 SER A 31  ? VAL A 35  ? SER F 331 VAL F 335 
A 2 ARG A 2   ? ILE A 6   ? ARG F 302 ILE F 306 
A 3 LEU A 45  ? ILE A 48  ? LEU F 345 ILE F 348 
A 4 TYR A 79  ? VAL A 83  ? TYR F 379 VAL F 383 
A 5 ILE A 172 ? PHE A 175 ? ILE F 472 PHE F 475 
A 6 GLU A 161 ? LYS A 169 ? GLU F 461 LYS F 469 
A 7 VAL A 152 ? TYR A 158 ? VAL F 452 TYR F 458 
A 8 HIS A 120 ? PHE A 128 ? HIS F 420 PHE F 428 
A 9 GLY A 135 ? HIS A 141 ? GLY F 435 HIS F 441 
B 1 PHE A 91  ? SER A 94  ? PHE F 391 SER F 394 
B 2 ILE A 106 ? LYS A 112 ? ILE F 406 LYS F 412 
B 3 TYR A 143 ? CYS A 147 ? TYR F 443 CYS F 447 
# 
loop_
_pdbx_struct_sheet_hbond.sheet_id 
_pdbx_struct_sheet_hbond.range_id_1 
_pdbx_struct_sheet_hbond.range_id_2 
_pdbx_struct_sheet_hbond.range_1_label_atom_id 
_pdbx_struct_sheet_hbond.range_1_label_comp_id 
_pdbx_struct_sheet_hbond.range_1_label_asym_id 
_pdbx_struct_sheet_hbond.range_1_label_seq_id 
_pdbx_struct_sheet_hbond.range_1_PDB_ins_code 
_pdbx_struct_sheet_hbond.range_1_auth_atom_id 
_pdbx_struct_sheet_hbond.range_1_auth_comp_id 
_pdbx_struct_sheet_hbond.range_1_auth_asym_id 
_pdbx_struct_sheet_hbond.range_1_auth_seq_id 
_pdbx_struct_sheet_hbond.range_2_label_atom_id 
_pdbx_struct_sheet_hbond.range_2_label_comp_id 
_pdbx_struct_sheet_hbond.range_2_label_asym_id 
_pdbx_struct_sheet_hbond.range_2_label_seq_id 
_pdbx_struct_sheet_hbond.range_2_PDB_ins_code 
_pdbx_struct_sheet_hbond.range_2_auth_atom_id 
_pdbx_struct_sheet_hbond.range_2_auth_comp_id 
_pdbx_struct_sheet_hbond.range_2_auth_asym_id 
_pdbx_struct_sheet_hbond.range_2_auth_seq_id 
A 1 2 O SER A 31  ? O SER F 331 N ILE A 3   ? N ILE F 303 
A 2 3 N GLY A 4   ? N GLY F 304 O LEU A 45  ? O LEU F 345 
A 3 4 N LEU A 46  ? N LEU F 346 O VAL A 81  ? O VAL F 381 
A 4 5 N GLY A 82  ? N GLY F 382 O LEU A 173 ? O LEU F 473 
A 5 6 O GLY A 174 ? O GLY F 474 N VAL A 167 ? N VAL F 467 
A 6 7 O PHE A 163 ? O PHE F 463 N THR A 156 ? N THR F 456 
A 7 8 O THR A 155 ? O THR F 455 N ILE A 127 ? N ILE F 427 
A 8 9 N GLY A 122 ? N GLY F 422 O PHE A 139 ? O PHE F 439 
B 1 2 N GLU A 93  ? N GLU F 393 O VAL A 110 ? O VAL F 410 
B 2 3 N VAL A 111 ? N VAL F 411 O ARG A 144 ? O ARG F 444 
# 
_struct_site.id                   AC1 
_struct_site.pdbx_evidence_code   Software 
_struct_site.pdbx_auth_asym_id    F 
_struct_site.pdbx_auth_comp_id    ACY 
_struct_site.pdbx_auth_seq_id     1001 
_struct_site.pdbx_auth_ins_code   ? 
_struct_site.pdbx_num_residues    7 
_struct_site.details              'BINDING SITE FOR RESIDUE ACY F 1001' 
# 
loop_
_struct_site_gen.id 
_struct_site_gen.site_id 
_struct_site_gen.pdbx_num_res 
_struct_site_gen.label_comp_id 
_struct_site_gen.label_asym_id 
_struct_site_gen.label_seq_id 
_struct_site_gen.pdbx_auth_ins_code 
_struct_site_gen.auth_comp_id 
_struct_site_gen.auth_asym_id 
_struct_site_gen.auth_seq_id 
_struct_site_gen.label_atom_id 
_struct_site_gen.label_alt_id 
_struct_site_gen.symmetry 
_struct_site_gen.details 
1 AC1 7 HOH C .   ? HOH F 10  . ? 1_555 ? 
2 AC1 7 GLY A 50  ? GLY F 350 . ? 1_555 ? 
3 AC1 7 CYS A 84  ? CYS F 384 . ? 1_555 ? 
4 AC1 7 LEU A 85  ? LEU F 385 . ? 1_555 ? 
5 AC1 7 VAL A 140 ? VAL F 440 . ? 1_555 ? 
6 AC1 7 HIS A 141 ? HIS F 441 . ? 1_555 ? 
7 AC1 7 GLN A 176 ? GLN F 476 . ? 1_555 ? 
# 
loop_
_pdbx_validate_torsion.id 
_pdbx_validate_torsion.PDB_model_num 
_pdbx_validate_torsion.auth_comp_id 
_pdbx_validate_torsion.auth_asym_id 
_pdbx_validate_torsion.auth_seq_id 
_pdbx_validate_torsion.PDB_ins_code 
_pdbx_validate_torsion.label_alt_id 
_pdbx_validate_torsion.phi 
_pdbx_validate_torsion.psi 
1  1 PRO F 310 ? ? -47.46  151.47  
2  1 ASN F 326 ? ? -53.35  -9.39   
3  1 PHE F 327 ? ? -113.76 -163.92 
4  1 ARG F 339 ? ? -65.39  52.49   
5  1 LEU F 342 ? ? -28.74  140.16  
6  1 ASP F 376 ? ? -78.38  24.99   
7  1 CYS F 384 ? ? 59.06   -120.83 
8  1 ALA F 397 ? ? -155.92 86.09   
9  1 SER F 415 ? ? -45.16  150.36  
10 1 THR F 431 ? ? 65.23   -61.61  
11 1 SER F 483 ? ? 37.97   -131.21 
12 1 SER F 499 ? ? -90.74  -139.62 
# 
_pdbx_unobs_or_zero_occ_residues.id               1 
_pdbx_unobs_or_zero_occ_residues.PDB_model_num    1 
_pdbx_unobs_or_zero_occ_residues.polymer_flag     Y 
_pdbx_unobs_or_zero_occ_residues.occupancy_flag   1 
_pdbx_unobs_or_zero_occ_residues.auth_asym_id     F 
_pdbx_unobs_or_zero_occ_residues.auth_comp_id     ARG 
_pdbx_unobs_or_zero_occ_residues.auth_seq_id      501 
_pdbx_unobs_or_zero_occ_residues.PDB_ins_code     ? 
_pdbx_unobs_or_zero_occ_residues.label_asym_id    A 
_pdbx_unobs_or_zero_occ_residues.label_comp_id    ARG 
_pdbx_unobs_or_zero_occ_residues.label_seq_id     201 
# 
loop_
_chem_comp_atom.comp_id 
_chem_comp_atom.atom_id 
_chem_comp_atom.type_symbol 
_chem_comp_atom.pdbx_aromatic_flag 
_chem_comp_atom.pdbx_stereo_config 
_chem_comp_atom.pdbx_ordinal 
ACY C    C N N 1   
ACY O    O N N 2   
ACY OXT  O N N 3   
ACY CH3  C N N 4   
ACY HXT  H N N 5   
ACY H1   H N N 6   
ACY H2   H N N 7   
ACY H3   H N N 8   
ALA N    N N N 9   
ALA CA   C N S 10  
ALA C    C N N 11  
ALA O    O N N 12  
ALA CB   C N N 13  
ALA OXT  O N N 14  
ALA H    H N N 15  
ALA H2   H N N 16  
ALA HA   H N N 17  
ALA HB1  H N N 18  
ALA HB2  H N N 19  
ALA HB3  H N N 20  
ALA HXT  H N N 21  
ARG N    N N N 22  
ARG CA   C N S 23  
ARG C    C N N 24  
ARG O    O N N 25  
ARG CB   C N N 26  
ARG CG   C N N 27  
ARG CD   C N N 28  
ARG NE   N N N 29  
ARG CZ   C N N 30  
ARG NH1  N N N 31  
ARG NH2  N N N 32  
ARG OXT  O N N 33  
ARG H    H N N 34  
ARG H2   H N N 35  
ARG HA   H N N 36  
ARG HB2  H N N 37  
ARG HB3  H N N 38  
ARG HG2  H N N 39  
ARG HG3  H N N 40  
ARG HD2  H N N 41  
ARG HD3  H N N 42  
ARG HE   H N N 43  
ARG HH11 H N N 44  
ARG HH12 H N N 45  
ARG HH21 H N N 46  
ARG HH22 H N N 47  
ARG HXT  H N N 48  
ASN N    N N N 49  
ASN CA   C N S 50  
ASN C    C N N 51  
ASN O    O N N 52  
ASN CB   C N N 53  
ASN CG   C N N 54  
ASN OD1  O N N 55  
ASN ND2  N N N 56  
ASN OXT  O N N 57  
ASN H    H N N 58  
ASN H2   H N N 59  
ASN HA   H N N 60  
ASN HB2  H N N 61  
ASN HB3  H N N 62  
ASN HD21 H N N 63  
ASN HD22 H N N 64  
ASN HXT  H N N 65  
ASP N    N N N 66  
ASP CA   C N S 67  
ASP C    C N N 68  
ASP O    O N N 69  
ASP CB   C N N 70  
ASP CG   C N N 71  
ASP OD1  O N N 72  
ASP OD2  O N N 73  
ASP OXT  O N N 74  
ASP H    H N N 75  
ASP H2   H N N 76  
ASP HA   H N N 77  
ASP HB2  H N N 78  
ASP HB3  H N N 79  
ASP HD2  H N N 80  
ASP HXT  H N N 81  
CYS N    N N N 82  
CYS CA   C N R 83  
CYS C    C N N 84  
CYS O    O N N 85  
CYS CB   C N N 86  
CYS SG   S N N 87  
CYS OXT  O N N 88  
CYS H    H N N 89  
CYS H2   H N N 90  
CYS HA   H N N 91  
CYS HB2  H N N 92  
CYS HB3  H N N 93  
CYS HG   H N N 94  
CYS HXT  H N N 95  
GLN N    N N N 96  
GLN CA   C N S 97  
GLN C    C N N 98  
GLN O    O N N 99  
GLN CB   C N N 100 
GLN CG   C N N 101 
GLN CD   C N N 102 
GLN OE1  O N N 103 
GLN NE2  N N N 104 
GLN OXT  O N N 105 
GLN H    H N N 106 
GLN H2   H N N 107 
GLN HA   H N N 108 
GLN HB2  H N N 109 
GLN HB3  H N N 110 
GLN HG2  H N N 111 
GLN HG3  H N N 112 
GLN HE21 H N N 113 
GLN HE22 H N N 114 
GLN HXT  H N N 115 
GLU N    N N N 116 
GLU CA   C N S 117 
GLU C    C N N 118 
GLU O    O N N 119 
GLU CB   C N N 120 
GLU CG   C N N 121 
GLU CD   C N N 122 
GLU OE1  O N N 123 
GLU OE2  O N N 124 
GLU OXT  O N N 125 
GLU H    H N N 126 
GLU H2   H N N 127 
GLU HA   H N N 128 
GLU HB2  H N N 129 
GLU HB3  H N N 130 
GLU HG2  H N N 131 
GLU HG3  H N N 132 
GLU HE2  H N N 133 
GLU HXT  H N N 134 
GLY N    N N N 135 
GLY CA   C N N 136 
GLY C    C N N 137 
GLY O    O N N 138 
GLY OXT  O N N 139 
GLY H    H N N 140 
GLY H2   H N N 141 
GLY HA2  H N N 142 
GLY HA3  H N N 143 
GLY HXT  H N N 144 
HIS N    N N N 145 
HIS CA   C N S 146 
HIS C    C N N 147 
HIS O    O N N 148 
HIS CB   C N N 149 
HIS CG   C Y N 150 
HIS ND1  N Y N 151 
HIS CD2  C Y N 152 
HIS CE1  C Y N 153 
HIS NE2  N Y N 154 
HIS OXT  O N N 155 
HIS H    H N N 156 
HIS H2   H N N 157 
HIS HA   H N N 158 
HIS HB2  H N N 159 
HIS HB3  H N N 160 
HIS HD1  H N N 161 
HIS HD2  H N N 162 
HIS HE1  H N N 163 
HIS HE2  H N N 164 
HIS HXT  H N N 165 
HOH O    O N N 166 
HOH H1   H N N 167 
HOH H2   H N N 168 
ILE N    N N N 169 
ILE CA   C N S 170 
ILE C    C N N 171 
ILE O    O N N 172 
ILE CB   C N S 173 
ILE CG1  C N N 174 
ILE CG2  C N N 175 
ILE CD1  C N N 176 
ILE OXT  O N N 177 
ILE H    H N N 178 
ILE H2   H N N 179 
ILE HA   H N N 180 
ILE HB   H N N 181 
ILE HG12 H N N 182 
ILE HG13 H N N 183 
ILE HG21 H N N 184 
ILE HG22 H N N 185 
ILE HG23 H N N 186 
ILE HD11 H N N 187 
ILE HD12 H N N 188 
ILE HD13 H N N 189 
ILE HXT  H N N 190 
LEU N    N N N 191 
LEU CA   C N S 192 
LEU C    C N N 193 
LEU O    O N N 194 
LEU CB   C N N 195 
LEU CG   C N N 196 
LEU CD1  C N N 197 
LEU CD2  C N N 198 
LEU OXT  O N N 199 
LEU H    H N N 200 
LEU H2   H N N 201 
LEU HA   H N N 202 
LEU HB2  H N N 203 
LEU HB3  H N N 204 
LEU HG   H N N 205 
LEU HD11 H N N 206 
LEU HD12 H N N 207 
LEU HD13 H N N 208 
LEU HD21 H N N 209 
LEU HD22 H N N 210 
LEU HD23 H N N 211 
LEU HXT  H N N 212 
LYS N    N N N 213 
LYS CA   C N S 214 
LYS C    C N N 215 
LYS O    O N N 216 
LYS CB   C N N 217 
LYS CG   C N N 218 
LYS CD   C N N 219 
LYS CE   C N N 220 
LYS NZ   N N N 221 
LYS OXT  O N N 222 
LYS H    H N N 223 
LYS H2   H N N 224 
LYS HA   H N N 225 
LYS HB2  H N N 226 
LYS HB3  H N N 227 
LYS HG2  H N N 228 
LYS HG3  H N N 229 
LYS HD2  H N N 230 
LYS HD3  H N N 231 
LYS HE2  H N N 232 
LYS HE3  H N N 233 
LYS HZ1  H N N 234 
LYS HZ2  H N N 235 
LYS HZ3  H N N 236 
LYS HXT  H N N 237 
MET N    N N N 238 
MET CA   C N S 239 
MET C    C N N 240 
MET O    O N N 241 
MET CB   C N N 242 
MET CG   C N N 243 
MET SD   S N N 244 
MET CE   C N N 245 
MET OXT  O N N 246 
MET H    H N N 247 
MET H2   H N N 248 
MET HA   H N N 249 
MET HB2  H N N 250 
MET HB3  H N N 251 
MET HG2  H N N 252 
MET HG3  H N N 253 
MET HE1  H N N 254 
MET HE2  H N N 255 
MET HE3  H N N 256 
MET HXT  H N N 257 
PHE N    N N N 258 
PHE CA   C N S 259 
PHE C    C N N 260 
PHE O    O N N 261 
PHE CB   C N N 262 
PHE CG   C Y N 263 
PHE CD1  C Y N 264 
PHE CD2  C Y N 265 
PHE CE1  C Y N 266 
PHE CE2  C Y N 267 
PHE CZ   C Y N 268 
PHE OXT  O N N 269 
PHE H    H N N 270 
PHE H2   H N N 271 
PHE HA   H N N 272 
PHE HB2  H N N 273 
PHE HB3  H N N 274 
PHE HD1  H N N 275 
PHE HD2  H N N 276 
PHE HE1  H N N 277 
PHE HE2  H N N 278 
PHE HZ   H N N 279 
PHE HXT  H N N 280 
PRO N    N N N 281 
PRO CA   C N S 282 
PRO C    C N N 283 
PRO O    O N N 284 
PRO CB   C N N 285 
PRO CG   C N N 286 
PRO CD   C N N 287 
PRO OXT  O N N 288 
PRO H    H N N 289 
PRO HA   H N N 290 
PRO HB2  H N N 291 
PRO HB3  H N N 292 
PRO HG2  H N N 293 
PRO HG3  H N N 294 
PRO HD2  H N N 295 
PRO HD3  H N N 296 
PRO HXT  H N N 297 
SER N    N N N 298 
SER CA   C N S 299 
SER C    C N N 300 
SER O    O N N 301 
SER CB   C N N 302 
SER OG   O N N 303 
SER OXT  O N N 304 
SER H    H N N 305 
SER H2   H N N 306 
SER HA   H N N 307 
SER HB2  H N N 308 
SER HB3  H N N 309 
SER HG   H N N 310 
SER HXT  H N N 311 
THR N    N N N 312 
THR CA   C N S 313 
THR C    C N N 314 
THR O    O N N 315 
THR CB   C N R 316 
THR OG1  O N N 317 
THR CG2  C N N 318 
THR OXT  O N N 319 
THR H    H N N 320 
THR H2   H N N 321 
THR HA   H N N 322 
THR HB   H N N 323 
THR HG1  H N N 324 
THR HG21 H N N 325 
THR HG22 H N N 326 
THR HG23 H N N 327 
THR HXT  H N N 328 
TRP N    N N N 329 
TRP CA   C N S 330 
TRP C    C N N 331 
TRP O    O N N 332 
TRP CB   C N N 333 
TRP CG   C Y N 334 
TRP CD1  C Y N 335 
TRP CD2  C Y N 336 
TRP NE1  N Y N 337 
TRP CE2  C Y N 338 
TRP CE3  C Y N 339 
TRP CZ2  C Y N 340 
TRP CZ3  C Y N 341 
TRP CH2  C Y N 342 
TRP OXT  O N N 343 
TRP H    H N N 344 
TRP H2   H N N 345 
TRP HA   H N N 346 
TRP HB2  H N N 347 
TRP HB3  H N N 348 
TRP HD1  H N N 349 
TRP HE1  H N N 350 
TRP HE3  H N N 351 
TRP HZ2  H N N 352 
TRP HZ3  H N N 353 
TRP HH2  H N N 354 
TRP HXT  H N N 355 
TYR N    N N N 356 
TYR CA   C N S 357 
TYR C    C N N 358 
TYR O    O N N 359 
TYR CB   C N N 360 
TYR CG   C Y N 361 
TYR CD1  C Y N 362 
TYR CD2  C Y N 363 
TYR CE1  C Y N 364 
TYR CE2  C Y N 365 
TYR CZ   C Y N 366 
TYR OH   O N N 367 
TYR OXT  O N N 368 
TYR H    H N N 369 
TYR H2   H N N 370 
TYR HA   H N N 371 
TYR HB2  H N N 372 
TYR HB3  H N N 373 
TYR HD1  H N N 374 
TYR HD2  H N N 375 
TYR HE1  H N N 376 
TYR HE2  H N N 377 
TYR HH   H N N 378 
TYR HXT  H N N 379 
VAL N    N N N 380 
VAL CA   C N S 381 
VAL C    C N N 382 
VAL O    O N N 383 
VAL CB   C N N 384 
VAL CG1  C N N 385 
VAL CG2  C N N 386 
VAL OXT  O N N 387 
VAL H    H N N 388 
VAL H2   H N N 389 
VAL HA   H N N 390 
VAL HB   H N N 391 
VAL HG11 H N N 392 
VAL HG12 H N N 393 
VAL HG13 H N N 394 
VAL HG21 H N N 395 
VAL HG22 H N N 396 
VAL HG23 H N N 397 
VAL HXT  H N N 398 
# 
loop_
_chem_comp_bond.comp_id 
_chem_comp_bond.atom_id_1 
_chem_comp_bond.atom_id_2 
_chem_comp_bond.value_order 
_chem_comp_bond.pdbx_aromatic_flag 
_chem_comp_bond.pdbx_stereo_config 
_chem_comp_bond.pdbx_ordinal 
ACY C   O    doub N N 1   
ACY C   OXT  sing N N 2   
ACY C   CH3  sing N N 3   
ACY OXT HXT  sing N N 4   
ACY CH3 H1   sing N N 5   
ACY CH3 H2   sing N N 6   
ACY CH3 H3   sing N N 7   
ALA N   CA   sing N N 8   
ALA N   H    sing N N 9   
ALA N   H2   sing N N 10  
ALA CA  C    sing N N 11  
ALA CA  CB   sing N N 12  
ALA CA  HA   sing N N 13  
ALA C   O    doub N N 14  
ALA C   OXT  sing N N 15  
ALA CB  HB1  sing N N 16  
ALA CB  HB2  sing N N 17  
ALA CB  HB3  sing N N 18  
ALA OXT HXT  sing N N 19  
ARG N   CA   sing N N 20  
ARG N   H    sing N N 21  
ARG N   H2   sing N N 22  
ARG CA  C    sing N N 23  
ARG CA  CB   sing N N 24  
ARG CA  HA   sing N N 25  
ARG C   O    doub N N 26  
ARG C   OXT  sing N N 27  
ARG CB  CG   sing N N 28  
ARG CB  HB2  sing N N 29  
ARG CB  HB3  sing N N 30  
ARG CG  CD   sing N N 31  
ARG CG  HG2  sing N N 32  
ARG CG  HG3  sing N N 33  
ARG CD  NE   sing N N 34  
ARG CD  HD2  sing N N 35  
ARG CD  HD3  sing N N 36  
ARG NE  CZ   sing N N 37  
ARG NE  HE   sing N N 38  
ARG CZ  NH1  sing N N 39  
ARG CZ  NH2  doub N N 40  
ARG NH1 HH11 sing N N 41  
ARG NH1 HH12 sing N N 42  
ARG NH2 HH21 sing N N 43  
ARG NH2 HH22 sing N N 44  
ARG OXT HXT  sing N N 45  
ASN N   CA   sing N N 46  
ASN N   H    sing N N 47  
ASN N   H2   sing N N 48  
ASN CA  C    sing N N 49  
ASN CA  CB   sing N N 50  
ASN CA  HA   sing N N 51  
ASN C   O    doub N N 52  
ASN C   OXT  sing N N 53  
ASN CB  CG   sing N N 54  
ASN CB  HB2  sing N N 55  
ASN CB  HB3  sing N N 56  
ASN CG  OD1  doub N N 57  
ASN CG  ND2  sing N N 58  
ASN ND2 HD21 sing N N 59  
ASN ND2 HD22 sing N N 60  
ASN OXT HXT  sing N N 61  
ASP N   CA   sing N N 62  
ASP N   H    sing N N 63  
ASP N   H2   sing N N 64  
ASP CA  C    sing N N 65  
ASP CA  CB   sing N N 66  
ASP CA  HA   sing N N 67  
ASP C   O    doub N N 68  
ASP C   OXT  sing N N 69  
ASP CB  CG   sing N N 70  
ASP CB  HB2  sing N N 71  
ASP CB  HB3  sing N N 72  
ASP CG  OD1  doub N N 73  
ASP CG  OD2  sing N N 74  
ASP OD2 HD2  sing N N 75  
ASP OXT HXT  sing N N 76  
CYS N   CA   sing N N 77  
CYS N   H    sing N N 78  
CYS N   H2   sing N N 79  
CYS CA  C    sing N N 80  
CYS CA  CB   sing N N 81  
CYS CA  HA   sing N N 82  
CYS C   O    doub N N 83  
CYS C   OXT  sing N N 84  
CYS CB  SG   sing N N 85  
CYS CB  HB2  sing N N 86  
CYS CB  HB3  sing N N 87  
CYS SG  HG   sing N N 88  
CYS OXT HXT  sing N N 89  
GLN N   CA   sing N N 90  
GLN N   H    sing N N 91  
GLN N   H2   sing N N 92  
GLN CA  C    sing N N 93  
GLN CA  CB   sing N N 94  
GLN CA  HA   sing N N 95  
GLN C   O    doub N N 96  
GLN C   OXT  sing N N 97  
GLN CB  CG   sing N N 98  
GLN CB  HB2  sing N N 99  
GLN CB  HB3  sing N N 100 
GLN CG  CD   sing N N 101 
GLN CG  HG2  sing N N 102 
GLN CG  HG3  sing N N 103 
GLN CD  OE1  doub N N 104 
GLN CD  NE2  sing N N 105 
GLN NE2 HE21 sing N N 106 
GLN NE2 HE22 sing N N 107 
GLN OXT HXT  sing N N 108 
GLU N   CA   sing N N 109 
GLU N   H    sing N N 110 
GLU N   H2   sing N N 111 
GLU CA  C    sing N N 112 
GLU CA  CB   sing N N 113 
GLU CA  HA   sing N N 114 
GLU C   O    doub N N 115 
GLU C   OXT  sing N N 116 
GLU CB  CG   sing N N 117 
GLU CB  HB2  sing N N 118 
GLU CB  HB3  sing N N 119 
GLU CG  CD   sing N N 120 
GLU CG  HG2  sing N N 121 
GLU CG  HG3  sing N N 122 
GLU CD  OE1  doub N N 123 
GLU CD  OE2  sing N N 124 
GLU OE2 HE2  sing N N 125 
GLU OXT HXT  sing N N 126 
GLY N   CA   sing N N 127 
GLY N   H    sing N N 128 
GLY N   H2   sing N N 129 
GLY CA  C    sing N N 130 
GLY CA  HA2  sing N N 131 
GLY CA  HA3  sing N N 132 
GLY C   O    doub N N 133 
GLY C   OXT  sing N N 134 
GLY OXT HXT  sing N N 135 
HIS N   CA   sing N N 136 
HIS N   H    sing N N 137 
HIS N   H2   sing N N 138 
HIS CA  C    sing N N 139 
HIS CA  CB   sing N N 140 
HIS CA  HA   sing N N 141 
HIS C   O    doub N N 142 
HIS C   OXT  sing N N 143 
HIS CB  CG   sing N N 144 
HIS CB  HB2  sing N N 145 
HIS CB  HB3  sing N N 146 
HIS CG  ND1  sing Y N 147 
HIS CG  CD2  doub Y N 148 
HIS ND1 CE1  doub Y N 149 
HIS ND1 HD1  sing N N 150 
HIS CD2 NE2  sing Y N 151 
HIS CD2 HD2  sing N N 152 
HIS CE1 NE2  sing Y N 153 
HIS CE1 HE1  sing N N 154 
HIS NE2 HE2  sing N N 155 
HIS OXT HXT  sing N N 156 
HOH O   H1   sing N N 157 
HOH O   H2   sing N N 158 
ILE N   CA   sing N N 159 
ILE N   H    sing N N 160 
ILE N   H2   sing N N 161 
ILE CA  C    sing N N 162 
ILE CA  CB   sing N N 163 
ILE CA  HA   sing N N 164 
ILE C   O    doub N N 165 
ILE C   OXT  sing N N 166 
ILE CB  CG1  sing N N 167 
ILE CB  CG2  sing N N 168 
ILE CB  HB   sing N N 169 
ILE CG1 CD1  sing N N 170 
ILE CG1 HG12 sing N N 171 
ILE CG1 HG13 sing N N 172 
ILE CG2 HG21 sing N N 173 
ILE CG2 HG22 sing N N 174 
ILE CG2 HG23 sing N N 175 
ILE CD1 HD11 sing N N 176 
ILE CD1 HD12 sing N N 177 
ILE CD1 HD13 sing N N 178 
ILE OXT HXT  sing N N 179 
LEU N   CA   sing N N 180 
LEU N   H    sing N N 181 
LEU N   H2   sing N N 182 
LEU CA  C    sing N N 183 
LEU CA  CB   sing N N 184 
LEU CA  HA   sing N N 185 
LEU C   O    doub N N 186 
LEU C   OXT  sing N N 187 
LEU CB  CG   sing N N 188 
LEU CB  HB2  sing N N 189 
LEU CB  HB3  sing N N 190 
LEU CG  CD1  sing N N 191 
LEU CG  CD2  sing N N 192 
LEU CG  HG   sing N N 193 
LEU CD1 HD11 sing N N 194 
LEU CD1 HD12 sing N N 195 
LEU CD1 HD13 sing N N 196 
LEU CD2 HD21 sing N N 197 
LEU CD2 HD22 sing N N 198 
LEU CD2 HD23 sing N N 199 
LEU OXT HXT  sing N N 200 
LYS N   CA   sing N N 201 
LYS N   H    sing N N 202 
LYS N   H2   sing N N 203 
LYS CA  C    sing N N 204 
LYS CA  CB   sing N N 205 
LYS CA  HA   sing N N 206 
LYS C   O    doub N N 207 
LYS C   OXT  sing N N 208 
LYS CB  CG   sing N N 209 
LYS CB  HB2  sing N N 210 
LYS CB  HB3  sing N N 211 
LYS CG  CD   sing N N 212 
LYS CG  HG2  sing N N 213 
LYS CG  HG3  sing N N 214 
LYS CD  CE   sing N N 215 
LYS CD  HD2  sing N N 216 
LYS CD  HD3  sing N N 217 
LYS CE  NZ   sing N N 218 
LYS CE  HE2  sing N N 219 
LYS CE  HE3  sing N N 220 
LYS NZ  HZ1  sing N N 221 
LYS NZ  HZ2  sing N N 222 
LYS NZ  HZ3  sing N N 223 
LYS OXT HXT  sing N N 224 
MET N   CA   sing N N 225 
MET N   H    sing N N 226 
MET N   H2   sing N N 227 
MET CA  C    sing N N 228 
MET CA  CB   sing N N 229 
MET CA  HA   sing N N 230 
MET C   O    doub N N 231 
MET C   OXT  sing N N 232 
MET CB  CG   sing N N 233 
MET CB  HB2  sing N N 234 
MET CB  HB3  sing N N 235 
MET CG  SD   sing N N 236 
MET CG  HG2  sing N N 237 
MET CG  HG3  sing N N 238 
MET SD  CE   sing N N 239 
MET CE  HE1  sing N N 240 
MET CE  HE2  sing N N 241 
MET CE  HE3  sing N N 242 
MET OXT HXT  sing N N 243 
PHE N   CA   sing N N 244 
PHE N   H    sing N N 245 
PHE N   H2   sing N N 246 
PHE CA  C    sing N N 247 
PHE CA  CB   sing N N 248 
PHE CA  HA   sing N N 249 
PHE C   O    doub N N 250 
PHE C   OXT  sing N N 251 
PHE CB  CG   sing N N 252 
PHE CB  HB2  sing N N 253 
PHE CB  HB3  sing N N 254 
PHE CG  CD1  doub Y N 255 
PHE CG  CD2  sing Y N 256 
PHE CD1 CE1  sing Y N 257 
PHE CD1 HD1  sing N N 258 
PHE CD2 CE2  doub Y N 259 
PHE CD2 HD2  sing N N 260 
PHE CE1 CZ   doub Y N 261 
PHE CE1 HE1  sing N N 262 
PHE CE2 CZ   sing Y N 263 
PHE CE2 HE2  sing N N 264 
PHE CZ  HZ   sing N N 265 
PHE OXT HXT  sing N N 266 
PRO N   CA   sing N N 267 
PRO N   CD   sing N N 268 
PRO N   H    sing N N 269 
PRO CA  C    sing N N 270 
PRO CA  CB   sing N N 271 
PRO CA  HA   sing N N 272 
PRO C   O    doub N N 273 
PRO C   OXT  sing N N 274 
PRO CB  CG   sing N N 275 
PRO CB  HB2  sing N N 276 
PRO CB  HB3  sing N N 277 
PRO CG  CD   sing N N 278 
PRO CG  HG2  sing N N 279 
PRO CG  HG3  sing N N 280 
PRO CD  HD2  sing N N 281 
PRO CD  HD3  sing N N 282 
PRO OXT HXT  sing N N 283 
SER N   CA   sing N N 284 
SER N   H    sing N N 285 
SER N   H2   sing N N 286 
SER CA  C    sing N N 287 
SER CA  CB   sing N N 288 
SER CA  HA   sing N N 289 
SER C   O    doub N N 290 
SER C   OXT  sing N N 291 
SER CB  OG   sing N N 292 
SER CB  HB2  sing N N 293 
SER CB  HB3  sing N N 294 
SER OG  HG   sing N N 295 
SER OXT HXT  sing N N 296 
THR N   CA   sing N N 297 
THR N   H    sing N N 298 
THR N   H2   sing N N 299 
THR CA  C    sing N N 300 
THR CA  CB   sing N N 301 
THR CA  HA   sing N N 302 
THR C   O    doub N N 303 
THR C   OXT  sing N N 304 
THR CB  OG1  sing N N 305 
THR CB  CG2  sing N N 306 
THR CB  HB   sing N N 307 
THR OG1 HG1  sing N N 308 
THR CG2 HG21 sing N N 309 
THR CG2 HG22 sing N N 310 
THR CG2 HG23 sing N N 311 
THR OXT HXT  sing N N 312 
TRP N   CA   sing N N 313 
TRP N   H    sing N N 314 
TRP N   H2   sing N N 315 
TRP CA  C    sing N N 316 
TRP CA  CB   sing N N 317 
TRP CA  HA   sing N N 318 
TRP C   O    doub N N 319 
TRP C   OXT  sing N N 320 
TRP CB  CG   sing N N 321 
TRP CB  HB2  sing N N 322 
TRP CB  HB3  sing N N 323 
TRP CG  CD1  doub Y N 324 
TRP CG  CD2  sing Y N 325 
TRP CD1 NE1  sing Y N 326 
TRP CD1 HD1  sing N N 327 
TRP CD2 CE2  doub Y N 328 
TRP CD2 CE3  sing Y N 329 
TRP NE1 CE2  sing Y N 330 
TRP NE1 HE1  sing N N 331 
TRP CE2 CZ2  sing Y N 332 
TRP CE3 CZ3  doub Y N 333 
TRP CE3 HE3  sing N N 334 
TRP CZ2 CH2  doub Y N 335 
TRP CZ2 HZ2  sing N N 336 
TRP CZ3 CH2  sing Y N 337 
TRP CZ3 HZ3  sing N N 338 
TRP CH2 HH2  sing N N 339 
TRP OXT HXT  sing N N 340 
TYR N   CA   sing N N 341 
TYR N   H    sing N N 342 
TYR N   H2   sing N N 343 
TYR CA  C    sing N N 344 
TYR CA  CB   sing N N 345 
TYR CA  HA   sing N N 346 
TYR C   O    doub N N 347 
TYR C   OXT  sing N N 348 
TYR CB  CG   sing N N 349 
TYR CB  HB2  sing N N 350 
TYR CB  HB3  sing N N 351 
TYR CG  CD1  doub Y N 352 
TYR CG  CD2  sing Y N 353 
TYR CD1 CE1  sing Y N 354 
TYR CD1 HD1  sing N N 355 
TYR CD2 CE2  doub Y N 356 
TYR CD2 HD2  sing N N 357 
TYR CE1 CZ   doub Y N 358 
TYR CE1 HE1  sing N N 359 
TYR CE2 CZ   sing Y N 360 
TYR CE2 HE2  sing N N 361 
TYR CZ  OH   sing N N 362 
TYR OH  HH   sing N N 363 
TYR OXT HXT  sing N N 364 
VAL N   CA   sing N N 365 
VAL N   H    sing N N 366 
VAL N   H2   sing N N 367 
VAL CA  C    sing N N 368 
VAL CA  CB   sing N N 369 
VAL CA  HA   sing N N 370 
VAL C   O    doub N N 371 
VAL C   OXT  sing N N 372 
VAL CB  CG1  sing N N 373 
VAL CB  CG2  sing N N 374 
VAL CB  HB   sing N N 375 
VAL CG1 HG11 sing N N 376 
VAL CG1 HG12 sing N N 377 
VAL CG1 HG13 sing N N 378 
VAL CG2 HG21 sing N N 379 
VAL CG2 HG22 sing N N 380 
VAL CG2 HG23 sing N N 381 
VAL OXT HXT  sing N N 382 
# 
_pdbx_initial_refinement_model.accession_code   ? 
_pdbx_initial_refinement_model.id               1 
_pdbx_initial_refinement_model.entity_id_list   ? 
_pdbx_initial_refinement_model.type             other 
_pdbx_initial_refinement_model.source_name      ? 
_pdbx_initial_refinement_model.details          'His H from the complex structure HisH-HisF' 
# 
_atom_sites.entry_id                    1K9V 
_atom_sites.fract_transf_matrix[1][1]   -0.00505021 
_atom_sites.fract_transf_matrix[1][2]   -0.00587315 
_atom_sites.fract_transf_matrix[1][3]   0.00172674 
_atom_sites.fract_transf_matrix[2][1]   0.02134378 
_atom_sites.fract_transf_matrix[2][2]   -0.01587436 
_atom_sites.fract_transf_matrix[2][3]   0.00843095 
_atom_sites.fract_transf_matrix[3][1]   -0.00234842 
_atom_sites.fract_transf_matrix[3][2]   0.00843883 
_atom_sites.fract_transf_matrix[3][3]   0.02183446 
_atom_sites.fract_transf_vector[1]      0.366225 
_atom_sites.fract_transf_vector[2]      0.184127 
_atom_sites.fract_transf_vector[3]      0.319342 
# 
loop_
_atom_type.symbol 
C 
N 
O 
S 
# 
loop_
_atom_site.group_PDB 
_atom_site.id 
_atom_site.type_symbol 
_atom_site.label_atom_id 
_atom_site.label_alt_id 
_atom_site.label_comp_id 
_atom_site.label_asym_id 
_atom_site.label_entity_id 
_atom_site.label_seq_id 
_atom_site.pdbx_PDB_ins_code 
_atom_site.Cartn_x 
_atom_site.Cartn_y 
_atom_site.Cartn_z 
_atom_site.occupancy 
_atom_site.B_iso_or_equiv 
_atom_site.pdbx_formal_charge 
_atom_site.auth_seq_id 
_atom_site.auth_comp_id 
_atom_site.auth_asym_id 
_atom_site.auth_atom_id 
_atom_site.pdbx_PDB_model_num 
ATOM   1    N N   . MET A 1 1   ? 7.044   1.509   -17.564 1.00 66.27  ? 301  MET F N   1 
ATOM   2    C CA  . MET A 1 1   ? 7.659   2.864   -17.457 1.00 65.47  ? 301  MET F CA  1 
ATOM   3    C C   . MET A 1 1   ? 8.625   2.899   -16.274 1.00 62.70  ? 301  MET F C   1 
ATOM   4    O O   . MET A 1 1   ? 9.450   2.002   -16.100 1.00 62.52  ? 301  MET F O   1 
ATOM   5    C CB  . MET A 1 1   ? 6.568   3.928   -17.251 1.00 82.89  ? 301  MET F CB  1 
ATOM   6    C CG  . MET A 1 1   ? 7.044   5.375   -17.415 1.00 86.70  ? 301  MET F CG  1 
ATOM   7    S SD  . MET A 1 1   ? 6.053   6.592   -16.498 1.00 89.51  ? 301  MET F SD  1 
ATOM   8    C CE  . MET A 1 1   ? 4.546   6.669   -17.474 1.00 90.17  ? 301  MET F CE  1 
ATOM   9    N N   . ARG A 1 2   ? 8.504   3.943   -15.463 1.00 48.83  ? 302  ARG F N   1 
ATOM   10   C CA  . ARG A 1 2   ? 9.342   4.133   -14.292 1.00 44.92  ? 302  ARG F CA  1 
ATOM   11   C C   . ARG A 1 2   ? 8.579   3.819   -13.011 1.00 40.94  ? 302  ARG F C   1 
ATOM   12   O O   . ARG A 1 2   ? 7.582   4.468   -12.700 1.00 37.86  ? 302  ARG F O   1 
ATOM   13   C CB  . ARG A 1 2   ? 9.833   5.580   -14.231 1.00 55.53  ? 302  ARG F CB  1 
ATOM   14   C CG  . ARG A 1 2   ? 10.814  5.958   -15.319 1.00 57.45  ? 302  ARG F CG  1 
ATOM   15   C CD  . ARG A 1 2   ? 10.805  7.463   -15.569 1.00 60.29  ? 302  ARG F CD  1 
ATOM   16   N NE  . ARG A 1 2   ? 10.863  8.267   -14.341 1.00 62.74  ? 302  ARG F NE  1 
ATOM   17   C CZ  . ARG A 1 2   ? 11.842  8.215   -13.438 1.00 62.02  ? 302  ARG F CZ  1 
ATOM   18   N NH1 . ARG A 1 2   ? 12.868  7.387   -13.602 1.00 62.65  ? 302  ARG F NH1 1 
ATOM   19   N NH2 . ARG A 1 2   ? 11.801  9.003   -12.373 1.00 60.20  ? 302  ARG F NH2 1 
ATOM   20   N N   . ILE A 1 3   ? 9.059   2.815   -12.285 1.00 47.39  ? 303  ILE F N   1 
ATOM   21   C CA  . ILE A 1 3   ? 8.469   2.418   -11.012 1.00 44.61  ? 303  ILE F CA  1 
ATOM   22   C C   . ILE A 1 3   ? 9.334   2.983   -9.890  1.00 43.15  ? 303  ILE F C   1 
ATOM   23   O O   . ILE A 1 3   ? 10.556  2.844   -9.916  1.00 43.55  ? 303  ILE F O   1 
ATOM   24   C CB  . ILE A 1 3   ? 8.436   0.882   -10.837 1.00 32.56  ? 303  ILE F CB  1 
ATOM   25   C CG1 . ILE A 1 3   ? 7.440   0.253   -11.809 1.00 31.51  ? 303  ILE F CG1 1 
ATOM   26   C CG2 . ILE A 1 3   ? 8.055   0.535   -9.412  1.00 30.43  ? 303  ILE F CG2 1 
ATOM   27   C CD1 . ILE A 1 3   ? 7.369   -1.249  -11.680 1.00 29.44  ? 303  ILE F CD1 1 
ATOM   28   N N   . GLY A 1 4   ? 8.700   3.609   -8.903  1.00 38.15  ? 304  GLY F N   1 
ATOM   29   C CA  . GLY A 1 4   ? 9.450   4.158   -7.789  1.00 34.37  ? 304  GLY F CA  1 
ATOM   30   C C   . GLY A 1 4   ? 8.994   3.547   -6.477  1.00 32.87  ? 304  GLY F C   1 
ATOM   31   O O   . GLY A 1 4   ? 7.809   3.299   -6.281  1.00 32.77  ? 304  GLY F O   1 
ATOM   32   N N   . ILE A 1 5   ? 9.931   3.296   -5.575  1.00 31.20  ? 305  ILE F N   1 
ATOM   33   C CA  . ILE A 1 5   ? 9.590   2.725   -4.284  1.00 30.27  ? 305  ILE F CA  1 
ATOM   34   C C   . ILE A 1 5   ? 10.161  3.607   -3.182  1.00 29.76  ? 305  ILE F C   1 
ATOM   35   O O   . ILE A 1 5   ? 11.381  3.738   -3.055  1.00 28.50  ? 305  ILE F O   1 
ATOM   36   C CB  . ILE A 1 5   ? 10.171  1.315   -4.112  1.00 27.15  ? 305  ILE F CB  1 
ATOM   37   C CG1 . ILE A 1 5   ? 9.742   0.427   -5.272  1.00 25.61  ? 305  ILE F CG1 1 
ATOM   38   C CG2 . ILE A 1 5   ? 9.694   0.719   -2.802  1.00 27.97  ? 305  ILE F CG2 1 
ATOM   39   C CD1 . ILE A 1 5   ? 10.170  -1.005  -5.108  1.00 27.11  ? 305  ILE F CD1 1 
ATOM   40   N N   . ILE A 1 6   ? 9.283   4.224   -2.400  1.00 24.56  ? 306  ILE F N   1 
ATOM   41   C CA  . ILE A 1 6   ? 9.731   5.084   -1.321  1.00 23.72  ? 306  ILE F CA  1 
ATOM   42   C C   . ILE A 1 6   ? 10.492  4.234   -0.310  1.00 25.73  ? 306  ILE F C   1 
ATOM   43   O O   . ILE A 1 6   ? 9.968   3.259   0.243   1.00 24.54  ? 306  ILE F O   1 
ATOM   44   C CB  . ILE A 1 6   ? 8.543   5.811   -0.683  1.00 21.95  ? 306  ILE F CB  1 
ATOM   45   C CG1 . ILE A 1 6   ? 7.965   6.788   -1.724  1.00 20.03  ? 306  ILE F CG1 1 
ATOM   46   C CG2 . ILE A 1 6   ? 8.988   6.518   0.601   1.00 19.30  ? 306  ILE F CG2 1 
ATOM   47   C CD1 . ILE A 1 6   ? 6.838   7.660   -1.242  1.00 18.39  ? 306  ILE F CD1 1 
ATOM   48   N N   . SER A 1 7   ? 11.740  4.619   -0.079  1.00 29.51  ? 307  SER F N   1 
ATOM   49   C CA  . SER A 1 7   ? 12.637  3.876   0.800   1.00 33.58  ? 307  SER F CA  1 
ATOM   50   C C   . SER A 1 7   ? 13.006  4.489   2.152   1.00 34.74  ? 307  SER F C   1 
ATOM   51   O O   . SER A 1 7   ? 13.919  4.015   2.812   1.00 34.21  ? 307  SER F O   1 
ATOM   52   C CB  . SER A 1 7   ? 13.914  3.587   0.024   1.00 31.65  ? 307  SER F CB  1 
ATOM   53   O OG  . SER A 1 7   ? 14.416  4.797   -0.508  1.00 32.01  ? 307  SER F OG  1 
ATOM   54   N N   . VAL A 1 8   ? 12.298  5.525   2.574   1.00 43.91  ? 308  VAL F N   1 
ATOM   55   C CA  . VAL A 1 8   ? 12.603  6.167   3.846   1.00 44.63  ? 308  VAL F CA  1 
ATOM   56   C C   . VAL A 1 8   ? 11.795  5.588   4.997   1.00 47.84  ? 308  VAL F C   1 
ATOM   57   O O   . VAL A 1 8   ? 12.349  5.242   6.046   1.00 47.93  ? 308  VAL F O   1 
ATOM   58   C CB  . VAL A 1 8   ? 12.318  7.682   3.779   1.00 30.88  ? 308  VAL F CB  1 
ATOM   59   C CG1 . VAL A 1 8   ? 12.996  8.275   2.555   1.00 30.88  ? 308  VAL F CG1 1 
ATOM   60   C CG2 . VAL A 1 8   ? 10.815  7.940   3.739   1.00 27.39  ? 308  VAL F CG2 1 
ATOM   61   N N   . GLY A 1 9   ? 10.480  5.505   4.775   1.00 50.50  ? 309  GLY F N   1 
ATOM   62   C CA  . GLY A 1 9   ? 9.530   5.018   5.761   1.00 48.63  ? 309  GLY F CA  1 
ATOM   63   C C   . GLY A 1 9   ? 10.000  3.865   6.607   1.00 50.05  ? 309  GLY F C   1 
ATOM   64   O O   . GLY A 1 9   ? 10.873  3.095   6.188   1.00 51.19  ? 309  GLY F O   1 
ATOM   65   N N   . PRO A 1 10  ? 9.423   3.715   7.811   1.00 36.29  ? 310  PRO F N   1 
ATOM   66   C CA  . PRO A 1 10  ? 9.754   2.653   8.768   1.00 36.39  ? 310  PRO F CA  1 
ATOM   67   C C   . PRO A 1 10  ? 9.795   1.290   8.080   1.00 36.90  ? 310  PRO F C   1 
ATOM   68   O O   . PRO A 1 10  ? 9.106   1.065   7.081   1.00 34.82  ? 310  PRO F O   1 
ATOM   69   C CB  . PRO A 1 10  ? 8.614   2.735   9.778   1.00 48.59  ? 310  PRO F CB  1 
ATOM   70   C CG  . PRO A 1 10  ? 8.202   4.162   9.723   1.00 49.20  ? 310  PRO F CG  1 
ATOM   71   C CD  . PRO A 1 10  ? 8.250   4.481   8.263   1.00 48.12  ? 310  PRO F CD  1 
ATOM   72   N N   . GLY A 1 11  ? 10.605  0.386   8.617   1.00 51.15  ? 311  GLY F N   1 
ATOM   73   C CA  . GLY A 1 11  ? 10.705  -0.951  8.050   1.00 53.90  ? 311  GLY F CA  1 
ATOM   74   C C   . GLY A 1 11  ? 11.612  -1.069  6.841   1.00 54.29  ? 311  GLY F C   1 
ATOM   75   O O   . GLY A 1 11  ? 11.803  -0.111  6.092   1.00 55.36  ? 311  GLY F O   1 
ATOM   76   N N   . ASN A 1 12  ? 12.175  -2.255  6.652   1.00 46.02  ? 312  ASN F N   1 
ATOM   77   C CA  . ASN A 1 12  ? 13.063  -2.505  5.526   1.00 47.30  ? 312  ASN F CA  1 
ATOM   78   C C   . ASN A 1 12  ? 12.198  -2.662  4.279   1.00 46.76  ? 312  ASN F C   1 
ATOM   79   O O   . ASN A 1 12  ? 11.140  -3.290  4.320   1.00 45.50  ? 312  ASN F O   1 
ATOM   80   C CB  . ASN A 1 12  ? 13.889  -3.769  5.780   1.00 71.23  ? 312  ASN F CB  1 
ATOM   81   C CG  . ASN A 1 12  ? 15.143  -3.830  4.931   1.00 73.86  ? 312  ASN F CG  1 
ATOM   82   O OD1 . ASN A 1 12  ? 15.078  -3.984  3.709   1.00 78.07  ? 312  ASN F OD1 1 
ATOM   83   N ND2 . ASN A 1 12  ? 16.297  -3.704  5.575   1.00 74.28  ? 312  ASN F ND2 1 
ATOM   84   N N   . ILE A 1 13  ? 12.649  -2.087  3.173   1.00 49.78  ? 313  ILE F N   1 
ATOM   85   C CA  . ILE A 1 13  ? 11.883  -2.137  1.938   1.00 50.51  ? 313  ILE F CA  1 
ATOM   86   C C   . ILE A 1 13  ? 12.537  -2.950  0.830   1.00 51.31  ? 313  ILE F C   1 
ATOM   87   O O   . ILE A 1 13  ? 11.991  -3.066  -0.265  1.00 50.76  ? 313  ILE F O   1 
ATOM   88   C CB  . ILE A 1 13  ? 11.591  -0.698  1.426   1.00 46.84  ? 313  ILE F CB  1 
ATOM   89   C CG1 . ILE A 1 13  ? 12.900  0.038   1.114   1.00 46.42  ? 313  ILE F CG1 1 
ATOM   90   C CG2 . ILE A 1 13  ? 10.820  0.081   2.491   1.00 45.86  ? 313  ILE F CG2 1 
ATOM   91   C CD1 . ILE A 1 13  ? 13.582  -0.397  -0.166  1.00 45.35  ? 313  ILE F CD1 1 
ATOM   92   N N   . MET A 1 14  ? 13.703  -3.516  1.111   1.00 52.30  ? 314  MET F N   1 
ATOM   93   C CA  . MET A 1 14  ? 14.389  -4.303  0.106   1.00 53.63  ? 314  MET F CA  1 
ATOM   94   C C   . MET A 1 14  ? 13.576  -5.509  -0.334  1.00 52.36  ? 314  MET F C   1 
ATOM   95   O O   . MET A 1 14  ? 13.625  -5.906  -1.499  1.00 52.86  ? 314  MET F O   1 
ATOM   96   C CB  . MET A 1 14  ? 15.767  -4.731  0.611   1.00 77.53  ? 314  MET F CB  1 
ATOM   97   C CG  . MET A 1 14  ? 16.806  -3.615  0.526   1.00 82.54  ? 314  MET F CG  1 
ATOM   98   S SD  . MET A 1 14  ? 16.856  -2.839  -1.125  1.00 86.96  ? 314  MET F SD  1 
ATOM   99   C CE  . MET A 1 14  ? 17.760  -4.084  -2.045  1.00 86.68  ? 314  MET F CE  1 
ATOM   100  N N   . ASN A 1 15  ? 12.821  -6.093  0.590   1.00 48.16  ? 315  ASN F N   1 
ATOM   101  C CA  . ASN A 1 15  ? 11.989  -7.238  0.247   1.00 46.89  ? 315  ASN F CA  1 
ATOM   102  C C   . ASN A 1 15  ? 10.956  -6.841  -0.796  1.00 44.64  ? 315  ASN F C   1 
ATOM   103  O O   . ASN A 1 15  ? 10.788  -7.523  -1.811  1.00 44.07  ? 315  ASN F O   1 
ATOM   104  C CB  . ASN A 1 15  ? 11.276  -7.787  1.482   1.00 69.55  ? 315  ASN F CB  1 
ATOM   105  C CG  . ASN A 1 15  ? 12.152  -8.717  2.288   1.00 72.69  ? 315  ASN F CG  1 
ATOM   106  O OD1 . ASN A 1 15  ? 12.735  -9.658  1.747   1.00 74.47  ? 315  ASN F OD1 1 
ATOM   107  N ND2 . ASN A 1 15  ? 12.246  -8.465  3.589   1.00 73.65  ? 315  ASN F ND2 1 
ATOM   108  N N   . LEU A 1 16  ? 10.260  -5.738  -0.549  1.00 39.99  ? 316  LEU F N   1 
ATOM   109  C CA  . LEU A 1 16  ? 9.253   -5.291  -1.496  1.00 39.39  ? 316  LEU F CA  1 
ATOM   110  C C   . LEU A 1 16  ? 9.944   -4.939  -2.808  1.00 40.60  ? 316  LEU F C   1 
ATOM   111  O O   . LEU A 1 16  ? 9.363   -5.097  -3.882  1.00 40.04  ? 316  LEU F O   1 
ATOM   112  C CB  . LEU A 1 16  ? 8.479   -4.086  -0.939  1.00 35.95  ? 316  LEU F CB  1 
ATOM   113  C CG  . LEU A 1 16  ? 7.261   -3.555  -1.711  1.00 32.27  ? 316  LEU F CG  1 
ATOM   114  C CD1 . LEU A 1 16  ? 7.697   -2.575  -2.747  1.00 30.75  ? 316  LEU F CD1 1 
ATOM   115  C CD2 . LEU A 1 16  ? 6.495   -4.697  -2.353  1.00 29.46  ? 316  LEU F CD2 1 
ATOM   116  N N   . TYR A 1 17  ? 11.190  -4.481  -2.719  1.00 35.34  ? 317  TYR F N   1 
ATOM   117  C CA  . TYR A 1 17  ? 11.950  -4.124  -3.911  1.00 37.65  ? 317  TYR F CA  1 
ATOM   118  C C   . TYR A 1 17  ? 12.221  -5.361  -4.752  1.00 37.74  ? 317  TYR F C   1 
ATOM   119  O O   . TYR A 1 17  ? 12.012  -5.361  -5.961  1.00 35.41  ? 317  TYR F O   1 
ATOM   120  C CB  . TYR A 1 17  ? 13.284  -3.472  -3.538  1.00 69.55  ? 317  TYR F CB  1 
ATOM   121  C CG  . TYR A 1 17  ? 14.190  -3.254  -4.731  1.00 72.44  ? 317  TYR F CG  1 
ATOM   122  C CD1 . TYR A 1 17  ? 13.801  -2.428  -5.785  1.00 74.21  ? 317  TYR F CD1 1 
ATOM   123  C CD2 . TYR A 1 17  ? 15.426  -3.893  -4.820  1.00 75.41  ? 317  TYR F CD2 1 
ATOM   124  C CE1 . TYR A 1 17  ? 14.620  -2.242  -6.899  1.00 76.14  ? 317  TYR F CE1 1 
ATOM   125  C CE2 . TYR A 1 17  ? 16.254  -3.716  -5.933  1.00 77.09  ? 317  TYR F CE2 1 
ATOM   126  C CZ  . TYR A 1 17  ? 15.844  -2.888  -6.966  1.00 77.37  ? 317  TYR F CZ  1 
ATOM   127  O OH  . TYR A 1 17  ? 16.661  -2.694  -8.057  1.00 78.08  ? 317  TYR F OH  1 
ATOM   128  N N   . ARG A 1 18  ? 12.703  -6.414  -4.100  1.00 56.38  ? 318  ARG F N   1 
ATOM   129  C CA  . ARG A 1 18  ? 12.996  -7.660  -4.788  1.00 58.07  ? 318  ARG F CA  1 
ATOM   130  C C   . ARG A 1 18  ? 11.711  -8.168  -5.434  1.00 58.17  ? 318  ARG F C   1 
ATOM   131  O O   . ARG A 1 18  ? 11.690  -8.509  -6.621  1.00 57.86  ? 318  ARG F O   1 
ATOM   132  C CB  . ARG A 1 18  ? 13.541  -8.693  -3.797  1.00 64.25  ? 318  ARG F CB  1 
ATOM   133  C CG  . ARG A 1 18  ? 14.838  -8.261  -3.119  1.00 68.22  ? 318  ARG F CG  1 
ATOM   134  C CD  . ARG A 1 18  ? 15.411  -9.359  -2.217  1.00 70.07  ? 318  ARG F CD  1 
ATOM   135  N NE  . ARG A 1 18  ? 16.682  -8.965  -1.607  1.00 72.63  ? 318  ARG F NE  1 
ATOM   136  C CZ  . ARG A 1 18  ? 16.805  -8.104  -0.601  1.00 74.37  ? 318  ARG F CZ  1 
ATOM   137  N NH1 . ARG A 1 18  ? 15.731  -7.534  -0.069  1.00 75.19  ? 318  ARG F NH1 1 
ATOM   138  N NH2 . ARG A 1 18  ? 18.007  -7.802  -0.127  1.00 75.02  ? 318  ARG F NH2 1 
ATOM   139  N N   . GLY A 1 19  ? 10.638  -8.193  -4.646  1.00 51.68  ? 319  GLY F N   1 
ATOM   140  C CA  . GLY A 1 19  ? 9.356   -8.649  -5.151  1.00 50.33  ? 319  GLY F CA  1 
ATOM   141  C C   . GLY A 1 19  ? 8.929   -7.893  -6.392  1.00 49.74  ? 319  GLY F C   1 
ATOM   142  O O   . GLY A 1 19  ? 8.582   -8.505  -7.397  1.00 51.48  ? 319  GLY F O   1 
ATOM   143  N N   . VAL A 1 20  ? 8.956   -6.565  -6.326  1.00 43.39  ? 320  VAL F N   1 
ATOM   144  C CA  . VAL A 1 20  ? 8.564   -5.723  -7.456  1.00 42.67  ? 320  VAL F CA  1 
ATOM   145  C C   . VAL A 1 20  ? 9.505   -5.907  -8.637  1.00 43.97  ? 320  VAL F C   1 
ATOM   146  O O   . VAL A 1 20  ? 9.087   -5.850  -9.797  1.00 42.36  ? 320  VAL F O   1 
ATOM   147  C CB  . VAL A 1 20  ? 8.556   -4.227  -7.066  1.00 35.27  ? 320  VAL F CB  1 
ATOM   148  C CG1 . VAL A 1 20  ? 8.381   -3.364  -8.303  1.00 35.85  ? 320  VAL F CG1 1 
ATOM   149  C CG2 . VAL A 1 20  ? 7.434   -3.952  -6.082  1.00 34.13  ? 320  VAL F CG2 1 
ATOM   150  N N   . LYS A 1 21  ? 10.781  -6.123  -8.332  1.00 57.11  ? 321  LYS F N   1 
ATOM   151  C CA  . LYS A 1 21  ? 11.793  -6.321  -9.360  1.00 60.06  ? 321  LYS F CA  1 
ATOM   152  C C   . LYS A 1 21  ? 11.485  -7.588  -10.163 1.00 60.50  ? 321  LYS F C   1 
ATOM   153  O O   . LYS A 1 21  ? 11.284  -7.538  -11.382 1.00 59.67  ? 321  LYS F O   1 
ATOM   154  C CB  . LYS A 1 21  ? 13.177  -6.434  -8.711  1.00 67.16  ? 321  LYS F CB  1 
ATOM   155  C CG  . LYS A 1 21  ? 14.329  -6.462  -9.694  1.00 68.31  ? 321  LYS F CG  1 
ATOM   156  C CD  . LYS A 1 21  ? 15.668  -6.494  -8.978  1.00 69.95  ? 321  LYS F CD  1 
ATOM   157  C CE  . LYS A 1 21  ? 16.815  -6.415  -9.972  1.00 70.87  ? 321  LYS F CE  1 
ATOM   158  N NZ  . LYS A 1 21  ? 16.767  -7.524  -10.961 1.00 71.12  ? 321  LYS F NZ  1 
ATOM   159  N N   . ARG A 1 22  ? 11.442  -8.718  -9.463  1.00 60.73  ? 322  ARG F N   1 
ATOM   160  C CA  . ARG A 1 22  ? 11.163  -10.003 -10.081 1.00 61.64  ? 322  ARG F CA  1 
ATOM   161  C C   . ARG A 1 22  ? 9.829   -9.993  -10.822 1.00 63.23  ? 322  ARG F C   1 
ATOM   162  O O   . ARG A 1 22  ? 9.664   -10.683 -11.830 1.00 65.21  ? 322  ARG F O   1 
ATOM   163  C CB  . ARG A 1 22  ? 11.163  -11.099 -9.019  1.00 48.86  ? 322  ARG F CB  1 
ATOM   164  N N   . ALA A 1 23  ? 8.878   -9.206  -10.330 1.00 54.12  ? 323  ALA F N   1 
ATOM   165  C CA  . ALA A 1 23  ? 7.564   -9.137  -10.959 1.00 54.71  ? 323  ALA F CA  1 
ATOM   166  C C   . ALA A 1 23  ? 7.589   -8.337  -12.253 1.00 55.41  ? 323  ALA F C   1 
ATOM   167  O O   . ALA A 1 23  ? 6.834   -8.624  -13.182 1.00 55.67  ? 323  ALA F O   1 
ATOM   168  C CB  . ALA A 1 23  ? 6.553   -8.530  -9.991  1.00 51.46  ? 323  ALA F CB  1 
ATOM   169  N N   . SER A 1 24  ? 8.458   -7.334  -12.311 1.00 67.36  ? 324  SER F N   1 
ATOM   170  C CA  . SER A 1 24  ? 8.565   -6.499  -13.500 1.00 68.52  ? 324  SER F CA  1 
ATOM   171  C C   . SER A 1 24  ? 9.421   -7.173  -14.564 1.00 69.01  ? 324  SER F C   1 
ATOM   172  O O   . SER A 1 24  ? 9.621   -6.624  -15.649 1.00 69.34  ? 324  SER F O   1 
ATOM   173  C CB  . SER A 1 24  ? 9.168   -5.140  -13.137 1.00 62.61  ? 324  SER F CB  1 
ATOM   174  O OG  . SER A 1 24  ? 10.464  -5.296  -12.591 1.00 64.53  ? 324  SER F OG  1 
ATOM   175  N N   . GLU A 1 25  ? 9.917   -8.368  -14.246 1.00 59.31  ? 325  GLU F N   1 
ATOM   176  C CA  . GLU A 1 25  ? 10.762  -9.131  -15.163 1.00 59.09  ? 325  GLU F CA  1 
ATOM   177  C C   . GLU A 1 25  ? 10.041  -9.500  -16.457 1.00 58.76  ? 325  GLU F C   1 
ATOM   178  O O   . GLU A 1 25  ? 10.493  -9.152  -17.547 1.00 57.04  ? 325  GLU F O   1 
ATOM   179  C CB  . GLU A 1 25  ? 11.271  -10.401 -14.469 1.00 57.02  ? 325  GLU F CB  1 
ATOM   180  N N   . ASN A 1 26  ? 8.916   -10.199 -16.322 1.00 61.99  ? 326  ASN F N   1 
ATOM   181  C CA  . ASN A 1 26  ? 8.117   -10.650 -17.462 1.00 62.00  ? 326  ASN F CA  1 
ATOM   182  C C   . ASN A 1 26  ? 7.718   -9.552  -18.453 1.00 61.87  ? 326  ASN F C   1 
ATOM   183  O O   . ASN A 1 26  ? 7.190   -9.845  -19.526 1.00 61.75  ? 326  ASN F O   1 
ATOM   184  C CB  . ASN A 1 26  ? 6.871   -11.374 -16.956 1.00 62.63  ? 326  ASN F CB  1 
ATOM   185  N N   . PHE A 1 27  ? 7.960   -8.295  -18.095 1.00 57.73  ? 327  PHE F N   1 
ATOM   186  C CA  . PHE A 1 27  ? 7.633   -7.176  -18.975 1.00 59.86  ? 327  PHE F CA  1 
ATOM   187  C C   . PHE A 1 27  ? 8.954   -6.540  -19.387 1.00 61.44  ? 327  PHE F C   1 
ATOM   188  O O   . PHE A 1 27  ? 10.010  -7.151  -19.230 1.00 61.68  ? 327  PHE F O   1 
ATOM   189  C CB  . PHE A 1 27  ? 6.774   -6.128  -18.248 1.00 60.81  ? 327  PHE F CB  1 
ATOM   190  C CG  . PHE A 1 27  ? 5.606   -6.705  -17.489 1.00 60.49  ? 327  PHE F CG  1 
ATOM   191  C CD1 . PHE A 1 27  ? 5.793   -7.307  -16.249 1.00 59.17  ? 327  PHE F CD1 1 
ATOM   192  C CD2 . PHE A 1 27  ? 4.319   -6.647  -18.017 1.00 60.24  ? 327  PHE F CD2 1 
ATOM   193  C CE1 . PHE A 1 27  ? 4.721   -7.842  -15.548 1.00 57.63  ? 327  PHE F CE1 1 
ATOM   194  C CE2 . PHE A 1 27  ? 3.237   -7.179  -17.323 1.00 59.03  ? 327  PHE F CE2 1 
ATOM   195  C CZ  . PHE A 1 27  ? 3.440   -7.779  -16.085 1.00 58.31  ? 327  PHE F CZ  1 
ATOM   196  N N   . GLU A 1 28  ? 8.909   -5.323  -19.914 1.00 57.24  ? 328  GLU F N   1 
ATOM   197  C CA  . GLU A 1 28  ? 10.143  -4.657  -20.295 1.00 59.79  ? 328  GLU F CA  1 
ATOM   198  C C   . GLU A 1 28  ? 10.029  -3.141  -20.382 1.00 59.95  ? 328  GLU F C   1 
ATOM   199  O O   . GLU A 1 28  ? 8.932   -2.593  -20.498 1.00 59.13  ? 328  GLU F O   1 
ATOM   200  C CB  . GLU A 1 28  ? 10.670  -5.220  -21.612 1.00 99.24  ? 328  GLU F CB  1 
ATOM   201  C CG  . GLU A 1 28  ? 12.105  -4.808  -21.888 1.00 100.00 ? 328  GLU F CG  1 
ATOM   202  C CD  . GLU A 1 28  ? 12.961  -4.910  -20.639 1.00 100.00 ? 328  GLU F CD  1 
ATOM   203  O OE1 . GLU A 1 28  ? 13.082  -6.031  -20.097 1.00 100.00 ? 328  GLU F OE1 1 
ATOM   204  O OE2 . GLU A 1 28  ? 13.501  -3.869  -20.194 1.00 100.00 ? 328  GLU F OE2 1 
ATOM   205  N N   . ASP A 1 29  ? 11.186  -2.480  -20.330 1.00 69.83  ? 329  ASP F N   1 
ATOM   206  C CA  . ASP A 1 29  ? 11.280  -1.023  -20.353 1.00 70.04  ? 329  ASP F CA  1 
ATOM   207  C C   . ASP A 1 29  ? 10.782  -0.563  -18.993 1.00 69.08  ? 329  ASP F C   1 
ATOM   208  O O   . ASP A 1 29  ? 10.263  0.545   -18.838 1.00 68.03  ? 329  ASP F O   1 
ATOM   209  C CB  . ASP A 1 29  ? 10.419  -0.422  -21.469 1.00 92.66  ? 329  ASP F CB  1 
ATOM   210  C CG  . ASP A 1 29  ? 10.919  -0.792  -22.854 1.00 94.97  ? 329  ASP F CG  1 
ATOM   211  O OD1 . ASP A 1 29  ? 10.882  -1.996  -23.199 1.00 97.41  ? 329  ASP F OD1 1 
ATOM   212  O OD2 . ASP A 1 29  ? 11.355  0.119   -23.596 1.00 95.05  ? 329  ASP F OD2 1 
ATOM   213  N N   . VAL A 1 30  ? 10.956  -1.445  -18.013 1.00 75.96  ? 330  VAL F N   1 
ATOM   214  C CA  . VAL A 1 30  ? 10.529  -1.188  -16.647 1.00 75.43  ? 330  VAL F CA  1 
ATOM   215  C C   . VAL A 1 30  ? 11.718  -0.829  -15.753 1.00 73.77  ? 330  VAL F C   1 
ATOM   216  O O   . VAL A 1 30  ? 12.559  -1.673  -15.439 1.00 73.67  ? 330  VAL F O   1 
ATOM   217  C CB  . VAL A 1 30  ? 9.801   -2.422  -16.049 1.00 63.98  ? 330  VAL F CB  1 
ATOM   218  C CG1 . VAL A 1 30  ? 9.151   -2.053  -14.729 1.00 64.10  ? 330  VAL F CG1 1 
ATOM   219  C CG2 . VAL A 1 30  ? 8.754   -2.934  -17.022 1.00 63.58  ? 330  VAL F CG2 1 
ATOM   220  N N   . SER A 1 31  ? 11.771  0.435   -15.349 1.00 66.55  ? 331  SER F N   1 
ATOM   221  C CA  . SER A 1 31  ? 12.832  0.935   -14.487 1.00 64.81  ? 331  SER F CA  1 
ATOM   222  C C   . SER A 1 31  ? 12.318  0.971   -13.049 1.00 63.08  ? 331  SER F C   1 
ATOM   223  O O   . SER A 1 31  ? 11.169  1.341   -12.807 1.00 62.66  ? 331  SER F O   1 
ATOM   224  C CB  . SER A 1 31  ? 13.241  2.342   -14.936 1.00 62.86  ? 331  SER F CB  1 
ATOM   225  O OG  . SER A 1 31  ? 14.358  2.816   -14.205 1.00 64.73  ? 331  SER F OG  1 
ATOM   226  N N   . ILE A 1 32  ? 13.163  0.569   -12.104 1.00 60.12  ? 332  ILE F N   1 
ATOM   227  C CA  . ILE A 1 32  ? 12.793  0.565   -10.690 1.00 58.21  ? 332  ILE F CA  1 
ATOM   228  C C   . ILE A 1 32  ? 13.816  1.386   -9.930  1.00 58.08  ? 332  ILE F C   1 
ATOM   229  O O   . ILE A 1 32  ? 15.019  1.155   -10.061 1.00 59.33  ? 332  ILE F O   1 
ATOM   230  C CB  . ILE A 1 32  ? 12.804  -0.856  -10.086 1.00 57.71  ? 332  ILE F CB  1 
ATOM   231  C CG1 . ILE A 1 32  ? 11.983  -1.811  -10.952 1.00 59.09  ? 332  ILE F CG1 1 
ATOM   232  C CG2 . ILE A 1 32  ? 12.218  -0.823  -8.683  1.00 56.47  ? 332  ILE F CG2 1 
ATOM   233  C CD1 . ILE A 1 32  ? 11.927  -3.229  -10.405 1.00 58.47  ? 332  ILE F CD1 1 
ATOM   234  N N   . GLU A 1 33  ? 13.349  2.339   -9.130  1.00 60.05  ? 333  GLU F N   1 
ATOM   235  C CA  . GLU A 1 33  ? 14.263  3.176   -8.356  1.00 57.57  ? 333  GLU F CA  1 
ATOM   236  C C   . GLU A 1 33  ? 13.769  3.351   -6.929  1.00 55.40  ? 333  GLU F C   1 
ATOM   237  O O   . GLU A 1 33  ? 12.570  3.243   -6.659  1.00 55.73  ? 333  GLU F O   1 
ATOM   238  C CB  . GLU A 1 33  ? 14.398  4.564   -8.996  1.00 53.41  ? 333  GLU F CB  1 
ATOM   239  C CG  . GLU A 1 33  ? 14.426  4.571   -10.512 1.00 54.64  ? 333  GLU F CG  1 
ATOM   240  C CD  . GLU A 1 33  ? 14.751  5.938   -11.080 1.00 54.40  ? 333  GLU F CD  1 
ATOM   241  O OE1 . GLU A 1 33  ? 14.177  6.939   -10.602 1.00 54.57  ? 333  GLU F OE1 1 
ATOM   242  O OE2 . GLU A 1 33  ? 15.576  6.009   -12.011 1.00 53.15  ? 333  GLU F OE2 1 
ATOM   243  N N   . LEU A 1 34  ? 14.696  3.608   -6.012  1.00 43.00  ? 334  LEU F N   1 
ATOM   244  C CA  . LEU A 1 34  ? 14.324  3.843   -4.626  1.00 40.16  ? 334  LEU F CA  1 
ATOM   245  C C   . LEU A 1 34  ? 14.145  5.349   -4.523  1.00 38.84  ? 334  LEU F C   1 
ATOM   246  O O   . LEU A 1 34  ? 14.941  6.114   -5.068  1.00 38.47  ? 334  LEU F O   1 
ATOM   247  C CB  . LEU A 1 34  ? 15.418  3.367   -3.664  1.00 40.21  ? 334  LEU F CB  1 
ATOM   248  C CG  . LEU A 1 34  ? 15.743  1.867   -3.626  1.00 39.11  ? 334  LEU F CG  1 
ATOM   249  C CD1 . LEU A 1 34  ? 16.703  1.609   -2.476  1.00 38.22  ? 334  LEU F CD1 1 
ATOM   250  C CD2 . LEU A 1 34  ? 14.478  1.037   -3.441  1.00 37.75  ? 334  LEU F CD2 1 
ATOM   251  N N   . VAL A 1 35  ? 13.089  5.778   -3.847  1.00 38.94  ? 335  VAL F N   1 
ATOM   252  C CA  . VAL A 1 35  ? 12.821  7.199   -3.708  1.00 37.85  ? 335  VAL F CA  1 
ATOM   253  C C   . VAL A 1 35  ? 13.071  7.674   -2.285  1.00 39.61  ? 335  VAL F C   1 
ATOM   254  O O   . VAL A 1 35  ? 12.475  7.166   -1.340  1.00 39.74  ? 335  VAL F O   1 
ATOM   255  C CB  . VAL A 1 35  ? 11.375  7.518   -4.100  1.00 28.20  ? 335  VAL F CB  1 
ATOM   256  C CG1 . VAL A 1 35  ? 11.128  9.004   -4.002  1.00 28.41  ? 335  VAL F CG1 1 
ATOM   257  C CG2 . VAL A 1 35  ? 11.100  7.016   -5.507  1.00 25.57  ? 335  VAL F CG2 1 
ATOM   258  N N   . GLU A 1 36  ? 13.961  8.655   -2.147  1.00 44.76  ? 336  GLU F N   1 
ATOM   259  C CA  . GLU A 1 36  ? 14.309  9.217   -0.844  1.00 47.17  ? 336  GLU F CA  1 
ATOM   260  C C   . GLU A 1 36  ? 13.921  10.687  -0.784  1.00 46.99  ? 336  GLU F C   1 
ATOM   261  O O   . GLU A 1 36  ? 13.754  11.244  0.293   1.00 46.93  ? 336  GLU F O   1 
ATOM   262  C CB  . GLU A 1 36  ? 15.817  9.105   -0.591  1.00 62.87  ? 336  GLU F CB  1 
ATOM   263  C CG  . GLU A 1 36  ? 16.401  7.716   -0.764  1.00 67.74  ? 336  GLU F CG  1 
ATOM   264  C CD  . GLU A 1 36  ? 17.895  7.672   -0.490  1.00 71.47  ? 336  GLU F CD  1 
ATOM   265  O OE1 . GLU A 1 36  ? 18.659  8.369   -1.195  1.00 73.15  ? 336  GLU F OE1 1 
ATOM   266  O OE2 . GLU A 1 36  ? 18.309  6.938   0.434   1.00 73.98  ? 336  GLU F OE2 1 
ATOM   267  N N   . SER A 1 37  ? 13.783  11.311  -1.947  1.00 41.13  ? 337  SER F N   1 
ATOM   268  C CA  . SER A 1 37  ? 13.440  12.724  -2.008  1.00 42.49  ? 337  SER F CA  1 
ATOM   269  C C   . SER A 1 37  ? 12.713  13.086  -3.297  1.00 43.02  ? 337  SER F C   1 
ATOM   270  O O   . SER A 1 37  ? 12.652  12.286  -4.231  1.00 42.67  ? 337  SER F O   1 
ATOM   271  C CB  . SER A 1 37  ? 14.715  13.565  -1.884  1.00 57.27  ? 337  SER F CB  1 
ATOM   272  O OG  . SER A 1 37  ? 15.594  13.331  -2.971  1.00 56.99  ? 337  SER F OG  1 
ATOM   273  N N   . PRO A 1 38  ? 12.147  14.304  -3.364  1.00 44.91  ? 338  PRO F N   1 
ATOM   274  C CA  . PRO A 1 38  ? 11.423  14.757  -4.561  1.00 47.00  ? 338  PRO F CA  1 
ATOM   275  C C   . PRO A 1 38  ? 12.375  14.962  -5.731  1.00 48.98  ? 338  PRO F C   1 
ATOM   276  O O   . PRO A 1 38  ? 11.946  15.150  -6.868  1.00 47.45  ? 338  PRO F O   1 
ATOM   277  C CB  . PRO A 1 38  ? 10.800  16.082  -4.123  1.00 39.29  ? 338  PRO F CB  1 
ATOM   278  C CG  . PRO A 1 38  ? 10.756  15.993  -2.650  1.00 39.63  ? 338  PRO F CG  1 
ATOM   279  C CD  . PRO A 1 38  ? 12.039  15.300  -2.288  1.00 37.96  ? 338  PRO F CD  1 
ATOM   280  N N   . ARG A 1 39  ? 13.671  14.934  -5.430  1.00 64.62  ? 339  ARG F N   1 
ATOM   281  C CA  . ARG A 1 39  ? 14.714  15.130  -6.430  1.00 68.76  ? 339  ARG F CA  1 
ATOM   282  C C   . ARG A 1 39  ? 14.712  13.990  -7.448  1.00 69.76  ? 339  ARG F C   1 
ATOM   283  O O   . ARG A 1 39  ? 15.739  13.356  -7.706  1.00 70.19  ? 339  ARG F O   1 
ATOM   284  C CB  . ARG A 1 39  ? 16.081  15.232  -5.748  1.00 84.90  ? 339  ARG F CB  1 
ATOM   285  C CG  . ARG A 1 39  ? 16.049  15.958  -4.406  1.00 89.18  ? 339  ARG F CG  1 
ATOM   286  C CD  . ARG A 1 39  ? 17.306  16.774  -4.192  1.00 93.27  ? 339  ARG F CD  1 
ATOM   287  N NE  . ARG A 1 39  ? 17.333  17.923  -5.094  1.00 98.30  ? 339  ARG F NE  1 
ATOM   288  C CZ  . ARG A 1 39  ? 18.355  18.762  -5.219  1.00 99.44  ? 339  ARG F CZ  1 
ATOM   289  N NH1 . ARG A 1 39  ? 19.453  18.584  -4.497  1.00 100.00 ? 339  ARG F NH1 1 
ATOM   290  N NH2 . ARG A 1 39  ? 18.274  19.782  -6.064  1.00 99.76  ? 339  ARG F NH2 1 
ATOM   291  N N   . ASN A 1 40  ? 13.533  13.749  -8.014  1.00 70.07  ? 340  ASN F N   1 
ATOM   292  C CA  . ASN A 1 40  ? 13.297  12.717  -9.019  1.00 70.49  ? 340  ASN F CA  1 
ATOM   293  C C   . ASN A 1 40  ? 12.069  13.201  -9.768  1.00 70.04  ? 340  ASN F C   1 
ATOM   294  O O   . ASN A 1 40  ? 11.238  13.914  -9.201  1.00 71.13  ? 340  ASN F O   1 
ATOM   295  C CB  . ASN A 1 40  ? 12.971  11.373  -8.360  1.00 69.88  ? 340  ASN F CB  1 
ATOM   296  C CG  . ASN A 1 40  ? 14.128  10.812  -7.557  1.00 71.17  ? 340  ASN F CG  1 
ATOM   297  O OD1 . ASN A 1 40  ? 15.072  10.270  -8.173  1.00 72.03  ? 340  ASN F OD1 1 
ATOM   298  N ND2 . ASN A 1 40  ? 14.090  10.918  -6.311  1.00 71.38  ? 340  ASN F ND2 1 
ATOM   299  N N   . ASP A 1 41  ? 11.948  12.837  -11.036 1.00 69.91  ? 341  ASP F N   1 
ATOM   300  C CA  . ASP A 1 41  ? 10.779  13.256  -11.792 1.00 68.56  ? 341  ASP F CA  1 
ATOM   301  C C   . ASP A 1 41  ? 9.740   12.144  -11.718 1.00 65.65  ? 341  ASP F C   1 
ATOM   302  O O   . ASP A 1 41  ? 10.082  10.970  -11.574 1.00 64.92  ? 341  ASP F O   1 
ATOM   303  C CB  . ASP A 1 41  ? 11.151  13.587  -13.249 1.00 85.84  ? 341  ASP F CB  1 
ATOM   304  C CG  . ASP A 1 41  ? 11.853  12.441  -13.958 1.00 88.47  ? 341  ASP F CG  1 
ATOM   305  O OD1 . ASP A 1 41  ? 12.839  11.910  -13.404 1.00 91.54  ? 341  ASP F OD1 1 
ATOM   306  O OD2 . ASP A 1 41  ? 11.428  12.083  -15.078 1.00 88.77  ? 341  ASP F OD2 1 
ATOM   307  N N   . LEU A 1 42  ? 8.472   12.532  -11.790 1.00 62.11  ? 342  LEU F N   1 
ATOM   308  C CA  . LEU A 1 42  ? 7.352   11.602  -11.717 1.00 58.20  ? 342  LEU F CA  1 
ATOM   309  C C   . LEU A 1 42  ? 7.591   10.179  -12.215 1.00 55.80  ? 342  LEU F C   1 
ATOM   310  O O   . LEU A 1 42  ? 8.271   9.953   -13.214 1.00 56.37  ? 342  LEU F O   1 
ATOM   311  C CB  . LEU A 1 42  ? 6.153   12.191  -12.460 1.00 51.67  ? 342  LEU F CB  1 
ATOM   312  C CG  . LEU A 1 42  ? 5.146   12.969  -11.610 1.00 53.16  ? 342  LEU F CG  1 
ATOM   313  C CD1 . LEU A 1 42  ? 5.875   13.887  -10.642 1.00 50.87  ? 342  LEU F CD1 1 
ATOM   314  C CD2 . LEU A 1 42  ? 4.206   13.756  -12.527 1.00 52.32  ? 342  LEU F CD2 1 
ATOM   315  N N   . TYR A 1 43  ? 7.031   9.218   -11.489 1.00 44.65  ? 343  TYR F N   1 
ATOM   316  C CA  . TYR A 1 43  ? 7.124   7.820   -11.865 1.00 42.39  ? 343  TYR F CA  1 
ATOM   317  C C   . TYR A 1 43  ? 5.731   7.458   -12.379 1.00 42.71  ? 343  TYR F C   1 
ATOM   318  O O   . TYR A 1 43  ? 4.797   8.249   -12.250 1.00 43.10  ? 343  TYR F O   1 
ATOM   319  C CB  . TYR A 1 43  ? 7.475   6.948   -10.660 1.00 37.41  ? 343  TYR F CB  1 
ATOM   320  C CG  . TYR A 1 43  ? 8.829   7.233   -10.058 1.00 35.45  ? 343  TYR F CG  1 
ATOM   321  C CD1 . TYR A 1 43  ? 9.009   8.282   -9.156  1.00 34.39  ? 343  TYR F CD1 1 
ATOM   322  C CD2 . TYR A 1 43  ? 9.936   6.461   -10.403 1.00 33.71  ? 343  TYR F CD2 1 
ATOM   323  C CE1 . TYR A 1 43  ? 10.256  8.553   -8.614  1.00 32.44  ? 343  TYR F CE1 1 
ATOM   324  C CE2 . TYR A 1 43  ? 11.185  6.720   -9.870  1.00 32.72  ? 343  TYR F CE2 1 
ATOM   325  C CZ  . TYR A 1 43  ? 11.342  7.766   -8.977  1.00 34.38  ? 343  TYR F CZ  1 
ATOM   326  O OH  . TYR A 1 43  ? 12.591  8.027   -8.459  1.00 35.60  ? 343  TYR F OH  1 
ATOM   327  N N   . ASP A 1 44  ? 5.587   6.282   -12.975 1.00 46.63  ? 344  ASP F N   1 
ATOM   328  C CA  . ASP A 1 44  ? 4.285   5.866   -13.477 1.00 46.08  ? 344  ASP F CA  1 
ATOM   329  C C   . ASP A 1 44  ? 3.614   5.057   -12.395 1.00 44.52  ? 344  ASP F C   1 
ATOM   330  O O   . ASP A 1 44  ? 2.391   4.998   -12.318 1.00 45.06  ? 344  ASP F O   1 
ATOM   331  C CB  . ASP A 1 44  ? 4.446   5.010   -14.719 1.00 74.31  ? 344  ASP F CB  1 
ATOM   332  N N   . LEU A 1 45  ? 4.448   4.422   -11.578 1.00 43.63  ? 345  LEU F N   1 
ATOM   333  C CA  . LEU A 1 45  ? 4.005   3.587   -10.478 1.00 40.86  ? 345  LEU F CA  1 
ATOM   334  C C   . LEU A 1 45  ? 4.841   3.983   -9.284  1.00 39.15  ? 345  LEU F C   1 
ATOM   335  O O   . LEU A 1 45  ? 6.064   3.850   -9.302  1.00 40.20  ? 345  LEU F O   1 
ATOM   336  C CB  . LEU A 1 45  ? 4.264   2.112   -10.785 1.00 32.43  ? 345  LEU F CB  1 
ATOM   337  C CG  . LEU A 1 45  ? 3.271   1.060   -10.283 1.00 31.96  ? 345  LEU F CG  1 
ATOM   338  C CD1 . LEU A 1 45  ? 3.911   -0.306  -10.408 1.00 28.45  ? 345  LEU F CD1 1 
ATOM   339  C CD2 . LEU A 1 45  ? 2.870   1.330   -8.848  1.00 31.59  ? 345  LEU F CD2 1 
ATOM   340  N N   . LEU A 1 46  ? 4.180   4.479   -8.248  1.00 31.62  ? 346  LEU F N   1 
ATOM   341  C CA  . LEU A 1 46  ? 4.870   4.887   -7.038  1.00 27.09  ? 346  LEU F CA  1 
ATOM   342  C C   . LEU A 1 46  ? 4.362   4.042   -5.873  1.00 25.73  ? 346  LEU F C   1 
ATOM   343  O O   . LEU A 1 46  ? 3.166   4.029   -5.579  1.00 23.73  ? 346  LEU F O   1 
ATOM   344  C CB  . LEU A 1 46  ? 4.620   6.375   -6.776  1.00 23.07  ? 346  LEU F CB  1 
ATOM   345  C CG  . LEU A 1 46  ? 5.297   6.969   -5.539  1.00 23.20  ? 346  LEU F CG  1 
ATOM   346  C CD1 . LEU A 1 46  ? 6.797   6.695   -5.567  1.00 22.88  ? 346  LEU F CD1 1 
ATOM   347  C CD2 . LEU A 1 46  ? 5.027   8.446   -5.490  1.00 22.71  ? 346  LEU F CD2 1 
ATOM   348  N N   . PHE A 1 47  ? 5.272   3.312   -5.235  1.00 25.53  ? 347  PHE F N   1 
ATOM   349  C CA  . PHE A 1 47  ? 4.920   2.471   -4.098  1.00 25.66  ? 347  PHE F CA  1 
ATOM   350  C C   . PHE A 1 47  ? 5.239   3.172   -2.778  1.00 25.79  ? 347  PHE F C   1 
ATOM   351  O O   . PHE A 1 47  ? 6.310   3.755   -2.617  1.00 23.31  ? 347  PHE F O   1 
ATOM   352  C CB  . PHE A 1 47  ? 5.692   1.147   -4.114  1.00 26.39  ? 347  PHE F CB  1 
ATOM   353  C CG  . PHE A 1 47  ? 5.174   0.131   -5.099  1.00 28.62  ? 347  PHE F CG  1 
ATOM   354  C CD1 . PHE A 1 47  ? 5.627   0.120   -6.422  1.00 26.59  ? 347  PHE F CD1 1 
ATOM   355  C CD2 . PHE A 1 47  ? 4.260   -0.846  -4.695  1.00 28.13  ? 347  PHE F CD2 1 
ATOM   356  C CE1 . PHE A 1 47  ? 5.182   -0.853  -7.326  1.00 26.05  ? 347  PHE F CE1 1 
ATOM   357  C CE2 . PHE A 1 47  ? 3.808   -1.827  -5.597  1.00 27.52  ? 347  PHE F CE2 1 
ATOM   358  C CZ  . PHE A 1 47  ? 4.276   -1.827  -6.915  1.00 25.89  ? 347  PHE F CZ  1 
ATOM   359  N N   . ILE A 1 48  ? 4.290   3.118   -1.847  1.00 28.00  ? 348  ILE F N   1 
ATOM   360  C CA  . ILE A 1 48  ? 4.474   3.690   -0.528  1.00 27.39  ? 348  ILE F CA  1 
ATOM   361  C C   . ILE A 1 48  ? 4.344   2.507   0.421   1.00 28.33  ? 348  ILE F C   1 
ATOM   362  O O   . ILE A 1 48  ? 3.230   2.099   0.765   1.00 27.25  ? 348  ILE F O   1 
ATOM   363  C CB  . ILE A 1 48  ? 3.389   4.705   -0.177  1.00 18.91  ? 348  ILE F CB  1 
ATOM   364  C CG1 . ILE A 1 48  ? 3.296   5.762   -1.276  1.00 18.73  ? 348  ILE F CG1 1 
ATOM   365  C CG2 . ILE A 1 48  ? 3.707   5.339   1.186   1.00 15.65  ? 348  ILE F CG2 1 
ATOM   366  C CD1 . ILE A 1 48  ? 2.133   6.732   -1.087  1.00 19.82  ? 348  ILE F CD1 1 
ATOM   367  N N   . PRO A 1 49  ? 5.481   1.914   0.813   1.00 22.52  ? 349  PRO F N   1 
ATOM   368  C CA  . PRO A 1 49  ? 5.522   0.764   1.722   1.00 24.40  ? 349  PRO F CA  1 
ATOM   369  C C   . PRO A 1 49  ? 5.682   1.181   3.183   1.00 24.80  ? 349  PRO F C   1 
ATOM   370  O O   . PRO A 1 49  ? 5.484   2.340   3.537   1.00 24.04  ? 349  PRO F O   1 
ATOM   371  C CB  . PRO A 1 49  ? 6.723   -0.018  1.217   1.00 28.23  ? 349  PRO F CB  1 
ATOM   372  C CG  . PRO A 1 49  ? 7.670   1.095   0.866   1.00 29.81  ? 349  PRO F CG  1 
ATOM   373  C CD  . PRO A 1 49  ? 6.781   2.095   0.144   1.00 27.48  ? 349  PRO F CD  1 
ATOM   374  N N   . GLY A 1 50  ? 6.045   0.227   4.027   1.00 24.45  ? 350  GLY F N   1 
ATOM   375  C CA  . GLY A 1 50  ? 6.227   0.540   5.424   1.00 25.70  ? 350  GLY F CA  1 
ATOM   376  C C   . GLY A 1 50  ? 5.629   -0.462  6.382   1.00 27.65  ? 350  GLY F C   1 
ATOM   377  O O   . GLY A 1 50  ? 4.669   -1.164  6.069   1.00 25.66  ? 350  GLY F O   1 
ATOM   378  N N   . VAL A 1 51  ? 6.231   -0.522  7.563   1.00 43.96  ? 351  VAL F N   1 
ATOM   379  C CA  . VAL A 1 51  ? 5.805   -1.394  8.645   1.00 45.51  ? 351  VAL F CA  1 
ATOM   380  C C   . VAL A 1 51  ? 6.143   -0.619  9.908   1.00 47.56  ? 351  VAL F C   1 
ATOM   381  O O   . VAL A 1 51  ? 7.312   -0.376  10.199  1.00 49.15  ? 351  VAL F O   1 
ATOM   382  C CB  . VAL A 1 51  ? 6.568   -2.739  8.629   1.00 35.39  ? 351  VAL F CB  1 
ATOM   383  C CG1 . VAL A 1 51  ? 6.317   -3.507  9.913   1.00 33.63  ? 351  VAL F CG1 1 
ATOM   384  C CG2 . VAL A 1 51  ? 6.116   -3.568  7.446   1.00 34.83  ? 351  VAL F CG2 1 
ATOM   385  N N   . GLY A 1 52  ? 5.112   -0.201  10.635  1.00 45.41  ? 352  GLY F N   1 
ATOM   386  C CA  . GLY A 1 52  ? 5.324   0.559   11.850  1.00 44.69  ? 352  GLY F CA  1 
ATOM   387  C C   . GLY A 1 52  ? 4.072   1.298   12.268  1.00 45.84  ? 352  GLY F C   1 
ATOM   388  O O   . GLY A 1 52  ? 2.961   0.892   11.935  1.00 47.62  ? 352  GLY F O   1 
ATOM   389  N N   . HIS A 1 53  ? 4.251   2.395   12.992  1.00 41.49  ? 353  HIS F N   1 
ATOM   390  C CA  . HIS A 1 53  ? 3.131   3.187   13.472  1.00 40.81  ? 353  HIS F CA  1 
ATOM   391  C C   . HIS A 1 53  ? 2.821   4.343   12.534  1.00 38.59  ? 353  HIS F C   1 
ATOM   392  O O   . HIS A 1 53  ? 3.729   4.947   11.963  1.00 36.13  ? 353  HIS F O   1 
ATOM   393  C CB  . HIS A 1 53  ? 3.438   3.720   14.876  1.00 67.19  ? 353  HIS F CB  1 
ATOM   394  C CG  . HIS A 1 53  ? 3.781   2.648   15.865  1.00 72.42  ? 353  HIS F CG  1 
ATOM   395  N ND1 . HIS A 1 53  ? 3.702   2.838   17.228  1.00 74.90  ? 353  HIS F ND1 1 
ATOM   396  C CD2 . HIS A 1 53  ? 4.186   1.366   15.687  1.00 74.32  ? 353  HIS F CD2 1 
ATOM   397  C CE1 . HIS A 1 53  ? 4.038   1.720   17.846  1.00 77.35  ? 353  HIS F CE1 1 
ATOM   398  N NE2 . HIS A 1 53  ? 4.336   0.812   16.934  1.00 77.31  ? 353  HIS F NE2 1 
ATOM   399  N N   . PHE A 1 54  ? 1.530   4.642   12.397  1.00 37.10  ? 354  PHE F N   1 
ATOM   400  C CA  . PHE A 1 54  ? 1.024   5.711   11.530  1.00 33.91  ? 354  PHE F CA  1 
ATOM   401  C C   . PHE A 1 54  ? 1.862   6.968   11.674  1.00 33.06  ? 354  PHE F C   1 
ATOM   402  O O   . PHE A 1 54  ? 2.322   7.539   10.682  1.00 33.15  ? 354  PHE F O   1 
ATOM   403  C CB  . PHE A 1 54  ? -0.424  6.029   11.908  1.00 29.18  ? 354  PHE F CB  1 
ATOM   404  C CG  . PHE A 1 54  ? -1.193  6.783   10.854  1.00 28.58  ? 354  PHE F CG  1 
ATOM   405  C CD1 . PHE A 1 54  ? -1.893  6.098   9.863   1.00 27.73  ? 354  PHE F CD1 1 
ATOM   406  C CD2 . PHE A 1 54  ? -1.277  8.174   10.890  1.00 28.62  ? 354  PHE F CD2 1 
ATOM   407  C CE1 . PHE A 1 54  ? -2.675  6.786   8.929   1.00 28.32  ? 354  PHE F CE1 1 
ATOM   408  C CE2 . PHE A 1 54  ? -2.057  8.878   9.957   1.00 29.10  ? 354  PHE F CE2 1 
ATOM   409  C CZ  . PHE A 1 54  ? -2.759  8.179   8.975   1.00 29.49  ? 354  PHE F CZ  1 
ATOM   410  N N   . GLY A 1 55  ? 2.055   7.388   12.920  1.00 26.69  ? 355  GLY F N   1 
ATOM   411  C CA  . GLY A 1 55  ? 2.824   8.582   13.213  1.00 26.03  ? 355  GLY F CA  1 
ATOM   412  C C   . GLY A 1 55  ? 4.236   8.648   12.663  1.00 25.38  ? 355  GLY F C   1 
ATOM   413  O O   . GLY A 1 55  ? 4.631   9.674   12.124  1.00 26.91  ? 355  GLY F O   1 
ATOM   414  N N   . GLU A 1 56  ? 5.010   7.580   12.810  1.00 23.69  ? 356  GLU F N   1 
ATOM   415  C CA  . GLU A 1 56  ? 6.369   7.588   12.292  1.00 26.48  ? 356  GLU F CA  1 
ATOM   416  C C   . GLU A 1 56  ? 6.338   7.553   10.762  1.00 26.51  ? 356  GLU F C   1 
ATOM   417  O O   . GLU A 1 56  ? 7.159   8.192   10.096  1.00 24.59  ? 356  GLU F O   1 
ATOM   418  C CB  . GLU A 1 56  ? 7.163   6.399   12.835  1.00 34.17  ? 356  GLU F CB  1 
ATOM   419  C CG  . GLU A 1 56  ? 8.523   6.251   12.194  1.00 41.85  ? 356  GLU F CG  1 
ATOM   420  C CD  . GLU A 1 56  ? 9.391   5.216   12.882  1.00 47.05  ? 356  GLU F CD  1 
ATOM   421  O OE1 . GLU A 1 56  ? 8.844   4.215   13.389  1.00 49.22  ? 356  GLU F OE1 1 
ATOM   422  O OE2 . GLU A 1 56  ? 10.629  5.397   12.903  1.00 50.65  ? 356  GLU F OE2 1 
ATOM   423  N N   . GLY A 1 57  ? 5.382   6.805   10.216  1.00 27.65  ? 357  GLY F N   1 
ATOM   424  C CA  . GLY A 1 57  ? 5.249   6.718   8.776   1.00 28.48  ? 357  GLY F CA  1 
ATOM   425  C C   . GLY A 1 57  ? 5.134   8.097   8.149   1.00 29.75  ? 357  GLY F C   1 
ATOM   426  O O   . GLY A 1 57  ? 5.849   8.407   7.196   1.00 29.13  ? 357  GLY F O   1 
ATOM   427  N N   . MET A 1 58  ? 4.246   8.933   8.683   1.00 30.43  ? 358  MET F N   1 
ATOM   428  C CA  . MET A 1 58  ? 4.074   10.278  8.147   1.00 32.40  ? 358  MET F CA  1 
ATOM   429  C C   . MET A 1 58  ? 5.292   11.143  8.439   1.00 33.92  ? 358  MET F C   1 
ATOM   430  O O   . MET A 1 58  ? 5.636   12.010  7.645   1.00 34.03  ? 358  MET F O   1 
ATOM   431  C CB  . MET A 1 58  ? 2.830   10.956  8.735   1.00 30.31  ? 358  MET F CB  1 
ATOM   432  C CG  . MET A 1 58  ? 1.495   10.294  8.400   1.00 28.00  ? 358  MET F CG  1 
ATOM   433  S SD  . MET A 1 58  ? 1.189   10.106  6.628   1.00 30.28  ? 358  MET F SD  1 
ATOM   434  C CE  . MET A 1 58  ? 0.988   11.836  6.111   1.00 27.95  ? 358  MET F CE  1 
ATOM   435  N N   . ARG A 1 59  ? 5.941   10.912  9.578   1.00 42.74  ? 359  ARG F N   1 
ATOM   436  C CA  . ARG A 1 59  ? 7.117   11.701  9.930   1.00 43.85  ? 359  ARG F CA  1 
ATOM   437  C C   . ARG A 1 59  ? 8.270   11.466  8.956   1.00 44.24  ? 359  ARG F C   1 
ATOM   438  O O   . ARG A 1 59  ? 8.941   12.415  8.540   1.00 45.89  ? 359  ARG F O   1 
ATOM   439  C CB  . ARG A 1 59  ? 7.602   11.392  11.353  1.00 34.52  ? 359  ARG F CB  1 
ATOM   440  C CG  . ARG A 1 59  ? 8.893   12.141  11.704  1.00 33.14  ? 359  ARG F CG  1 
ATOM   441  C CD  . ARG A 1 59  ? 9.244   12.072  13.177  1.00 33.55  ? 359  ARG F CD  1 
ATOM   442  N NE  . ARG A 1 59  ? 9.503   10.711  13.647  1.00 35.29  ? 359  ARG F NE  1 
ATOM   443  C CZ  . ARG A 1 59  ? 10.531  9.963   13.263  1.00 34.85  ? 359  ARG F CZ  1 
ATOM   444  N NH1 . ARG A 1 59  ? 11.417  10.437  12.395  1.00 34.35  ? 359  ARG F NH1 1 
ATOM   445  N NH2 . ARG A 1 59  ? 10.665  8.735   13.746  1.00 33.94  ? 359  ARG F NH2 1 
ATOM   446  N N   . ARG A 1 60  ? 8.512   10.207  8.603   1.00 30.85  ? 360  ARG F N   1 
ATOM   447  C CA  . ARG A 1 60  ? 9.587   9.908   7.675   1.00 29.56  ? 360  ARG F CA  1 
ATOM   448  C C   . ARG A 1 60  ? 9.242   10.452  6.300   1.00 29.21  ? 360  ARG F C   1 
ATOM   449  O O   . ARG A 1 60  ? 10.133  10.761  5.514   1.00 27.03  ? 360  ARG F O   1 
ATOM   450  C CB  . ARG A 1 60  ? 9.859   8.403   7.611   1.00 31.90  ? 360  ARG F CB  1 
ATOM   451  C CG  . ARG A 1 60  ? 10.297  7.833   8.951   1.00 33.06  ? 360  ARG F CG  1 
ATOM   452  C CD  . ARG A 1 60  ? 11.159  6.598   8.770   1.00 33.47  ? 360  ARG F CD  1 
ATOM   453  N NE  . ARG A 1 60  ? 11.540  6.014   10.051  1.00 33.05  ? 360  ARG F NE  1 
ATOM   454  C CZ  . ARG A 1 60  ? 12.463  5.072   10.195  1.00 33.87  ? 360  ARG F CZ  1 
ATOM   455  N NH1 . ARG A 1 60  ? 13.108  4.605   9.134   1.00 33.26  ? 360  ARG F NH1 1 
ATOM   456  N NH2 . ARG A 1 60  ? 12.739  4.593   11.401  1.00 34.16  ? 360  ARG F NH2 1 
ATOM   457  N N   . LEU A 1 61  ? 7.948   10.589  6.016   1.00 31.59  ? 361  LEU F N   1 
ATOM   458  C CA  . LEU A 1 61  ? 7.542   11.131  4.732   1.00 33.39  ? 361  LEU F CA  1 
ATOM   459  C C   . LEU A 1 61  ? 7.773   12.637  4.693   1.00 35.03  ? 361  LEU F C   1 
ATOM   460  O O   . LEU A 1 61  ? 8.380   13.148  3.749   1.00 33.13  ? 361  LEU F O   1 
ATOM   461  C CB  . LEU A 1 61  ? 6.076   10.812  4.428   1.00 38.25  ? 361  LEU F CB  1 
ATOM   462  C CG  . LEU A 1 61  ? 5.743   9.368   4.010   1.00 39.63  ? 361  LEU F CG  1 
ATOM   463  C CD1 . LEU A 1 61  ? 4.327   9.315   3.442   1.00 37.64  ? 361  LEU F CD1 1 
ATOM   464  C CD2 . LEU A 1 61  ? 6.736   8.886   2.958   1.00 38.16  ? 361  LEU F CD2 1 
ATOM   465  N N   . ARG A 1 62  ? 7.312   13.354  5.716   1.00 36.57  ? 362  ARG F N   1 
ATOM   466  C CA  . ARG A 1 62  ? 7.512   14.797  5.717   1.00 39.90  ? 362  ARG F CA  1 
ATOM   467  C C   . ARG A 1 62  ? 8.974   15.184  5.954   1.00 37.76  ? 362  ARG F C   1 
ATOM   468  O O   . ARG A 1 62  ? 9.476   16.087  5.306   1.00 37.29  ? 362  ARG F O   1 
ATOM   469  C CB  . ARG A 1 62  ? 6.578   15.488  6.724   1.00 58.88  ? 362  ARG F CB  1 
ATOM   470  C CG  . ARG A 1 62  ? 6.629   14.976  8.146   1.00 64.81  ? 362  ARG F CG  1 
ATOM   471  C CD  . ARG A 1 62  ? 5.451   15.520  8.954   1.00 69.38  ? 362  ARG F CD  1 
ATOM   472  N NE  . ARG A 1 62  ? 5.468   15.015  10.324  1.00 73.12  ? 362  ARG F NE  1 
ATOM   473  C CZ  . ARG A 1 62  ? 6.288   15.460  11.269  1.00 74.86  ? 362  ARG F CZ  1 
ATOM   474  N NH1 . ARG A 1 62  ? 7.156   16.427  10.995  1.00 76.13  ? 362  ARG F NH1 1 
ATOM   475  N NH2 . ARG A 1 62  ? 6.255   14.931  12.485  1.00 74.22  ? 362  ARG F NH2 1 
ATOM   476  N N   . GLU A 1 63  ? 9.663   14.489  6.855   1.00 42.61  ? 363  GLU F N   1 
ATOM   477  C CA  . GLU A 1 63  ? 11.074  14.777  7.122   1.00 42.45  ? 363  GLU F CA  1 
ATOM   478  C C   . GLU A 1 63  ? 11.915  14.750  5.850   1.00 42.83  ? 363  GLU F C   1 
ATOM   479  O O   . GLU A 1 63  ? 12.969  15.394  5.775   1.00 44.32  ? 363  GLU F O   1 
ATOM   480  C CB  . GLU A 1 63  ? 11.653  13.769  8.118   1.00 41.42  ? 363  GLU F CB  1 
ATOM   481  C CG  . GLU A 1 63  ? 11.495  14.195  9.565   1.00 46.20  ? 363  GLU F CG  1 
ATOM   482  C CD  . GLU A 1 63  ? 11.913  13.124  10.543  1.00 47.29  ? 363  GLU F CD  1 
ATOM   483  O OE1 . GLU A 1 63  ? 11.903  13.412  11.759  1.00 46.40  ? 363  GLU F OE1 1 
ATOM   484  O OE2 . GLU A 1 63  ? 12.241  11.999  10.099  1.00 48.23  ? 363  GLU F OE2 1 
ATOM   485  N N   . ASN A 1 64  ? 11.448  13.992  4.861   1.00 33.88  ? 364  ASN F N   1 
ATOM   486  C CA  . ASN A 1 64  ? 12.135  13.854  3.590   1.00 31.02  ? 364  ASN F CA  1 
ATOM   487  C C   . ASN A 1 64  ? 11.370  14.547  2.467   1.00 31.40  ? 364  ASN F C   1 
ATOM   488  O O   . ASN A 1 64  ? 11.591  14.273  1.290   1.00 32.01  ? 364  ASN F O   1 
ATOM   489  C CB  . ASN A 1 64  ? 12.335  12.371  3.275   1.00 37.17  ? 364  ASN F CB  1 
ATOM   490  C CG  . ASN A 1 64  ? 13.333  11.706  4.216   1.00 38.37  ? 364  ASN F CG  1 
ATOM   491  O OD1 . ASN A 1 64  ? 14.543  11.855  4.057   1.00 39.88  ? 364  ASN F OD1 1 
ATOM   492  N ND2 . ASN A 1 64  ? 12.828  10.981  5.210   1.00 38.19  ? 364  ASN F ND2 1 
ATOM   493  N N   . ASP A 1 65  ? 10.478  15.458  2.849   1.00 32.24  ? 365  ASP F N   1 
ATOM   494  C CA  . ASP A 1 65  ? 9.668   16.221  1.901   1.00 33.34  ? 365  ASP F CA  1 
ATOM   495  C C   . ASP A 1 65  ? 9.175   15.312  0.782   1.00 32.21  ? 365  ASP F C   1 
ATOM   496  O O   . ASP A 1 65  ? 9.505   15.515  -0.374  1.00 32.19  ? 365  ASP F O   1 
ATOM   497  C CB  . ASP A 1 65  ? 10.497  17.377  1.311   1.00 46.07  ? 365  ASP F CB  1 
ATOM   498  C CG  . ASP A 1 65  ? 9.652   18.376  0.521   1.00 48.93  ? 365  ASP F CG  1 
ATOM   499  O OD1 . ASP A 1 65  ? 10.230  19.150  -0.276  1.00 51.81  ? 365  ASP F OD1 1 
ATOM   500  O OD2 . ASP A 1 65  ? 8.418   18.400  0.694   1.00 51.23  ? 365  ASP F OD2 1 
ATOM   501  N N   . LEU A 1 66  ? 8.383   14.308  1.129   1.00 32.03  ? 366  LEU F N   1 
ATOM   502  C CA  . LEU A 1 66  ? 7.869   13.387  0.133   1.00 30.56  ? 366  LEU F CA  1 
ATOM   503  C C   . LEU A 1 66  ? 6.361   13.457  0.025   1.00 31.31  ? 366  LEU F C   1 
ATOM   504  O O   . LEU A 1 66  ? 5.784   12.945  -0.938  1.00 30.33  ? 366  LEU F O   1 
ATOM   505  C CB  . LEU A 1 66  ? 8.296   11.952  0.465   1.00 27.17  ? 366  LEU F CB  1 
ATOM   506  C CG  . LEU A 1 66  ? 9.769   11.611  0.269   1.00 25.37  ? 366  LEU F CG  1 
ATOM   507  C CD1 . LEU A 1 66  ? 10.055  10.206  0.787   1.00 24.79  ? 366  LEU F CD1 1 
ATOM   508  C CD2 . LEU A 1 66  ? 10.119  11.731  -1.207  1.00 24.55  ? 366  LEU F CD2 1 
ATOM   509  N N   . ILE A 1 67  ? 5.722   14.083  1.013   1.00 36.80  ? 367  ILE F N   1 
ATOM   510  C CA  . ILE A 1 67  ? 4.264   14.202  1.013   1.00 38.62  ? 367  ILE F CA  1 
ATOM   511  C C   . ILE A 1 67  ? 3.747   14.835  -0.281  1.00 38.58  ? 367  ILE F C   1 
ATOM   512  O O   . ILE A 1 67  ? 2.989   14.201  -1.016  1.00 39.22  ? 367  ILE F O   1 
ATOM   513  C CB  . ILE A 1 67  ? 3.757   15.003  2.252   1.00 38.72  ? 367  ILE F CB  1 
ATOM   514  C CG1 . ILE A 1 67  ? 3.925   14.151  3.513   1.00 38.94  ? 367  ILE F CG1 1 
ATOM   515  C CG2 . ILE A 1 67  ? 2.287   15.390  2.085   1.00 37.43  ? 367  ILE F CG2 1 
ATOM   516  C CD1 . ILE A 1 67  ? 3.554   14.854  4.789   1.00 38.36  ? 367  ILE F CD1 1 
ATOM   517  N N   . ASP A 1 68  ? 4.161   16.068  -0.575  1.00 34.96  ? 368  ASP F N   1 
ATOM   518  C CA  . ASP A 1 68  ? 3.711   16.720  -1.805  1.00 35.29  ? 368  ASP F CA  1 
ATOM   519  C C   . ASP A 1 68  ? 4.074   15.893  -3.032  1.00 34.19  ? 368  ASP F C   1 
ATOM   520  O O   . ASP A 1 68  ? 3.304   15.830  -3.987  1.00 31.72  ? 368  ASP F O   1 
ATOM   521  C CB  . ASP A 1 68  ? 4.317   18.117  -1.956  1.00 40.69  ? 368  ASP F CB  1 
ATOM   522  C CG  . ASP A 1 68  ? 3.866   18.808  -3.245  1.00 43.20  ? 368  ASP F CG  1 
ATOM   523  O OD1 . ASP A 1 68  ? 4.664   18.879  -4.210  1.00 42.36  ? 368  ASP F OD1 1 
ATOM   524  O OD2 . ASP A 1 68  ? 2.704   19.264  -3.295  1.00 42.05  ? 368  ASP F OD2 1 
ATOM   525  N N   . PHE A 1 69  ? 5.250   15.269  -3.005  1.00 37.45  ? 369  PHE F N   1 
ATOM   526  C CA  . PHE A 1 69  ? 5.693   14.454  -4.129  1.00 37.59  ? 369  PHE F CA  1 
ATOM   527  C C   . PHE A 1 69  ? 4.662   13.364  -4.390  1.00 37.80  ? 369  PHE F C   1 
ATOM   528  O O   . PHE A 1 69  ? 4.382   13.024  -5.541  1.00 38.85  ? 369  PHE F O   1 
ATOM   529  C CB  . PHE A 1 69  ? 7.055   13.820  -3.842  1.00 32.36  ? 369  PHE F CB  1 
ATOM   530  C CG  . PHE A 1 69  ? 7.665   13.117  -5.034  1.00 32.29  ? 369  PHE F CG  1 
ATOM   531  C CD1 . PHE A 1 69  ? 7.923   13.811  -6.216  1.00 30.25  ? 369  PHE F CD1 1 
ATOM   532  C CD2 . PHE A 1 69  ? 8.007   11.762  -4.966  1.00 31.77  ? 369  PHE F CD2 1 
ATOM   533  C CE1 . PHE A 1 69  ? 8.516   13.169  -7.317  1.00 29.51  ? 369  PHE F CE1 1 
ATOM   534  C CE2 . PHE A 1 69  ? 8.599   11.110  -6.059  1.00 30.01  ? 369  PHE F CE2 1 
ATOM   535  C CZ  . PHE A 1 69  ? 8.853   11.817  -7.235  1.00 30.52  ? 369  PHE F CZ  1 
ATOM   536  N N   . VAL A 1 70  ? 4.090   12.822  -3.321  1.00 32.29  ? 370  VAL F N   1 
ATOM   537  C CA  . VAL A 1 70  ? 3.085   11.783  -3.483  1.00 31.08  ? 370  VAL F CA  1 
ATOM   538  C C   . VAL A 1 70  ? 1.787   12.418  -3.963  1.00 32.31  ? 370  VAL F C   1 
ATOM   539  O O   . VAL A 1 70  ? 1.178   11.932  -4.903  1.00 31.36  ? 370  VAL F O   1 
ATOM   540  C CB  . VAL A 1 70  ? 2.830   11.017  -2.167  1.00 20.40  ? 370  VAL F CB  1 
ATOM   541  C CG1 . VAL A 1 70  ? 1.644   10.080  -2.328  1.00 17.22  ? 370  VAL F CG1 1 
ATOM   542  C CG2 . VAL A 1 70  ? 4.067   10.230  -1.784  1.00 17.97  ? 370  VAL F CG2 1 
ATOM   543  N N   . ARG A 1 71  ? 1.371   13.509  -3.328  1.00 35.94  ? 371  ARG F N   1 
ATOM   544  C CA  . ARG A 1 71  ? 0.129   14.167  -3.745  1.00 39.12  ? 371  ARG F CA  1 
ATOM   545  C C   . ARG A 1 71  ? 0.248   14.608  -5.201  1.00 38.24  ? 371  ARG F C   1 
ATOM   546  O O   . ARG A 1 71  ? -0.735  14.655  -5.940  1.00 35.64  ? 371  ARG F O   1 
ATOM   547  C CB  . ARG A 1 71  ? -0.174  15.385  -2.854  1.00 43.88  ? 371  ARG F CB  1 
ATOM   548  C CG  . ARG A 1 71  ? -0.582  15.051  -1.420  1.00 46.89  ? 371  ARG F CG  1 
ATOM   549  C CD  . ARG A 1 71  ? -0.739  16.325  -0.596  1.00 51.85  ? 371  ARG F CD  1 
ATOM   550  N NE  . ARG A 1 71  ? -0.656  16.094  0.847   1.00 53.65  ? 371  ARG F NE  1 
ATOM   551  C CZ  . ARG A 1 71  ? -1.707  15.954  1.648   1.00 55.85  ? 371  ARG F CZ  1 
ATOM   552  N NH1 . ARG A 1 71  ? -2.938  16.022  1.150   1.00 57.85  ? 371  ARG F NH1 1 
ATOM   553  N NH2 . ARG A 1 71  ? -1.529  15.747  2.948   1.00 55.25  ? 371  ARG F NH2 1 
ATOM   554  N N   . LYS A 1 72  ? 1.476   14.913  -5.600  1.00 42.16  ? 372  LYS F N   1 
ATOM   555  C CA  . LYS A 1 72  ? 1.767   15.366  -6.952  1.00 44.20  ? 372  LYS F CA  1 
ATOM   556  C C   . LYS A 1 72  ? 1.496   14.266  -7.977  1.00 43.89  ? 372  LYS F C   1 
ATOM   557  O O   . LYS A 1 72  ? 1.037   14.546  -9.081  1.00 41.78  ? 372  LYS F O   1 
ATOM   558  C CB  . LYS A 1 72  ? 3.228   15.808  -7.028  1.00 53.07  ? 372  LYS F CB  1 
ATOM   559  C CG  . LYS A 1 72  ? 3.584   16.676  -8.220  1.00 54.93  ? 372  LYS F CG  1 
ATOM   560  C CD  . LYS A 1 72  ? 5.047   17.086  -8.118  1.00 57.77  ? 372  LYS F CD  1 
ATOM   561  C CE  . LYS A 1 72  ? 5.494   17.962  -9.272  1.00 58.94  ? 372  LYS F CE  1 
ATOM   562  N NZ  . LYS A 1 72  ? 6.960   18.236  -9.171  1.00 59.28  ? 372  LYS F NZ  1 
ATOM   563  N N   . HIS A 1 73  ? 1.779   13.020  -7.597  1.00 34.10  ? 373  HIS F N   1 
ATOM   564  C CA  . HIS A 1 73  ? 1.576   11.862  -8.464  1.00 33.73  ? 373  HIS F CA  1 
ATOM   565  C C   . HIS A 1 73  ? 0.120   11.534  -8.714  1.00 34.68  ? 373  HIS F C   1 
ATOM   566  O O   . HIS A 1 73  ? -0.257  11.100  -9.805  1.00 30.51  ? 373  HIS F O   1 
ATOM   567  C CB  . HIS A 1 73  ? 2.246   10.641  -7.858  1.00 36.34  ? 373  HIS F CB  1 
ATOM   568  C CG  . HIS A 1 73  ? 3.708   10.569  -8.132  1.00 35.16  ? 373  HIS F CG  1 
ATOM   569  N ND1 . HIS A 1 73  ? 4.229   9.842   -9.178  1.00 33.61  ? 373  HIS F ND1 1 
ATOM   570  C CD2 . HIS A 1 73  ? 4.760   11.140  -7.503  1.00 35.25  ? 373  HIS F CD2 1 
ATOM   571  C CE1 . HIS A 1 73  ? 5.544   9.964   -9.179  1.00 36.05  ? 373  HIS F CE1 1 
ATOM   572  N NE2 . HIS A 1 73  ? 5.892   10.747  -8.173  1.00 36.52  ? 373  HIS F NE2 1 
ATOM   573  N N   . VAL A 1 74  ? -0.696  11.714  -7.683  1.00 47.94  ? 374  VAL F N   1 
ATOM   574  C CA  . VAL A 1 74  ? -2.111  11.441  -7.816  1.00 51.10  ? 374  VAL F CA  1 
ATOM   575  C C   . VAL A 1 74  ? -2.712  12.478  -8.768  1.00 54.51  ? 374  VAL F C   1 
ATOM   576  O O   . VAL A 1 74  ? -3.248  12.124  -9.823  1.00 55.22  ? 374  VAL F O   1 
ATOM   577  C CB  . VAL A 1 74  ? -2.812  11.497  -6.447  1.00 34.81  ? 374  VAL F CB  1 
ATOM   578  C CG1 . VAL A 1 74  ? -4.298  11.224  -6.609  1.00 34.23  ? 374  VAL F CG1 1 
ATOM   579  C CG2 . VAL A 1 74  ? -2.192  10.475  -5.515  1.00 32.52  ? 374  VAL F CG2 1 
ATOM   580  N N   . GLU A 1 75  ? -2.595  13.755  -8.412  1.00 50.81  ? 375  GLU F N   1 
ATOM   581  C CA  . GLU A 1 75  ? -3.134  14.821  -9.246  1.00 54.22  ? 375  GLU F CA  1 
ATOM   582  C C   . GLU A 1 75  ? -2.715  14.635  -10.704 1.00 55.15  ? 375  GLU F C   1 
ATOM   583  O O   . GLU A 1 75  ? -3.517  14.813  -11.619 1.00 55.77  ? 375  GLU F O   1 
ATOM   584  C CB  . GLU A 1 75  ? -2.660  16.186  -8.744  1.00 59.36  ? 375  GLU F CB  1 
ATOM   585  C CG  . GLU A 1 75  ? -3.436  17.346  -9.345  1.00 64.16  ? 375  GLU F CG  1 
ATOM   586  C CD  . GLU A 1 75  ? -2.921  18.705  -8.899  1.00 66.76  ? 375  GLU F CD  1 
ATOM   587  O OE1 . GLU A 1 75  ? -1.790  19.070  -9.280  1.00 67.76  ? 375  GLU F OE1 1 
ATOM   588  O OE2 . GLU A 1 75  ? -3.649  19.406  -8.165  1.00 68.84  ? 375  GLU F OE2 1 
ATOM   589  N N   . ASP A 1 76  ? -1.458  14.261  -10.911 1.00 56.23  ? 376  ASP F N   1 
ATOM   590  C CA  . ASP A 1 76  ? -0.921  14.050  -12.253 1.00 56.97  ? 376  ASP F CA  1 
ATOM   591  C C   . ASP A 1 76  ? -1.340  12.704  -12.863 1.00 55.72  ? 376  ASP F C   1 
ATOM   592  O O   . ASP A 1 76  ? -0.657  12.164  -13.733 1.00 55.76  ? 376  ASP F O   1 
ATOM   593  C CB  . ASP A 1 76  ? 0.609   14.167  -12.215 1.00 82.40  ? 376  ASP F CB  1 
ATOM   594  C CG  . ASP A 1 76  ? 1.090   15.613  -12.021 1.00 86.27  ? 376  ASP F CG  1 
ATOM   595  O OD1 . ASP A 1 76  ? 0.518   16.337  -11.173 1.00 88.27  ? 376  ASP F OD1 1 
ATOM   596  O OD2 . ASP A 1 76  ? 2.051   16.023  -12.713 1.00 88.36  ? 376  ASP F OD2 1 
ATOM   597  N N   . GLU A 1 77  ? -2.467  12.175  -12.396 1.00 57.43  ? 377  GLU F N   1 
ATOM   598  C CA  . GLU A 1 77  ? -3.019  10.907  -12.879 1.00 55.41  ? 377  GLU F CA  1 
ATOM   599  C C   . GLU A 1 77  ? -2.051  9.716   -12.997 1.00 53.87  ? 377  GLU F C   1 
ATOM   600  O O   . GLU A 1 77  ? -2.070  9.001   -13.999 1.00 54.13  ? 377  GLU F O   1 
ATOM   601  C CB  . GLU A 1 77  ? -3.720  11.140  -14.214 1.00 46.15  ? 377  GLU F CB  1 
ATOM   602  N N   . ARG A 1 78  ? -1.223  9.490   -11.976 1.00 48.42  ? 378  ARG F N   1 
ATOM   603  C CA  . ARG A 1 78  ? -0.268  8.370   -11.979 1.00 46.73  ? 378  ARG F CA  1 
ATOM   604  C C   . ARG A 1 78  ? -0.687  7.320   -10.940 1.00 42.99  ? 378  ARG F C   1 
ATOM   605  O O   . ARG A 1 78  ? -1.471  7.619   -10.038 1.00 42.73  ? 378  ARG F O   1 
ATOM   606  C CB  . ARG A 1 78  ? 1.152   8.858   -11.644 1.00 58.53  ? 378  ARG F CB  1 
ATOM   607  C CG  . ARG A 1 78  ? 1.649   10.054  -12.453 1.00 61.16  ? 378  ARG F CG  1 
ATOM   608  C CD  . ARG A 1 78  ? 1.542   9.831   -13.956 1.00 65.82  ? 378  ARG F CD  1 
ATOM   609  N NE  . ARG A 1 78  ? 2.153   10.931  -14.700 1.00 70.39  ? 378  ARG F NE  1 
ATOM   610  C CZ  . ARG A 1 78  ? 3.458   11.048  -14.935 1.00 71.46  ? 378  ARG F CZ  1 
ATOM   611  N NH1 . ARG A 1 78  ? 4.305   10.127  -14.494 1.00 71.49  ? 378  ARG F NH1 1 
ATOM   612  N NH2 . ARG A 1 78  ? 3.920   12.100  -15.598 1.00 71.80  ? 378  ARG F NH2 1 
ATOM   613  N N   . TYR A 1 79  ? -0.165  6.101   -11.053 1.00 36.66  ? 379  TYR F N   1 
ATOM   614  C CA  . TYR A 1 79  ? -0.515  5.040   -10.100 1.00 35.33  ? 379  TYR F CA  1 
ATOM   615  C C   . TYR A 1 79  ? 0.295   5.086   -8.806  1.00 30.70  ? 379  TYR F C   1 
ATOM   616  O O   . TYR A 1 79  ? 1.526   5.002   -8.824  1.00 28.96  ? 379  TYR F O   1 
ATOM   617  C CB  . TYR A 1 79  ? -0.352  3.653   -10.726 1.00 63.46  ? 379  TYR F CB  1 
ATOM   618  C CG  . TYR A 1 79  ? -1.442  3.255   -11.701 1.00 71.18  ? 379  TYR F CG  1 
ATOM   619  C CD1 . TYR A 1 79  ? -1.538  3.858   -12.958 1.00 73.51  ? 379  TYR F CD1 1 
ATOM   620  C CD2 . TYR A 1 79  ? -2.359  2.249   -11.380 1.00 74.24  ? 379  TYR F CD2 1 
ATOM   621  C CE1 . TYR A 1 79  ? -2.516  3.469   -13.874 1.00 75.88  ? 379  TYR F CE1 1 
ATOM   622  C CE2 . TYR A 1 79  ? -3.343  1.853   -12.288 1.00 76.14  ? 379  TYR F CE2 1 
ATOM   623  C CZ  . TYR A 1 79  ? -3.413  2.465   -13.534 1.00 78.09  ? 379  TYR F CZ  1 
ATOM   624  O OH  . TYR A 1 79  ? -4.376  2.073   -14.448 1.00 81.51  ? 379  TYR F OH  1 
ATOM   625  N N   . VAL A 1 80  ? -0.419  5.215   -7.689  1.00 29.25  ? 380  VAL F N   1 
ATOM   626  C CA  . VAL A 1 80  ? 0.173   5.272   -6.353  1.00 26.19  ? 380  VAL F CA  1 
ATOM   627  C C   . VAL A 1 80  ? -0.331  4.050   -5.598  1.00 24.21  ? 380  VAL F C   1 
ATOM   628  O O   . VAL A 1 80  ? -1.542  3.852   -5.467  1.00 24.53  ? 380  VAL F O   1 
ATOM   629  C CB  . VAL A 1 80  ? -0.285  6.533   -5.579  1.00 28.41  ? 380  VAL F CB  1 
ATOM   630  C CG1 . VAL A 1 80  ? 0.368   6.572   -4.201  1.00 27.71  ? 380  VAL F CG1 1 
ATOM   631  C CG2 . VAL A 1 80  ? 0.052   7.792   -6.370  1.00 29.06  ? 380  VAL F CG2 1 
ATOM   632  N N   . VAL A 1 81  ? 0.586   3.228   -5.105  1.00 19.91  ? 381  VAL F N   1 
ATOM   633  C CA  . VAL A 1 81  ? 0.179   2.038   -4.386  1.00 18.55  ? 381  VAL F CA  1 
ATOM   634  C C   . VAL A 1 81  ? 0.731   1.966   -2.976  1.00 18.59  ? 381  VAL F C   1 
ATOM   635  O O   . VAL A 1 81  ? 1.940   1.943   -2.767  1.00 19.50  ? 381  VAL F O   1 
ATOM   636  C CB  . VAL A 1 81  ? 0.578   0.759   -5.160  1.00 21.46  ? 381  VAL F CB  1 
ATOM   637  C CG1 . VAL A 1 81  ? 0.211   -0.497  -4.346  1.00 20.40  ? 381  VAL F CG1 1 
ATOM   638  C CG2 . VAL A 1 81  ? -0.142  0.741   -6.511  1.00 20.52  ? 381  VAL F CG2 1 
ATOM   639  N N   . GLY A 1 82  ? -0.178  1.932   -2.010  1.00 18.38  ? 382  GLY F N   1 
ATOM   640  C CA  . GLY A 1 82  ? 0.218   1.850   -0.625  1.00 19.66  ? 382  GLY F CA  1 
ATOM   641  C C   . GLY A 1 82  ? 0.233   0.398   -0.195  1.00 21.98  ? 382  GLY F C   1 
ATOM   642  O O   . GLY A 1 82  ? -0.719  -0.347  -0.438  1.00 22.73  ? 382  GLY F O   1 
ATOM   643  N N   . VAL A 1 83  ? 1.322   -0.003  0.446   1.00 24.28  ? 383  VAL F N   1 
ATOM   644  C CA  . VAL A 1 83  ? 1.482   -1.368  0.923   1.00 25.13  ? 383  VAL F CA  1 
ATOM   645  C C   . VAL A 1 83  ? 1.658   -1.360  2.433   1.00 25.80  ? 383  VAL F C   1 
ATOM   646  O O   . VAL A 1 83  ? 2.462   -0.599  2.974   1.00 24.41  ? 383  VAL F O   1 
ATOM   647  C CB  . VAL A 1 83  ? 2.721   -2.047  0.307   1.00 25.54  ? 383  VAL F CB  1 
ATOM   648  C CG1 . VAL A 1 83  ? 2.764   -3.487  0.731   1.00 28.41  ? 383  VAL F CG1 1 
ATOM   649  C CG2 . VAL A 1 83  ? 2.689   -1.952  -1.203  1.00 25.78  ? 383  VAL F CG2 1 
ATOM   650  N N   . CYS A 1 84  ? 0.900   -2.208  3.113   1.00 26.34  ? 384  CYS F N   1 
ATOM   651  C CA  . CYS A 1 84  ? 0.993   -2.301  4.554   1.00 28.12  ? 384  CYS F CA  1 
ATOM   652  C C   . CYS A 1 84  ? 0.690   -0.981  5.234   1.00 26.74  ? 384  CYS F C   1 
ATOM   653  O O   . CYS A 1 84  ? -0.402  -0.436  5.080   1.00 27.67  ? 384  CYS F O   1 
ATOM   654  C CB  . CYS A 1 84  ? 2.384   -2.785  4.937   1.00 49.94  ? 384  CYS F CB  1 
ATOM   655  S SG  . CYS A 1 84  ? 2.570   -4.559  4.759   1.00 66.11  ? 384  CYS F SG  1 
ATOM   656  N N   . LEU A 1 85  ? 1.649   -0.469  5.997   1.00 30.01  ? 385  LEU F N   1 
ATOM   657  C CA  . LEU A 1 85  ? 1.445   0.800   6.674   1.00 29.77  ? 385  LEU F CA  1 
ATOM   658  C C   . LEU A 1 85  ? 1.194   1.898   5.645   1.00 28.01  ? 385  LEU F C   1 
ATOM   659  O O   . LEU A 1 85  ? 0.444   2.837   5.907   1.00 28.40  ? 385  LEU F O   1 
ATOM   660  C CB  . LEU A 1 85  ? 2.662   1.158   7.531   1.00 28.88  ? 385  LEU F CB  1 
ATOM   661  C CG  . LEU A 1 85  ? 2.636   2.534   8.202   1.00 29.03  ? 385  LEU F CG  1 
ATOM   662  C CD1 . LEU A 1 85  ? 1.489   2.585   9.208   1.00 29.14  ? 385  LEU F CD1 1 
ATOM   663  C CD2 . LEU A 1 85  ? 3.979   2.799   8.887   1.00 27.09  ? 385  LEU F CD2 1 
ATOM   664  N N   . GLY A 1 86  ? 1.833   1.769   4.482   1.00 21.41  ? 386  GLY F N   1 
ATOM   665  C CA  . GLY A 1 86  ? 1.686   2.749   3.419   1.00 18.16  ? 386  GLY F CA  1 
ATOM   666  C C   . GLY A 1 86  ? 0.243   2.838   2.966   1.00 19.10  ? 386  GLY F C   1 
ATOM   667  O O   . GLY A 1 86  ? -0.213  3.892   2.514   1.00 15.47  ? 386  GLY F O   1 
ATOM   668  N N   . MET A 1 87  ? -0.473  1.720   3.071   1.00 23.46  ? 387  MET F N   1 
ATOM   669  C CA  . MET A 1 87  ? -1.881  1.692   2.697   1.00 25.21  ? 387  MET F CA  1 
ATOM   670  C C   . MET A 1 87  ? -2.680  2.542   3.683   1.00 26.46  ? 387  MET F C   1 
ATOM   671  O O   . MET A 1 87  ? -3.598  3.256   3.283   1.00 29.09  ? 387  MET F O   1 
ATOM   672  C CB  . MET A 1 87  ? -2.450  0.270   2.718   1.00 21.42  ? 387  MET F CB  1 
ATOM   673  C CG  . MET A 1 87  ? -3.968  0.302   2.534   1.00 25.15  ? 387  MET F CG  1 
ATOM   674  S SD  . MET A 1 87  ? -4.878  -1.250  2.446   1.00 25.74  ? 387  MET F SD  1 
ATOM   675  C CE  . MET A 1 87  ? -6.141  -0.948  3.656   1.00 26.76  ? 387  MET F CE  1 
ATOM   676  N N   . GLN A 1 88  ? -2.347  2.441   4.972   1.00 21.31  ? 388  GLN F N   1 
ATOM   677  C CA  . GLN A 1 88  ? -3.031  3.219   5.998   1.00 22.74  ? 388  GLN F CA  1 
ATOM   678  C C   . GLN A 1 88  ? -2.724  4.708   5.853   1.00 22.55  ? 388  GLN F C   1 
ATOM   679  O O   . GLN A 1 88  ? -3.596  5.561   6.038   1.00 22.27  ? 388  GLN F O   1 
ATOM   680  C CB  . GLN A 1 88  ? -2.618  2.734   7.387   1.00 30.43  ? 388  GLN F CB  1 
ATOM   681  C CG  . GLN A 1 88  ? -3.400  1.526   7.852   1.00 32.82  ? 388  GLN F CG  1 
ATOM   682  C CD  . GLN A 1 88  ? -2.792  0.864   9.061   1.00 36.58  ? 388  GLN F CD  1 
ATOM   683  O OE1 . GLN A 1 88  ? -2.230  1.528   9.929   1.00 36.22  ? 388  GLN F OE1 1 
ATOM   684  N NE2 . GLN A 1 88  ? -2.919  -0.462  9.136   1.00 39.12  ? 388  GLN F NE2 1 
ATOM   685  N N   . LEU A 1 89  ? -1.484  5.017   5.500   1.00 24.46  ? 389  LEU F N   1 
ATOM   686  C CA  . LEU A 1 89  ? -1.085  6.402   5.329   1.00 25.29  ? 389  LEU F CA  1 
ATOM   687  C C   . LEU A 1 89  ? -1.922  7.079   4.256   1.00 26.21  ? 389  LEU F C   1 
ATOM   688  O O   . LEU A 1 89  ? -1.931  8.305   4.167   1.00 25.62  ? 389  LEU F O   1 
ATOM   689  C CB  . LEU A 1 89  ? 0.398   6.499   4.953   1.00 19.43  ? 389  LEU F CB  1 
ATOM   690  C CG  . LEU A 1 89  ? 1.431   6.002   5.954   1.00 23.09  ? 389  LEU F CG  1 
ATOM   691  C CD1 . LEU A 1 89  ? 2.835   6.310   5.418   1.00 20.92  ? 389  LEU F CD1 1 
ATOM   692  C CD2 . LEU A 1 89  ? 1.213   6.680   7.314   1.00 20.74  ? 389  LEU F CD2 1 
ATOM   693  N N   . LEU A 1 90  ? -2.617  6.286   3.440   1.00 25.70  ? 390  LEU F N   1 
ATOM   694  C CA  . LEU A 1 90  ? -3.435  6.841   2.373   1.00 28.02  ? 390  LEU F CA  1 
ATOM   695  C C   . LEU A 1 90  ? -4.649  7.589   2.924   1.00 31.00  ? 390  LEU F C   1 
ATOM   696  O O   . LEU A 1 90  ? -5.195  8.472   2.255   1.00 31.98  ? 390  LEU F O   1 
ATOM   697  C CB  . LEU A 1 90  ? -3.936  5.736   1.430   1.00 21.34  ? 390  LEU F CB  1 
ATOM   698  C CG  . LEU A 1 90  ? -2.976  4.882   0.583   1.00 21.56  ? 390  LEU F CG  1 
ATOM   699  C CD1 . LEU A 1 90  ? -3.799  3.893   -0.271  1.00 14.38  ? 390  LEU F CD1 1 
ATOM   700  C CD2 . LEU A 1 90  ? -2.113  5.777   -0.301  1.00 18.69  ? 390  LEU F CD2 1 
ATOM   701  N N   . PHE A 1 91  ? -5.071  7.238   4.137   1.00 28.95  ? 391  PHE F N   1 
ATOM   702  C CA  . PHE A 1 91  ? -6.246  7.867   4.721   1.00 31.06  ? 391  PHE F CA  1 
ATOM   703  C C   . PHE A 1 91  ? -6.003  9.121   5.545   1.00 34.12  ? 391  PHE F C   1 
ATOM   704  O O   . PHE A 1 91  ? -4.872  9.565   5.714   1.00 34.68  ? 391  PHE F O   1 
ATOM   705  C CB  . PHE A 1 91  ? -7.041  6.835   5.521   1.00 26.86  ? 391  PHE F CB  1 
ATOM   706  C CG  . PHE A 1 91  ? -7.584  5.726   4.671   1.00 25.55  ? 391  PHE F CG  1 
ATOM   707  C CD1 . PHE A 1 91  ? -6.789  4.631   4.337   1.00 23.49  ? 391  PHE F CD1 1 
ATOM   708  C CD2 . PHE A 1 91  ? -8.871  5.809   4.138   1.00 23.58  ? 391  PHE F CD2 1 
ATOM   709  C CE1 . PHE A 1 91  ? -7.266  3.633   3.482   1.00 21.55  ? 391  PHE F CE1 1 
ATOM   710  C CE2 . PHE A 1 91  ? -9.358  4.822   3.284   1.00 21.12  ? 391  PHE F CE2 1 
ATOM   711  C CZ  . PHE A 1 91  ? -8.554  3.731   2.955   1.00 22.16  ? 391  PHE F CZ  1 
ATOM   712  N N   . GLU A 1 92  ? -7.091  9.682   6.060   1.00 39.46  ? 392  GLU F N   1 
ATOM   713  C CA  . GLU A 1 92  ? -7.057  10.933  6.811   1.00 40.65  ? 392  GLU F CA  1 
ATOM   714  C C   . GLU A 1 92  ? -6.459  10.903  8.200   1.00 40.76  ? 392  GLU F C   1 
ATOM   715  O O   . GLU A 1 92  ? -5.749  11.825  8.585   1.00 40.96  ? 392  GLU F O   1 
ATOM   716  C CB  . GLU A 1 92  ? -8.469  11.515  6.879   1.00 45.26  ? 392  GLU F CB  1 
ATOM   717  C CG  . GLU A 1 92  ? -9.098  11.753  5.517   1.00 49.97  ? 392  GLU F CG  1 
ATOM   718  C CD  . GLU A 1 92  ? -10.532 12.244  5.609   1.00 52.87  ? 392  GLU F CD  1 
ATOM   719  O OE1 . GLU A 1 92  ? -10.763 13.285  6.264   1.00 57.32  ? 392  GLU F OE1 1 
ATOM   720  O OE2 . GLU A 1 92  ? -11.427 11.593  5.027   1.00 53.37  ? 392  GLU F OE2 1 
ATOM   721  N N   . GLU A 1 93  ? -6.741  9.858   8.961   1.00 41.80  ? 393  GLU F N   1 
ATOM   722  C CA  . GLU A 1 93  ? -6.212  9.785   10.315  1.00 45.06  ? 393  GLU F CA  1 
ATOM   723  C C   . GLU A 1 93  ? -6.214  8.362   10.837  1.00 43.70  ? 393  GLU F C   1 
ATOM   724  O O   . GLU A 1 93  ? -6.692  7.446   10.174  1.00 42.94  ? 393  GLU F O   1 
ATOM   725  C CB  . GLU A 1 93  ? -7.058  10.654  11.244  1.00 73.90  ? 393  GLU F CB  1 
ATOM   726  C CG  . GLU A 1 93  ? -8.499  10.158  11.361  1.00 81.50  ? 393  GLU F CG  1 
ATOM   727  C CD  . GLU A 1 93  ? -9.401  11.092  12.145  1.00 86.18  ? 393  GLU F CD  1 
ATOM   728  O OE1 . GLU A 1 93  ? -9.112  11.351  13.337  1.00 89.96  ? 393  GLU F OE1 1 
ATOM   729  O OE2 . GLU A 1 93  ? -10.405 11.564  11.566  1.00 89.28  ? 393  GLU F OE2 1 
ATOM   730  N N   . SER A 1 94  ? -5.687  8.195   12.042  1.00 43.02  ? 394  SER F N   1 
ATOM   731  C CA  . SER A 1 94  ? -5.627  6.895   12.679  1.00 42.51  ? 394  SER F CA  1 
ATOM   732  C C   . SER A 1 94  ? -5.637  7.049   14.188  1.00 45.25  ? 394  SER F C   1 
ATOM   733  O O   . SER A 1 94  ? -5.110  8.020   14.732  1.00 46.70  ? 394  SER F O   1 
ATOM   734  C CB  . SER A 1 94  ? -4.363  6.150   12.261  1.00 31.05  ? 394  SER F CB  1 
ATOM   735  O OG  . SER A 1 94  ? -4.187  4.989   13.055  1.00 26.46  ? 394  SER F OG  1 
ATOM   736  N N   . GLU A 1 95  ? -6.243  6.081   14.860  1.00 53.82  ? 395  GLU F N   1 
ATOM   737  C CA  . GLU A 1 95  ? -6.315  6.097   16.305  1.00 55.03  ? 395  GLU F CA  1 
ATOM   738  C C   . GLU A 1 95  ? -4.919  5.909   16.861  1.00 55.44  ? 395  GLU F C   1 
ATOM   739  O O   . GLU A 1 95  ? -4.607  6.397   17.944  1.00 58.04  ? 395  GLU F O   1 
ATOM   740  C CB  . GLU A 1 95  ? -7.206  4.963   16.812  1.00 51.72  ? 395  GLU F CB  1 
ATOM   741  C CG  . GLU A 1 95  ? -8.560  4.867   16.128  1.00 52.01  ? 395  GLU F CG  1 
ATOM   742  C CD  . GLU A 1 95  ? -9.571  4.094   16.953  1.00 51.96  ? 395  GLU F CD  1 
ATOM   743  O OE1 . GLU A 1 95  ? -9.219  3.016   17.487  1.00 49.37  ? 395  GLU F OE1 1 
ATOM   744  O OE2 . GLU A 1 95  ? -10.722 4.571   17.058  1.00 52.70  ? 395  GLU F OE2 1 
ATOM   745  N N   . GLU A 1 96  ? -4.085  5.197   16.111  1.00 46.86  ? 396  GLU F N   1 
ATOM   746  C CA  . GLU A 1 96  ? -2.717  4.918   16.528  1.00 46.33  ? 396  GLU F CA  1 
ATOM   747  C C   . GLU A 1 96  ? -1.877  6.179   16.743  1.00 47.26  ? 396  GLU F C   1 
ATOM   748  O O   . GLU A 1 96  ? -0.849  6.144   17.422  1.00 47.96  ? 396  GLU F O   1 
ATOM   749  C CB  . GLU A 1 96  ? -2.041  4.010   15.496  1.00 43.87  ? 396  GLU F CB  1 
ATOM   750  C CG  . GLU A 1 96  ? -0.627  3.582   15.867  1.00 43.09  ? 396  GLU F CG  1 
ATOM   751  C CD  . GLU A 1 96  ? -0.092  2.474   14.974  1.00 43.22  ? 396  GLU F CD  1 
ATOM   752  O OE1 . GLU A 1 96  ? -0.130  2.633   13.732  1.00 44.05  ? 396  GLU F OE1 1 
ATOM   753  O OE2 . GLU A 1 96  ? 0.373   1.446   15.517  1.00 40.81  ? 396  GLU F OE2 1 
ATOM   754  N N   . ALA A 1 97  ? -2.315  7.296   16.178  1.00 39.29  ? 397  ALA F N   1 
ATOM   755  C CA  . ALA A 1 97  ? -1.570  8.536   16.320  1.00 39.59  ? 397  ALA F CA  1 
ATOM   756  C C   . ALA A 1 97  ? -2.494  9.729   16.134  1.00 39.91  ? 397  ALA F C   1 
ATOM   757  O O   . ALA A 1 97  ? -2.614  10.265  15.033  1.00 37.95  ? 397  ALA F O   1 
ATOM   758  C CB  . ALA A 1 97  ? -0.441  8.575   15.300  1.00 59.86  ? 397  ALA F CB  1 
ATOM   759  N N   . PRO A 1 98  ? -3.158  10.159  17.225  1.00 51.71  ? 398  PRO F N   1 
ATOM   760  C CA  . PRO A 1 98  ? -4.099  11.290  17.260  1.00 51.31  ? 398  PRO F CA  1 
ATOM   761  C C   . PRO A 1 98  ? -3.467  12.613  16.832  1.00 51.08  ? 398  PRO F C   1 
ATOM   762  O O   . PRO A 1 98  ? -2.310  12.889  17.147  1.00 50.56  ? 398  PRO F O   1 
ATOM   763  C CB  . PRO A 1 98  ? -4.548  11.335  18.724  1.00 58.51  ? 398  PRO F CB  1 
ATOM   764  C CG  . PRO A 1 98  ? -4.319  9.925   19.214  1.00 60.40  ? 398  PRO F CG  1 
ATOM   765  C CD  . PRO A 1 98  ? -3.008  9.563   18.567  1.00 58.67  ? 398  PRO F CD  1 
ATOM   766  N N   . GLY A 1 99  ? -4.231  13.429  16.120  1.00 52.68  ? 399  GLY F N   1 
ATOM   767  C CA  . GLY A 1 99  ? -3.715  14.709  15.685  1.00 53.83  ? 399  GLY F CA  1 
ATOM   768  C C   . GLY A 1 99  ? -2.846  14.646  14.444  1.00 55.48  ? 399  GLY F C   1 
ATOM   769  O O   . GLY A 1 99  ? -2.768  15.628  13.703  1.00 56.93  ? 399  GLY F O   1 
ATOM   770  N N   . VAL A 1 100 ? -2.192  13.506  14.208  1.00 52.41  ? 400  VAL F N   1 
ATOM   771  C CA  . VAL A 1 100 ? -1.326  13.349  13.037  1.00 50.00  ? 400  VAL F CA  1 
ATOM   772  C C   . VAL A 1 100 ? -2.160  13.116  11.782  1.00 50.09  ? 400  VAL F C   1 
ATOM   773  O O   . VAL A 1 100 ? -2.886  12.131  11.691  1.00 52.05  ? 400  VAL F O   1 
ATOM   774  C CB  . VAL A 1 100 ? -0.356  12.160  13.204  1.00 44.24  ? 400  VAL F CB  1 
ATOM   775  C CG1 . VAL A 1 100 ? 0.672   12.169  12.081  1.00 43.24  ? 400  VAL F CG1 1 
ATOM   776  C CG2 . VAL A 1 100 ? 0.328   12.224  14.562  1.00 41.59  ? 400  VAL F CG2 1 
ATOM   777  N N   . LYS A 1 101 ? -2.054  14.027  10.820  1.00 50.02  ? 401  LYS F N   1 
ATOM   778  C CA  . LYS A 1 101 ? -2.805  13.926  9.570   1.00 50.75  ? 401  LYS F CA  1 
ATOM   779  C C   . LYS A 1 101 ? -2.165  12.941  8.593   1.00 50.16  ? 401  LYS F C   1 
ATOM   780  O O   . LYS A 1 101 ? -0.944  12.884  8.464   1.00 50.83  ? 401  LYS F O   1 
ATOM   781  C CB  . LYS A 1 101 ? -2.908  15.305  8.912   1.00 55.28  ? 401  LYS F CB  1 
ATOM   782  C CG  . LYS A 1 101 ? -3.657  15.332  7.581   1.00 57.56  ? 401  LYS F CG  1 
ATOM   783  C CD  . LYS A 1 101 ? -3.832  16.770  7.100   1.00 59.03  ? 401  LYS F CD  1 
ATOM   784  C CE  . LYS A 1 101 ? -4.603  16.854  5.788   1.00 59.30  ? 401  LYS F CE  1 
ATOM   785  N NZ  . LYS A 1 101 ? -3.805  16.380  4.628   1.00 60.65  ? 401  LYS F NZ  1 
ATOM   786  N N   . GLY A 1 102 ? -2.995  12.156  7.914   1.00 53.33  ? 402  GLY F N   1 
ATOM   787  C CA  . GLY A 1 102 ? -2.469  11.199  6.958   1.00 52.04  ? 402  GLY F CA  1 
ATOM   788  C C   . GLY A 1 102 ? -2.351  11.848  5.596   1.00 50.77  ? 402  GLY F C   1 
ATOM   789  O O   . GLY A 1 102 ? -2.617  13.041  5.452   1.00 52.91  ? 402  GLY F O   1 
ATOM   790  N N   . LEU A 1 103 ? -1.944  11.079  4.594   1.00 36.37  ? 403  LEU F N   1 
ATOM   791  C CA  . LEU A 1 103 ? -1.826  11.620  3.249   1.00 34.75  ? 403  LEU F CA  1 
ATOM   792  C C   . LEU A 1 103 ? -3.192  12.109  2.781   1.00 33.96  ? 403  LEU F C   1 
ATOM   793  O O   . LEU A 1 103 ? -3.291  12.936  1.879   1.00 34.07  ? 403  LEU F O   1 
ATOM   794  C CB  . LEU A 1 103 ? -1.304  10.552  2.288   1.00 34.45  ? 403  LEU F CB  1 
ATOM   795  C CG  . LEU A 1 103 ? 0.081   10.012  2.648   1.00 35.32  ? 403  LEU F CG  1 
ATOM   796  C CD1 . LEU A 1 103 ? 0.454   8.856   1.722   1.00 34.32  ? 403  LEU F CD1 1 
ATOM   797  C CD2 . LEU A 1 103 ? 1.097   11.144  2.547   1.00 33.84  ? 403  LEU F CD2 1 
ATOM   798  N N   . SER A 1 104 ? -4.241  11.586  3.403   1.00 36.32  ? 404  SER F N   1 
ATOM   799  C CA  . SER A 1 104 ? -5.610  11.957  3.070   1.00 36.62  ? 404  SER F CA  1 
ATOM   800  C C   . SER A 1 104 ? -5.899  11.784  1.586   1.00 34.95  ? 404  SER F C   1 
ATOM   801  O O   . SER A 1 104 ? -6.630  12.577  0.998   1.00 34.38  ? 404  SER F O   1 
ATOM   802  C CB  . SER A 1 104 ? -5.878  13.411  3.478   1.00 47.81  ? 404  SER F CB  1 
ATOM   803  O OG  . SER A 1 104 ? -5.602  13.615  4.853   1.00 50.93  ? 404  SER F OG  1 
ATOM   804  N N   . LEU A 1 105 ? -5.322  10.747  0.987   1.00 41.69  ? 405  LEU F N   1 
ATOM   805  C CA  . LEU A 1 105 ? -5.521  10.471  -0.434  1.00 41.16  ? 405  LEU F CA  1 
ATOM   806  C C   . LEU A 1 105 ? -6.828  9.718   -0.657  1.00 40.44  ? 405  LEU F C   1 
ATOM   807  O O   . LEU A 1 105 ? -7.331  9.639   -1.779  1.00 41.35  ? 405  LEU F O   1 
ATOM   808  C CB  . LEU A 1 105 ? -4.351  9.651   -0.988  1.00 40.86  ? 405  LEU F CB  1 
ATOM   809  C CG  . LEU A 1 105 ? -2.988  10.351  -1.036  1.00 41.55  ? 405  LEU F CG  1 
ATOM   810  C CD1 . LEU A 1 105 ? -1.929  9.402   -1.562  1.00 38.90  ? 405  LEU F CD1 1 
ATOM   811  C CD2 . LEU A 1 105 ? -3.088  11.585  -1.925  1.00 42.72  ? 405  LEU F CD2 1 
ATOM   812  N N   . ILE A 1 106 ? -7.361  9.153   0.418   1.00 31.99  ? 406  ILE F N   1 
ATOM   813  C CA  . ILE A 1 106 ? -8.612  8.418   0.341   1.00 30.91  ? 406  ILE F CA  1 
ATOM   814  C C   . ILE A 1 106 ? -9.465  8.730   1.564   1.00 31.31  ? 406  ILE F C   1 
ATOM   815  O O   . ILE A 1 106 ? -8.992  8.700   2.699   1.00 33.43  ? 406  ILE F O   1 
ATOM   816  C CB  . ILE A 1 106 ? -8.375  6.883   0.246   1.00 27.20  ? 406  ILE F CB  1 
ATOM   817  C CG1 . ILE A 1 106 ? -7.503  6.555   -0.978  1.00 24.84  ? 406  ILE F CG1 1 
ATOM   818  C CG2 . ILE A 1 106 ? -9.716  6.167   0.137   1.00 26.88  ? 406  ILE F CG2 1 
ATOM   819  C CD1 . ILE A 1 106 ? -7.301  5.047   -1.245  1.00 16.89  ? 406  ILE F CD1 1 
ATOM   820  N N   . GLU A 1 107 ? -10.730 9.039   1.325   1.00 32.38  ? 407  GLU F N   1 
ATOM   821  C CA  . GLU A 1 107 ? -11.638 9.365   2.404   1.00 34.93  ? 407  GLU F CA  1 
ATOM   822  C C   . GLU A 1 107 ? -11.863 8.180   3.326   1.00 33.36  ? 407  GLU F C   1 
ATOM   823  O O   . GLU A 1 107 ? -12.308 7.121   2.895   1.00 33.13  ? 407  GLU F O   1 
ATOM   824  C CB  . GLU A 1 107 ? -12.977 9.849   1.842   1.00 56.65  ? 407  GLU F CB  1 
ATOM   825  C CG  . GLU A 1 107 ? -13.360 9.229   0.505   1.00 63.07  ? 407  GLU F CG  1 
ATOM   826  C CD  . GLU A 1 107 ? -12.781 9.990   -0.679  1.00 65.56  ? 407  GLU F CD  1 
ATOM   827  O OE1 . GLU A 1 107 ? -13.108 11.187  -0.831  1.00 67.69  ? 407  GLU F OE1 1 
ATOM   828  O OE2 . GLU A 1 107 ? -12.007 9.393   -1.456  1.00 67.20  ? 407  GLU F OE2 1 
ATOM   829  N N   . GLY A 1 108 ? -11.551 8.379   4.600   1.00 29.10  ? 408  GLY F N   1 
ATOM   830  C CA  . GLY A 1 108 ? -11.726 7.333   5.577   1.00 29.08  ? 408  GLY F CA  1 
ATOM   831  C C   . GLY A 1 108 ? -10.662 7.453   6.642   1.00 29.79  ? 408  GLY F C   1 
ATOM   832  O O   . GLY A 1 108 ? -9.752  8.268   6.526   1.00 30.72  ? 408  GLY F O   1 
ATOM   833  N N   . ASN A 1 109 ? -10.768 6.645   7.686   1.00 27.93  ? 409  ASN F N   1 
ATOM   834  C CA  . ASN A 1 109 ? -9.786  6.700   8.748   1.00 28.91  ? 409  ASN F CA  1 
ATOM   835  C C   . ASN A 1 109 ? -9.305  5.312   9.130   1.00 27.74  ? 409  ASN F C   1 
ATOM   836  O O   . ASN A 1 109 ? -9.737  4.311   8.565   1.00 27.02  ? 409  ASN F O   1 
ATOM   837  C CB  . ASN A 1 109 ? -10.356 7.430   9.964   1.00 48.90  ? 409  ASN F CB  1 
ATOM   838  C CG  . ASN A 1 109 ? -11.573 6.751   10.536  1.00 53.61  ? 409  ASN F CG  1 
ATOM   839  O OD1 . ASN A 1 109 ? -12.604 6.637   9.875   1.00 57.86  ? 409  ASN F OD1 1 
ATOM   840  N ND2 . ASN A 1 109 ? -11.463 6.293   11.778  1.00 57.43  ? 409  ASN F ND2 1 
ATOM   841  N N   . VAL A 1 110 ? -8.396  5.262   10.093  1.00 38.61  ? 410  VAL F N   1 
ATOM   842  C CA  . VAL A 1 110 ? -7.821  4.007   10.527  1.00 35.04  ? 410  VAL F CA  1 
ATOM   843  C C   . VAL A 1 110 ? -8.079  3.784   12.003  1.00 36.87  ? 410  VAL F C   1 
ATOM   844  O O   . VAL A 1 110 ? -7.882  4.688   12.827  1.00 39.03  ? 410  VAL F O   1 
ATOM   845  C CB  . VAL A 1 110 ? -6.309  3.997   10.220  1.00 19.32  ? 410  VAL F CB  1 
ATOM   846  C CG1 . VAL A 1 110 ? -5.685  2.677   10.654  1.00 17.49  ? 410  VAL F CG1 1 
ATOM   847  C CG2 . VAL A 1 110 ? -6.094  4.216   8.726   1.00 13.91  ? 410  VAL F CG2 1 
ATOM   848  N N   . VAL A 1 111 ? -8.534  2.578   12.333  1.00 29.50  ? 411  VAL F N   1 
ATOM   849  C CA  . VAL A 1 111 ? -8.845  2.221   13.707  1.00 27.37  ? 411  VAL F CA  1 
ATOM   850  C C   . VAL A 1 111 ? -8.281  0.848   14.006  1.00 29.14  ? 411  VAL F C   1 
ATOM   851  O O   . VAL A 1 111 ? -8.065  0.054   13.095  1.00 31.62  ? 411  VAL F O   1 
ATOM   852  C CB  . VAL A 1 111 ? -10.379 2.207   13.945  1.00 25.97  ? 411  VAL F CB  1 
ATOM   853  C CG1 . VAL A 1 111 ? -10.988 3.552   13.530  1.00 24.17  ? 411  VAL F CG1 1 
ATOM   854  C CG2 . VAL A 1 111 ? -11.022 1.077   13.168  1.00 22.31  ? 411  VAL F CG2 1 
ATOM   855  N N   . LYS A 1 112 ? -8.041  0.568   15.281  1.00 26.89  ? 412  LYS F N   1 
ATOM   856  C CA  . LYS A 1 112 ? -7.494  -0.721  15.693  1.00 28.91  ? 412  LYS F CA  1 
ATOM   857  C C   . LYS A 1 112 ? -8.472  -1.870  15.473  1.00 29.55  ? 412  LYS F C   1 
ATOM   858  O O   . LYS A 1 112 ? -9.688  -1.699  15.576  1.00 28.95  ? 412  LYS F O   1 
ATOM   859  C CB  . LYS A 1 112 ? -7.093  -0.684  17.180  1.00 35.19  ? 412  LYS F CB  1 
ATOM   860  C CG  . LYS A 1 112 ? -6.497  -1.992  17.679  1.00 38.92  ? 412  LYS F CG  1 
ATOM   861  C CD  . LYS A 1 112 ? -6.237  -2.003  19.184  1.00 41.70  ? 412  LYS F CD  1 
ATOM   862  C CE  . LYS A 1 112 ? -5.059  -1.125  19.584  1.00 44.36  ? 412  LYS F CE  1 
ATOM   863  N NZ  . LYS A 1 112 ? -4.736  -1.242  21.044  1.00 45.59  ? 412  LYS F NZ  1 
ATOM   864  N N   . LEU A 1 113 ? -7.933  -3.040  15.151  1.00 29.63  ? 413  LEU F N   1 
ATOM   865  C CA  . LEU A 1 113 ? -8.753  -4.224  14.966  1.00 32.06  ? 413  LEU F CA  1 
ATOM   866  C C   . LEU A 1 113 ? -9.470  -4.457  16.295  1.00 35.14  ? 413  LEU F C   1 
ATOM   867  O O   . LEU A 1 113 ? -8.930  -4.150  17.360  1.00 33.88  ? 413  LEU F O   1 
ATOM   868  C CB  . LEU A 1 113 ? -7.873  -5.429  14.620  1.00 31.95  ? 413  LEU F CB  1 
ATOM   869  C CG  . LEU A 1 113 ? -7.331  -5.481  13.187  1.00 33.58  ? 413  LEU F CG  1 
ATOM   870  C CD1 . LEU A 1 113 ? -6.344  -6.622  13.027  1.00 31.12  ? 413  LEU F CD1 1 
ATOM   871  C CD2 . LEU A 1 113 ? -8.489  -5.648  12.221  1.00 33.15  ? 413  LEU F CD2 1 
ATOM   872  N N   . ARG A 1 114 ? -10.681 -4.998  16.234  1.00 45.34  ? 414  ARG F N   1 
ATOM   873  C CA  . ARG A 1 114 ? -11.467 -5.241  17.438  1.00 49.96  ? 414  ARG F CA  1 
ATOM   874  C C   . ARG A 1 114 ? -10.986 -6.424  18.271  1.00 50.85  ? 414  ARG F C   1 
ATOM   875  O O   . ARG A 1 114 ? -11.162 -6.440  19.488  1.00 51.48  ? 414  ARG F O   1 
ATOM   876  C CB  . ARG A 1 114 ? -12.926 -5.465  17.074  1.00 60.63  ? 414  ARG F CB  1 
ATOM   877  C CG  . ARG A 1 114 ? -13.892 -4.784  18.011  1.00 65.88  ? 414  ARG F CG  1 
ATOM   878  C CD  . ARG A 1 114 ? -14.273 -3.420  17.476  1.00 68.02  ? 414  ARG F CD  1 
ATOM   879  N NE  . ARG A 1 114 ? -14.697 -3.517  16.083  1.00 73.35  ? 414  ARG F NE  1 
ATOM   880  C CZ  . ARG A 1 114 ? -15.619 -4.366  15.630  1.00 75.32  ? 414  ARG F CZ  1 
ATOM   881  N NH1 . ARG A 1 114 ? -16.226 -5.201  16.465  1.00 75.56  ? 414  ARG F NH1 1 
ATOM   882  N NH2 . ARG A 1 114 ? -15.929 -4.387  14.335  1.00 75.58  ? 414  ARG F NH2 1 
ATOM   883  N N   . SER A 1 115 ? -10.390 -7.410  17.611  1.00 40.29  ? 415  SER F N   1 
ATOM   884  C CA  . SER A 1 115 ? -9.896  -8.607  18.283  1.00 43.16  ? 415  SER F CA  1 
ATOM   885  C C   . SER A 1 115 ? -9.120  -8.348  19.569  1.00 46.50  ? 415  SER F C   1 
ATOM   886  O O   . SER A 1 115 ? -8.471  -7.311  19.727  1.00 45.39  ? 415  SER F O   1 
ATOM   887  C CB  . SER A 1 115 ? -9.009  -9.412  17.343  1.00 46.55  ? 415  SER F CB  1 
ATOM   888  O OG  . SER A 1 115 ? -8.504  -10.553 18.008  1.00 45.84  ? 415  SER F OG  1 
ATOM   889  N N   . ARG A 1 116 ? -9.191  -9.312  20.484  1.00 79.93  ? 416  ARG F N   1 
ATOM   890  C CA  . ARG A 1 116 ? -8.491  -9.224  21.762  1.00 83.58  ? 416  ARG F CA  1 
ATOM   891  C C   . ARG A 1 116 ? -7.049  -9.697  21.590  1.00 83.55  ? 416  ARG F C   1 
ATOM   892  O O   . ARG A 1 116 ? -6.167  -9.277  22.337  1.00 84.60  ? 416  ARG F O   1 
ATOM   893  C CB  . ARG A 1 116 ? -9.181  -10.090 22.824  1.00 76.84  ? 416  ARG F CB  1 
ATOM   894  C CG  . ARG A 1 116 ? -10.629 -9.722  23.122  1.00 80.81  ? 416  ARG F CG  1 
ATOM   895  C CD  . ARG A 1 116 ? -11.213 -10.662 24.179  1.00 85.50  ? 416  ARG F CD  1 
ATOM   896  N NE  . ARG A 1 116 ? -12.625 -10.405 24.470  1.00 89.17  ? 416  ARG F NE  1 
ATOM   897  C CZ  . ARG A 1 116 ? -13.622 -10.582 23.603  1.00 90.58  ? 416  ARG F CZ  1 
ATOM   898  N NH1 . ARG A 1 116 ? -13.372 -11.020 22.376  1.00 91.16  ? 416  ARG F NH1 1 
ATOM   899  N NH2 . ARG A 1 116 ? -14.873 -10.325 23.966  1.00 90.36  ? 416  ARG F NH2 1 
ATOM   900  N N   . ARG A 1 117 ? -6.814  -10.569 20.608  1.00 64.97  ? 417  ARG F N   1 
ATOM   901  C CA  . ARG A 1 117 ? -5.468  -11.086 20.363  1.00 65.00  ? 417  ARG F CA  1 
ATOM   902  C C   . ARG A 1 117 ? -4.772  -10.405 19.185  1.00 64.14  ? 417  ARG F C   1 
ATOM   903  O O   . ARG A 1 117 ? -4.845  -10.864 18.044  1.00 63.93  ? 417  ARG F O   1 
ATOM   904  C CB  . ARG A 1 117 ? -5.488  -12.613 20.144  1.00 70.40  ? 417  ARG F CB  1 
ATOM   905  C CG  . ARG A 1 117 ? -6.196  -13.102 18.882  1.00 72.30  ? 417  ARG F CG  1 
ATOM   906  C CD  . ARG A 1 117 ? -5.831  -14.555 18.555  1.00 73.97  ? 417  ARG F CD  1 
ATOM   907  N NE  . ARG A 1 117 ? -6.398  -14.992 17.277  1.00 74.47  ? 417  ARG F NE  1 
ATOM   908  C CZ  . ARG A 1 117 ? -5.974  -16.049 16.584  1.00 74.25  ? 417  ARG F CZ  1 
ATOM   909  N NH1 . ARG A 1 117 ? -4.972  -16.788 17.042  1.00 73.62  ? 417  ARG F NH1 1 
ATOM   910  N NH2 . ARG A 1 117 ? -6.539  -16.357 15.422  1.00 72.46  ? 417  ARG F NH2 1 
ATOM   911  N N   . LEU A 1 118 ? -4.094  -9.303  19.477  1.00 78.64  ? 418  LEU F N   1 
ATOM   912  C CA  . LEU A 1 118 ? -3.368  -8.556  18.458  1.00 77.16  ? 418  LEU F CA  1 
ATOM   913  C C   . LEU A 1 118 ? -1.863  -8.790  18.619  1.00 77.53  ? 418  LEU F C   1 
ATOM   914  O O   . LEU A 1 118 ? -1.400  -9.212  19.679  1.00 79.65  ? 418  LEU F O   1 
ATOM   915  C CB  . LEU A 1 118 ? -3.691  -7.067  18.580  1.00 43.24  ? 418  LEU F CB  1 
ATOM   916  C CG  . LEU A 1 118 ? -5.168  -6.736  18.360  1.00 41.10  ? 418  LEU F CG  1 
ATOM   917  C CD1 . LEU A 1 118 ? -5.414  -5.253  18.584  1.00 38.72  ? 418  LEU F CD1 1 
ATOM   918  C CD2 . LEU A 1 118 ? -5.568  -7.147  16.946  1.00 38.15  ? 418  LEU F CD2 1 
ATOM   919  N N   . PRO A 1 119 ? -1.079  -8.515  17.567  1.00 76.09  ? 419  PRO F N   1 
ATOM   920  C CA  . PRO A 1 119 ? -1.559  -8.009  16.280  1.00 75.14  ? 419  PRO F CA  1 
ATOM   921  C C   . PRO A 1 119 ? -2.024  -9.139  15.365  1.00 74.14  ? 419  PRO F C   1 
ATOM   922  O O   . PRO A 1 119 ? -1.672  -10.306 15.566  1.00 74.90  ? 419  PRO F O   1 
ATOM   923  C CB  . PRO A 1 119 ? -0.332  -7.306  15.725  1.00 51.08  ? 419  PRO F CB  1 
ATOM   924  C CG  . PRO A 1 119 ? 0.758   -8.257  16.140  1.00 51.30  ? 419  PRO F CG  1 
ATOM   925  C CD  . PRO A 1 119 ? 0.395   -8.554  17.591  1.00 51.53  ? 419  PRO F CD  1 
ATOM   926  N N   . HIS A 1 120 ? -2.820  -8.788  14.360  1.00 45.70  ? 420  HIS F N   1 
ATOM   927  C CA  . HIS A 1 120 ? -3.288  -9.778  13.409  1.00 42.08  ? 420  HIS F CA  1 
ATOM   928  C C   . HIS A 1 120 ? -2.072  -10.260 12.628  1.00 40.40  ? 420  HIS F C   1 
ATOM   929  O O   . HIS A 1 120 ? -1.423  -9.481  11.936  1.00 40.09  ? 420  HIS F O   1 
ATOM   930  C CB  . HIS A 1 120 ? -4.322  -9.159  12.460  1.00 40.59  ? 420  HIS F CB  1 
ATOM   931  C CG  . HIS A 1 120 ? -4.626  -10.008 11.266  1.00 36.85  ? 420  HIS F CG  1 
ATOM   932  N ND1 . HIS A 1 120 ? -4.648  -11.385 11.321  1.00 36.52  ? 420  HIS F ND1 1 
ATOM   933  C CD2 . HIS A 1 120 ? -4.923  -9.678  9.989   1.00 34.02  ? 420  HIS F CD2 1 
ATOM   934  C CE1 . HIS A 1 120 ? -4.943  -11.866 10.128  1.00 34.79  ? 420  HIS F CE1 1 
ATOM   935  N NE2 . HIS A 1 120 ? -5.116  -10.850 9.301   1.00 33.62  ? 420  HIS F NE2 1 
ATOM   936  N N   . MET A 1 121 ? -1.758  -11.544 12.745  1.00 47.74  ? 421  MET F N   1 
ATOM   937  C CA  . MET A 1 121 ? -0.604  -12.090 12.041  1.00 47.33  ? 421  MET F CA  1 
ATOM   938  C C   . MET A 1 121 ? -0.946  -13.442 11.444  1.00 45.31  ? 421  MET F C   1 
ATOM   939  O O   . MET A 1 121 ? -1.699  -14.211 12.034  1.00 46.90  ? 421  MET F O   1 
ATOM   940  C CB  . MET A 1 121 ? 0.568   -12.221 13.013  1.00 57.77  ? 421  MET F CB  1 
ATOM   941  C CG  . MET A 1 121 ? 1.912   -12.452 12.361  1.00 59.89  ? 421  MET F CG  1 
ATOM   942  S SD  . MET A 1 121 ? 3.230   -12.248 13.580  1.00 63.59  ? 421  MET F SD  1 
ATOM   943  C CE  . MET A 1 121 ? 3.760   -13.957 13.784  1.00 64.25  ? 421  MET F CE  1 
ATOM   944  N N   . GLY A 1 122 ? -0.400  -13.725 10.267  1.00 42.50  ? 422  GLY F N   1 
ATOM   945  C CA  . GLY A 1 122 ? -0.669  -14.994 9.615   1.00 39.59  ? 422  GLY F CA  1 
ATOM   946  C C   . GLY A 1 122 ? -1.260  -14.827 8.231   1.00 38.44  ? 422  GLY F C   1 
ATOM   947  O O   . GLY A 1 122 ? -1.324  -13.717 7.701   1.00 38.72  ? 422  GLY F O   1 
ATOM   948  N N   . TRP A 1 123 ? -1.685  -15.935 7.637   1.00 41.07  ? 423  TRP F N   1 
ATOM   949  C CA  . TRP A 1 123 ? -2.286  -15.905 6.310   1.00 40.78  ? 423  TRP F CA  1 
ATOM   950  C C   . TRP A 1 123 ? -3.796  -15.907 6.433   1.00 39.58  ? 423  TRP F C   1 
ATOM   951  O O   . TRP A 1 123 ? -4.353  -16.564 7.307   1.00 39.02  ? 423  TRP F O   1 
ATOM   952  C CB  . TRP A 1 123 ? -1.873  -17.123 5.480   1.00 37.93  ? 423  TRP F CB  1 
ATOM   953  C CG  . TRP A 1 123 ? -0.404  -17.293 5.338   1.00 40.10  ? 423  TRP F CG  1 
ATOM   954  C CD1 . TRP A 1 123 ? 0.478   -17.682 6.307   1.00 38.95  ? 423  TRP F CD1 1 
ATOM   955  C CD2 . TRP A 1 123 ? 0.366   -17.077 4.153   1.00 39.63  ? 423  TRP F CD2 1 
ATOM   956  N NE1 . TRP A 1 123 ? 1.752   -17.723 5.794   1.00 39.99  ? 423  TRP F NE1 1 
ATOM   957  C CE2 . TRP A 1 123 ? 1.713   -17.355 4.475   1.00 39.26  ? 423  TRP F CE2 1 
ATOM   958  C CE3 . TRP A 1 123 ? 0.049   -16.675 2.850   1.00 38.43  ? 423  TRP F CE3 1 
ATOM   959  C CZ2 . TRP A 1 123 ? 2.743   -17.241 3.543   1.00 39.18  ? 423  TRP F CZ2 1 
ATOM   960  C CZ3 . TRP A 1 123 ? 1.074   -16.564 1.921   1.00 38.95  ? 423  TRP F CZ3 1 
ATOM   961  C CH2 . TRP A 1 123 ? 2.406   -16.846 2.272   1.00 39.63  ? 423  TRP F CH2 1 
ATOM   962  N N   . ASN A 1 124 ? -4.451  -15.165 5.548   1.00 31.99  ? 424  ASN F N   1 
ATOM   963  C CA  . ASN A 1 124 ? -5.897  -15.087 5.536   1.00 31.07  ? 424  ASN F CA  1 
ATOM   964  C C   . ASN A 1 124 ? -6.314  -14.815 4.114   1.00 31.70  ? 424  ASN F C   1 
ATOM   965  O O   . ASN A 1 124 ? -5.538  -14.295 3.306   1.00 30.55  ? 424  ASN F O   1 
ATOM   966  C CB  . ASN A 1 124 ? -6.386  -13.968 6.441   1.00 34.36  ? 424  ASN F CB  1 
ATOM   967  C CG  . ASN A 1 124 ? -5.943  -14.151 7.868   1.00 34.96  ? 424  ASN F CG  1 
ATOM   968  O OD1 . ASN A 1 124 ? -6.677  -14.676 8.701   1.00 37.07  ? 424  ASN F OD1 1 
ATOM   969  N ND2 . ASN A 1 124 ? -4.726  -13.733 8.155   1.00 34.89  ? 424  ASN F ND2 1 
ATOM   970  N N   . GLU A 1 125 ? -7.546  -15.165 3.804   1.00 33.55  ? 425  GLU F N   1 
ATOM   971  C CA  . GLU A 1 125 ? -8.030  -14.953 2.466   1.00 34.40  ? 425  GLU F CA  1 
ATOM   972  C C   . GLU A 1 125 ? -8.360  -13.494 2.201   1.00 31.72  ? 425  GLU F C   1 
ATOM   973  O O   . GLU A 1 125 ? -8.719  -12.737 3.109   1.00 27.86  ? 425  GLU F O   1 
ATOM   974  C CB  . GLU A 1 125 ? -9.268  -15.815 2.225   1.00 61.66  ? 425  GLU F CB  1 
ATOM   975  C CG  . GLU A 1 125 ? -9.587  -16.005 0.767   1.00 68.50  ? 425  GLU F CG  1 
ATOM   976  C CD  . GLU A 1 125 ? -10.525 -17.163 0.535   1.00 74.12  ? 425  GLU F CD  1 
ATOM   977  O OE1 . GLU A 1 125 ? -10.780 -17.491 -0.644  1.00 79.53  ? 425  GLU F OE1 1 
ATOM   978  O OE2 . GLU A 1 125 ? -11.006 -17.746 1.530   1.00 77.65  ? 425  GLU F OE2 1 
ATOM   979  N N   . VAL A 1 126 ? -8.197  -13.112 0.941   1.00 33.57  ? 426  VAL F N   1 
ATOM   980  C CA  . VAL A 1 126 ? -8.524  -11.778 0.484   1.00 30.50  ? 426  VAL F CA  1 
ATOM   981  C C   . VAL A 1 126 ? -9.428  -12.048 -0.704  1.00 31.33  ? 426  VAL F C   1 
ATOM   982  O O   . VAL A 1 126 ? -9.032  -12.733 -1.650  1.00 32.79  ? 426  VAL F O   1 
ATOM   983  C CB  . VAL A 1 126 ? -7.292  -10.982 -0.012  1.00 20.92  ? 426  VAL F CB  1 
ATOM   984  C CG1 . VAL A 1 126 ? -7.752  -9.672  -0.637  1.00 14.63  ? 426  VAL F CG1 1 
ATOM   985  C CG2 . VAL A 1 126 ? -6.331  -10.708 1.139   1.00 19.44  ? 426  VAL F CG2 1 
ATOM   986  N N   . ILE A 1 127 ? -10.645 -11.530 -0.645  1.00 20.99  ? 427  ILE F N   1 
ATOM   987  C CA  . ILE A 1 127 ? -11.608 -11.708 -1.720  1.00 20.45  ? 427  ILE F CA  1 
ATOM   988  C C   . ILE A 1 127 ? -11.715 -10.373 -2.437  1.00 20.98  ? 427  ILE F C   1 
ATOM   989  O O   . ILE A 1 127 ? -12.142 -9.380  -1.843  1.00 17.17  ? 427  ILE F O   1 
ATOM   990  C CB  . ILE A 1 127 ? -12.990 -12.088 -1.153  1.00 31.69  ? 427  ILE F CB  1 
ATOM   991  C CG1 . ILE A 1 127 ? -12.872 -13.363 -0.320  1.00 33.77  ? 427  ILE F CG1 1 
ATOM   992  C CG2 . ILE A 1 127 ? -13.991 -12.243 -2.270  1.00 33.43  ? 427  ILE F CG2 1 
ATOM   993  C CD1 . ILE A 1 127 ? -12.203 -14.531 -1.036  1.00 33.07  ? 427  ILE F CD1 1 
ATOM   994  N N   . PHE A 1 128 ? -11.322 -10.351 -3.708  1.00 26.32  ? 428  PHE F N   1 
ATOM   995  C CA  . PHE A 1 128 ? -11.357 -9.125  -4.483  1.00 27.89  ? 428  PHE F CA  1 
ATOM   996  C C   . PHE A 1 128 ? -12.666 -8.897  -5.223  1.00 30.77  ? 428  PHE F C   1 
ATOM   997  O O   . PHE A 1 128 ? -13.356 -9.837  -5.615  1.00 32.41  ? 428  PHE F O   1 
ATOM   998  C CB  . PHE A 1 128 ? -10.198 -9.078  -5.494  1.00 23.80  ? 428  PHE F CB  1 
ATOM   999  C CG  . PHE A 1 128 ? -8.834  -8.903  -4.862  1.00 24.78  ? 428  PHE F CG  1 
ATOM   1000 C CD1 . PHE A 1 128 ? -8.016  -10.005 -4.611  1.00 24.24  ? 428  PHE F CD1 1 
ATOM   1001 C CD2 . PHE A 1 128 ? -8.369  -7.638  -4.519  1.00 23.72  ? 428  PHE F CD2 1 
ATOM   1002 C CE1 . PHE A 1 128 ? -6.751  -9.847  -4.027  1.00 25.52  ? 428  PHE F CE1 1 
ATOM   1003 C CE2 . PHE A 1 128 ? -7.108  -7.468  -3.936  1.00 25.43  ? 428  PHE F CE2 1 
ATOM   1004 C CZ  . PHE A 1 128 ? -6.294  -8.581  -3.690  1.00 24.80  ? 428  PHE F CZ  1 
ATOM   1005 N N   . LYS A 1 129 ? -12.997 -7.623  -5.399  1.00 33.33  ? 429  LYS F N   1 
ATOM   1006 C CA  . LYS A 1 129 ? -14.191 -7.235  -6.124  1.00 35.59  ? 429  LYS F CA  1 
ATOM   1007 C C   . LYS A 1 129 ? -13.936 -7.537  -7.598  1.00 37.16  ? 429  LYS F C   1 
ATOM   1008 O O   . LYS A 1 129 ? -14.838 -7.961  -8.320  1.00 37.91  ? 429  LYS F O   1 
ATOM   1009 C CB  . LYS A 1 129 ? -14.449 -5.745  -5.937  1.00 33.72  ? 429  LYS F CB  1 
ATOM   1010 C CG  . LYS A 1 129 ? -15.534 -5.188  -6.808  1.00 34.02  ? 429  LYS F CG  1 
ATOM   1011 C CD  . LYS A 1 129 ? -15.802 -3.733  -6.452  1.00 36.27  ? 429  LYS F CD  1 
ATOM   1012 C CE  . LYS A 1 129 ? -16.784 -3.101  -7.419  1.00 36.69  ? 429  LYS F CE  1 
ATOM   1013 N NZ  . LYS A 1 129 ? -17.139 -1.706  -7.034  1.00 40.12  ? 429  LYS F NZ  1 
ATOM   1014 N N   . ASP A 1 130 ? -12.693 -7.319  -8.030  1.00 39.79  ? 430  ASP F N   1 
ATOM   1015 C CA  . ASP A 1 130 ? -12.293 -7.559  -9.419  1.00 39.94  ? 430  ASP F CA  1 
ATOM   1016 C C   . ASP A 1 130 ? -10.785 -7.382  -9.611  1.00 40.81  ? 430  ASP F C   1 
ATOM   1017 O O   . ASP A 1 130 ? -10.064 -7.049  -8.677  1.00 41.02  ? 430  ASP F O   1 
ATOM   1018 C CB  . ASP A 1 130 ? -13.014 -6.581  -10.352 1.00 34.17  ? 430  ASP F CB  1 
ATOM   1019 C CG  . ASP A 1 130 ? -12.669 -5.133  -10.053 1.00 34.60  ? 430  ASP F CG  1 
ATOM   1020 O OD1 . ASP A 1 130 ? -13.413 -4.463  -9.311  1.00 36.88  ? 430  ASP F OD1 1 
ATOM   1021 O OD2 . ASP A 1 130 ? -11.632 -4.660  -10.550 1.00 35.74  ? 430  ASP F OD2 1 
ATOM   1022 N N   . THR A 1 131 ? -10.327 -7.611  -10.839 1.00 43.75  ? 431  THR F N   1 
ATOM   1023 C CA  . THR A 1 131 ? -8.924  -7.450  -11.216 1.00 42.49  ? 431  THR F CA  1 
ATOM   1024 C C   . THR A 1 131 ? -7.881  -8.374  -10.586 1.00 42.22  ? 431  THR F C   1 
ATOM   1025 O O   . THR A 1 131 ? -7.219  -9.121  -11.305 1.00 43.74  ? 431  THR F O   1 
ATOM   1026 C CB  . THR A 1 131 ? -8.460  -5.982  -11.002 1.00 36.79  ? 431  THR F CB  1 
ATOM   1027 O OG1 . THR A 1 131 ? -9.232  -5.109  -11.834 1.00 35.36  ? 431  THR F OG1 1 
ATOM   1028 C CG2 . THR A 1 131 ? -6.998  -5.819  -11.370 1.00 37.56  ? 431  THR F CG2 1 
ATOM   1029 N N   . PHE A 1 132 ? -7.721  -8.338  -9.264  1.00 35.89  ? 432  PHE F N   1 
ATOM   1030 C CA  . PHE A 1 132 ? -6.702  -9.169  -8.618  1.00 34.82  ? 432  PHE F CA  1 
ATOM   1031 C C   . PHE A 1 132 ? -7.136  -10.562 -8.164  1.00 35.06  ? 432  PHE F C   1 
ATOM   1032 O O   . PHE A 1 132 ? -8.327  -10.854 -8.086  1.00 36.54  ? 432  PHE F O   1 
ATOM   1033 C CB  . PHE A 1 132 ? -6.064  -8.386  -7.467  1.00 27.09  ? 432  PHE F CB  1 
ATOM   1034 C CG  . PHE A 1 132 ? -5.608  -7.018  -7.872  1.00 24.21  ? 432  PHE F CG  1 
ATOM   1035 C CD1 . PHE A 1 132 ? -6.488  -5.939  -7.832  1.00 22.39  ? 432  PHE F CD1 1 
ATOM   1036 C CD2 . PHE A 1 132 ? -4.329  -6.818  -8.380  1.00 21.97  ? 432  PHE F CD2 1 
ATOM   1037 C CE1 . PHE A 1 132 ? -6.106  -4.683  -8.293  1.00 22.29  ? 432  PHE F CE1 1 
ATOM   1038 C CE2 . PHE A 1 132 ? -3.936  -5.564  -8.846  1.00 21.13  ? 432  PHE F CE2 1 
ATOM   1039 C CZ  . PHE A 1 132 ? -4.827  -4.494  -8.804  1.00 22.19  ? 432  PHE F CZ  1 
ATOM   1040 N N   . PRO A 1 133 ? -6.161  -11.441 -7.864  1.00 38.60  ? 433  PRO F N   1 
ATOM   1041 C CA  . PRO A 1 133 ? -6.331  -12.832 -7.422  1.00 40.71  ? 433  PRO F CA  1 
ATOM   1042 C C   . PRO A 1 133 ? -6.796  -13.112 -5.997  1.00 42.07  ? 433  PRO F C   1 
ATOM   1043 O O   . PRO A 1 133 ? -6.096  -12.785 -5.034  1.00 42.30  ? 433  PRO F O   1 
ATOM   1044 C CB  . PRO A 1 133 ? -4.942  -13.452 -7.647  1.00 39.30  ? 433  PRO F CB  1 
ATOM   1045 C CG  . PRO A 1 133 ? -4.238  -12.487 -8.547  1.00 40.75  ? 433  PRO F CG  1 
ATOM   1046 C CD  . PRO A 1 133 ? -4.734  -11.158 -8.067  1.00 38.39  ? 433  PRO F CD  1 
ATOM   1047 N N   . ASN A 1 134 ? -7.960  -13.749 -5.873  1.00 39.49  ? 434  ASN F N   1 
ATOM   1048 C CA  . ASN A 1 134 ? -8.489  -14.140 -4.573  1.00 37.70  ? 434  ASN F CA  1 
ATOM   1049 C C   . ASN A 1 134 ? -7.473  -15.149 -4.031  1.00 37.49  ? 434  ASN F C   1 
ATOM   1050 O O   . ASN A 1 134 ? -6.799  -15.816 -4.806  1.00 38.51  ? 434  ASN F O   1 
ATOM   1051 C CB  . ASN A 1 134 ? -9.841  -14.835 -4.737  1.00 34.74  ? 434  ASN F CB  1 
ATOM   1052 C CG  . ASN A 1 134 ? -10.977 -13.868 -5.005  1.00 35.89  ? 434  ASN F CG  1 
ATOM   1053 O OD1 . ASN A 1 134 ? -10.769 -12.728 -5.426  1.00 36.22  ? 434  ASN F OD1 1 
ATOM   1054 N ND2 . ASN A 1 134 ? -12.198 -14.330 -4.775  1.00 35.79  ? 434  ASN F ND2 1 
ATOM   1055 N N   . GLY A 1 135 ? -7.355  -15.262 -2.715  1.00 35.38  ? 435  GLY F N   1 
ATOM   1056 C CA  . GLY A 1 135 ? -6.410  -16.208 -2.157  1.00 34.40  ? 435  GLY F CA  1 
ATOM   1057 C C   . GLY A 1 135 ? -5.872  -15.775 -0.810  1.00 36.06  ? 435  GLY F C   1 
ATOM   1058 O O   . GLY A 1 135 ? -6.334  -14.782 -0.237  1.00 35.00  ? 435  GLY F O   1 
ATOM   1059 N N   . TYR A 1 136 ? -4.889  -16.517 -0.302  1.00 35.11  ? 436  TYR F N   1 
ATOM   1060 C CA  . TYR A 1 136 ? -4.304  -16.197 0.991   1.00 36.53  ? 436  TYR F CA  1 
ATOM   1061 C C   . TYR A 1 136 ? -3.041  -15.356 0.910   1.00 36.24  ? 436  TYR F C   1 
ATOM   1062 O O   . TYR A 1 136 ? -2.140  -15.634 0.122   1.00 37.01  ? 436  TYR F O   1 
ATOM   1063 C CB  . TYR A 1 136 ? -4.002  -17.475 1.774   1.00 37.60  ? 436  TYR F CB  1 
ATOM   1064 C CG  . TYR A 1 136 ? -5.241  -18.226 2.186   1.00 38.69  ? 436  TYR F CG  1 
ATOM   1065 C CD1 . TYR A 1 136 ? -5.956  -18.991 1.265   1.00 38.77  ? 436  TYR F CD1 1 
ATOM   1066 C CD2 . TYR A 1 136 ? -5.721  -18.137 3.490   1.00 38.14  ? 436  TYR F CD2 1 
ATOM   1067 C CE1 . TYR A 1 136 ? -7.122  -19.650 1.632   1.00 39.40  ? 436  TYR F CE1 1 
ATOM   1068 C CE2 . TYR A 1 136 ? -6.881  -18.786 3.868   1.00 40.15  ? 436  TYR F CE2 1 
ATOM   1069 C CZ  . TYR A 1 136 ? -7.579  -19.540 2.936   1.00 41.23  ? 436  TYR F CZ  1 
ATOM   1070 O OH  . TYR A 1 136 ? -8.737  -20.176 3.320   1.00 43.91  ? 436  TYR F OH  1 
ATOM   1071 N N   . TYR A 1 137 ? -2.991  -14.315 1.731   1.00 30.89  ? 437  TYR F N   1 
ATOM   1072 C CA  . TYR A 1 137 ? -1.827  -13.452 1.778   1.00 29.63  ? 437  TYR F CA  1 
ATOM   1073 C C   . TYR A 1 137 ? -1.365  -13.341 3.217   1.00 30.71  ? 437  TYR F C   1 
ATOM   1074 O O   . TYR A 1 137 ? -2.109  -13.675 4.146   1.00 29.49  ? 437  TYR F O   1 
ATOM   1075 C CB  . TYR A 1 137 ? -2.152  -12.074 1.224   1.00 28.60  ? 437  TYR F CB  1 
ATOM   1076 C CG  . TYR A 1 137 ? -2.581  -12.092 -0.218  1.00 26.78  ? 437  TYR F CG  1 
ATOM   1077 C CD1 . TYR A 1 137 ? -3.860  -12.502 -0.581  1.00 23.87  ? 437  TYR F CD1 1 
ATOM   1078 C CD2 . TYR A 1 137 ? -1.727  -11.631 -1.218  1.00 26.95  ? 437  TYR F CD2 1 
ATOM   1079 C CE1 . TYR A 1 137 ? -4.280  -12.437 -1.900  1.00 25.51  ? 437  TYR F CE1 1 
ATOM   1080 C CE2 . TYR A 1 137 ? -2.138  -11.564 -2.535  1.00 26.39  ? 437  TYR F CE2 1 
ATOM   1081 C CZ  . TYR A 1 137 ? -3.417  -11.962 -2.870  1.00 24.52  ? 437  TYR F CZ  1 
ATOM   1082 O OH  . TYR A 1 137 ? -3.836  -11.845 -4.175  1.00 26.31  ? 437  TYR F OH  1 
ATOM   1083 N N   . TYR A 1 138 ? -0.136  -12.870 3.402   1.00 33.49  ? 438  TYR F N   1 
ATOM   1084 C CA  . TYR A 1 138 ? 0.425   -12.746 4.735   1.00 34.82  ? 438  TYR F CA  1 
ATOM   1085 C C   . TYR A 1 138 ? 0.237   -11.356 5.333   1.00 32.71  ? 438  TYR F C   1 
ATOM   1086 O O   . TYR A 1 138 ? 0.752   -10.368 4.804   1.00 34.76  ? 438  TYR F O   1 
ATOM   1087 C CB  . TYR A 1 138 ? 1.915   -13.108 4.701   1.00 46.10  ? 438  TYR F CB  1 
ATOM   1088 C CG  . TYR A 1 138 ? 2.527   -13.229 6.073   1.00 49.28  ? 438  TYR F CG  1 
ATOM   1089 C CD1 . TYR A 1 138 ? 2.074   -14.195 6.974   1.00 51.27  ? 438  TYR F CD1 1 
ATOM   1090 C CD2 . TYR A 1 138 ? 3.516   -12.348 6.493   1.00 52.25  ? 438  TYR F CD2 1 
ATOM   1091 C CE1 . TYR A 1 138 ? 2.584   -14.273 8.262   1.00 51.78  ? 438  TYR F CE1 1 
ATOM   1092 C CE2 . TYR A 1 138 ? 4.036   -12.416 7.784   1.00 54.02  ? 438  TYR F CE2 1 
ATOM   1093 C CZ  . TYR A 1 138 ? 3.562   -13.378 8.663   1.00 54.30  ? 438  TYR F CZ  1 
ATOM   1094 O OH  . TYR A 1 138 ? 4.041   -13.415 9.954   1.00 56.75  ? 438  TYR F OH  1 
ATOM   1095 N N   . PHE A 1 139 ? -0.503  -11.292 6.435   1.00 28.05  ? 439  PHE F N   1 
ATOM   1096 C CA  . PHE A 1 139 ? -0.763  -10.033 7.133   1.00 25.16  ? 439  PHE F CA  1 
ATOM   1097 C C   . PHE A 1 139 ? -0.023  -9.956  8.452   1.00 25.86  ? 439  PHE F C   1 
ATOM   1098 O O   . PHE A 1 139 ? 0.242   -10.970 9.105   1.00 27.24  ? 439  PHE F O   1 
ATOM   1099 C CB  . PHE A 1 139 ? -2.238  -9.866  7.500   1.00 25.20  ? 439  PHE F CB  1 
ATOM   1100 C CG  . PHE A 1 139 ? -3.196  -9.920  6.339   1.00 24.59  ? 439  PHE F CG  1 
ATOM   1101 C CD1 . PHE A 1 139 ? -3.441  -11.118 5.670   1.00 23.32  ? 439  PHE F CD1 1 
ATOM   1102 C CD2 . PHE A 1 139 ? -3.950  -8.801  6.007   1.00 21.81  ? 439  PHE F CD2 1 
ATOM   1103 C CE1 . PHE A 1 139 ? -4.430  -11.204 4.704   1.00 22.68  ? 439  PHE F CE1 1 
ATOM   1104 C CE2 . PHE A 1 139 ? -4.944  -8.875  5.038   1.00 23.11  ? 439  PHE F CE2 1 
ATOM   1105 C CZ  . PHE A 1 139 ? -5.189  -10.080 4.387   1.00 23.10  ? 439  PHE F CZ  1 
ATOM   1106 N N   . VAL A 1 140 ? 0.277   -8.726  8.842   1.00 28.72  ? 440  VAL F N   1 
ATOM   1107 C CA  . VAL A 1 140 ? 0.924   -8.403  10.103  1.00 26.73  ? 440  VAL F CA  1 
ATOM   1108 C C   . VAL A 1 140 ? 0.505   -6.964  10.344  1.00 26.72  ? 440  VAL F C   1 
ATOM   1109 O O   . VAL A 1 140 ? 1.104   -6.040  9.792   1.00 26.65  ? 440  VAL F O   1 
ATOM   1110 C CB  . VAL A 1 140 ? 2.461   -8.434  10.036  1.00 32.82  ? 440  VAL F CB  1 
ATOM   1111 C CG1 . VAL A 1 140 ? 3.022   -8.366  11.450  1.00 32.98  ? 440  VAL F CG1 1 
ATOM   1112 C CG2 . VAL A 1 140 ? 2.944   -9.684  9.338   1.00 34.94  ? 440  VAL F CG2 1 
ATOM   1113 N N   . HIS A 1 141 ? -0.538  -6.769  11.144  1.00 27.37  ? 441  HIS F N   1 
ATOM   1114 C CA  . HIS A 1 141 ? -1.015  -5.417  11.422  1.00 28.40  ? 441  HIS F CA  1 
ATOM   1115 C C   . HIS A 1 141 ? -1.913  -5.410  12.633  1.00 29.08  ? 441  HIS F C   1 
ATOM   1116 O O   . HIS A 1 141 ? -2.421  -6.445  13.045  1.00 31.32  ? 441  HIS F O   1 
ATOM   1117 C CB  . HIS A 1 141 ? -1.792  -4.847  10.222  1.00 22.68  ? 441  HIS F CB  1 
ATOM   1118 C CG  . HIS A 1 141 ? -3.066  -5.578  9.917   1.00 19.80  ? 441  HIS F CG  1 
ATOM   1119 N ND1 . HIS A 1 141 ? -4.299  -4.960  9.920   1.00 16.35  ? 441  HIS F ND1 1 
ATOM   1120 C CD2 . HIS A 1 141 ? -3.294  -6.872  9.582   1.00 17.73  ? 441  HIS F CD2 1 
ATOM   1121 C CE1 . HIS A 1 141 ? -5.232  -5.839  9.600   1.00 16.57  ? 441  HIS F CE1 1 
ATOM   1122 N NE2 . HIS A 1 141 ? -4.650  -7.006  9.388   1.00 16.09  ? 441  HIS F NE2 1 
ATOM   1123 N N   . THR A 1 142 ? -2.111  -4.226  13.190  1.00 35.12  ? 442  THR F N   1 
ATOM   1124 C CA  . THR A 1 142 ? -2.951  -4.065  14.361  1.00 36.15  ? 442  THR F CA  1 
ATOM   1125 C C   . THR A 1 142 ? -4.095  -3.126  14.022  1.00 36.47  ? 442  THR F C   1 
ATOM   1126 O O   . THR A 1 142 ? -5.114  -3.118  14.701  1.00 39.49  ? 442  THR F O   1 
ATOM   1127 C CB  . THR A 1 142 ? -2.149  -3.472  15.532  1.00 34.33  ? 442  THR F CB  1 
ATOM   1128 O OG1 . THR A 1 142 ? -0.941  -4.222  15.700  1.00 35.60  ? 442  THR F OG1 1 
ATOM   1129 C CG2 . THR A 1 142 ? -2.960  -3.532  16.823  1.00 34.57  ? 442  THR F CG2 1 
ATOM   1130 N N   . TYR A 1 143 ? -3.923  -2.332  12.969  1.00 30.00  ? 443  TYR F N   1 
ATOM   1131 C CA  . TYR A 1 143 ? -4.960  -1.397  12.556  1.00 29.14  ? 443  TYR F CA  1 
ATOM   1132 C C   . TYR A 1 143 ? -5.550  -1.732  11.197  1.00 29.34  ? 443  TYR F C   1 
ATOM   1133 O O   . TYR A 1 143 ? -4.931  -2.427  10.387  1.00 28.21  ? 443  TYR F O   1 
ATOM   1134 C CB  . TYR A 1 143 ? -4.418  0.027   12.539  1.00 34.10  ? 443  TYR F CB  1 
ATOM   1135 C CG  . TYR A 1 143 ? -4.165  0.562   13.921  1.00 38.36  ? 443  TYR F CG  1 
ATOM   1136 C CD1 . TYR A 1 143 ? -3.078  0.119   14.673  1.00 40.65  ? 443  TYR F CD1 1 
ATOM   1137 C CD2 . TYR A 1 143 ? -5.053  1.453   14.510  1.00 38.43  ? 443  TYR F CD2 1 
ATOM   1138 C CE1 . TYR A 1 143 ? -2.891  0.552   15.985  1.00 40.68  ? 443  TYR F CE1 1 
ATOM   1139 C CE2 . TYR A 1 143 ? -4.878  1.885   15.810  1.00 39.20  ? 443  TYR F CE2 1 
ATOM   1140 C CZ  . TYR A 1 143 ? -3.800  1.431   16.543  1.00 40.25  ? 443  TYR F CZ  1 
ATOM   1141 O OH  . TYR A 1 143 ? -3.650  1.836   17.849  1.00 44.12  ? 443  TYR F OH  1 
ATOM   1142 N N   . ARG A 1 144 ? -6.754  -1.219  10.966  1.00 30.27  ? 444  ARG F N   1 
ATOM   1143 C CA  . ARG A 1 144 ? -7.486  -1.442  9.724   1.00 29.30  ? 444  ARG F CA  1 
ATOM   1144 C C   . ARG A 1 144 ? -8.046  -0.112  9.249   1.00 29.99  ? 444  ARG F C   1 
ATOM   1145 O O   . ARG A 1 144 ? -8.217  0.823   10.038  1.00 27.69  ? 444  ARG F O   1 
ATOM   1146 C CB  . ARG A 1 144 ? -8.668  -2.374  9.968   1.00 25.71  ? 444  ARG F CB  1 
ATOM   1147 C CG  . ARG A 1 144 ? -9.539  -1.845  11.100  1.00 27.58  ? 444  ARG F CG  1 
ATOM   1148 C CD  . ARG A 1 144 ? -10.954 -2.322  11.041  1.00 29.06  ? 444  ARG F CD  1 
ATOM   1149 N NE  . ARG A 1 144 ? -11.682 -1.790  9.892   1.00 31.03  ? 444  ARG F NE  1 
ATOM   1150 C CZ  . ARG A 1 144 ? -12.922 -2.153  9.592   1.00 30.57  ? 444  ARG F CZ  1 
ATOM   1151 N NH1 . ARG A 1 144 ? -13.541 -3.034  10.363  1.00 31.01  ? 444  ARG F NH1 1 
ATOM   1152 N NH2 . ARG A 1 144 ? -13.539 -1.654  8.528   1.00 30.96  ? 444  ARG F NH2 1 
ATOM   1153 N N   . ALA A 1 145 ? -8.339  -0.042  7.955   1.00 29.54  ? 445  ALA F N   1 
ATOM   1154 C CA  . ALA A 1 145 ? -8.919  1.152   7.374   1.00 28.61  ? 445  ALA F CA  1 
ATOM   1155 C C   . ALA A 1 145 ? -10.432 1.022   7.466   1.00 29.08  ? 445  ALA F C   1 
ATOM   1156 O O   . ALA A 1 145 ? -10.971 -0.087  7.538   1.00 27.81  ? 445  ALA F O   1 
ATOM   1157 C CB  . ALA A 1 145 ? -8.509  1.287   5.914   1.00 19.27  ? 445  ALA F CB  1 
ATOM   1158 N N   . VAL A 1 146 ? -11.104 2.166   7.497   1.00 28.63  ? 446  VAL F N   1 
ATOM   1159 C CA  . VAL A 1 146 ? -12.554 2.222   7.528   1.00 27.18  ? 446  VAL F CA  1 
ATOM   1160 C C   . VAL A 1 146 ? -12.883 3.247   6.460   1.00 29.52  ? 446  VAL F C   1 
ATOM   1161 O O   . VAL A 1 146 ? -12.648 4.444   6.644   1.00 30.01  ? 446  VAL F O   1 
ATOM   1162 C CB  . VAL A 1 146 ? -13.089 2.693   8.888   1.00 27.74  ? 446  VAL F CB  1 
ATOM   1163 C CG1 . VAL A 1 146 ? -14.604 2.875   8.813   1.00 26.13  ? 446  VAL F CG1 1 
ATOM   1164 C CG2 . VAL A 1 146 ? -12.743 1.672   9.969   1.00 23.48  ? 446  VAL F CG2 1 
ATOM   1165 N N   . CYS A 1 147 ? -13.389 2.762   5.330   1.00 33.40  ? 447  CYS F N   1 
ATOM   1166 C CA  . CYS A 1 147 ? -13.736 3.615   4.202   1.00 36.11  ? 447  CYS F CA  1 
ATOM   1167 C C   . CYS A 1 147 ? -15.105 3.222   3.651   1.00 38.68  ? 447  CYS F C   1 
ATOM   1168 O O   . CYS A 1 147 ? -15.736 2.304   4.166   1.00 42.83  ? 447  CYS F O   1 
ATOM   1169 C CB  . CYS A 1 147 ? -12.681 3.470   3.105   1.00 28.41  ? 447  CYS F CB  1 
ATOM   1170 S SG  . CYS A 1 147 ? -12.554 1.795   2.463   1.00 25.59  ? 447  CYS F SG  1 
ATOM   1171 N N   . GLU A 1 148 ? -15.555 3.908   2.604   1.00 31.70  ? 448  GLU F N   1 
ATOM   1172 C CA  . GLU A 1 148 ? -16.851 3.618   1.993   1.00 32.21  ? 448  GLU F CA  1 
ATOM   1173 C C   . GLU A 1 148 ? -16.705 2.496   0.972   1.00 32.65  ? 448  GLU F C   1 
ATOM   1174 O O   . GLU A 1 148 ? -15.646 2.348   0.371   1.00 33.12  ? 448  GLU F O   1 
ATOM   1175 C CB  . GLU A 1 148 ? -17.408 4.880   1.321   1.00 45.36  ? 448  GLU F CB  1 
ATOM   1176 N N   . GLU A 1 149 ? -17.772 1.721   0.778   1.00 30.54  ? 449  GLU F N   1 
ATOM   1177 C CA  . GLU A 1 149 ? -17.773 0.592   -0.156  1.00 33.14  ? 449  GLU F CA  1 
ATOM   1178 C C   . GLU A 1 149 ? -17.127 0.927   -1.487  1.00 32.90  ? 449  GLU F C   1 
ATOM   1179 O O   . GLU A 1 149 ? -16.392 0.122   -2.058  1.00 32.71  ? 449  GLU F O   1 
ATOM   1180 C CB  . GLU A 1 149 ? -19.207 0.115   -0.418  1.00 70.57  ? 449  GLU F CB  1 
ATOM   1181 C CG  . GLU A 1 149 ? -19.310 -1.239  -1.151  1.00 80.54  ? 449  GLU F CG  1 
ATOM   1182 C CD  . GLU A 1 149 ? -18.692 -1.246  -2.552  1.00 85.63  ? 449  GLU F CD  1 
ATOM   1183 O OE1 . GLU A 1 149 ? -19.158 -0.476  -3.424  1.00 90.25  ? 449  GLU F OE1 1 
ATOM   1184 O OE2 . GLU A 1 149 ? -17.739 -2.029  -2.785  1.00 89.29  ? 449  GLU F OE2 1 
ATOM   1185 N N   . GLU A 1 150 ? -17.442 2.111   -1.987  1.00 38.51  ? 450  GLU F N   1 
ATOM   1186 C CA  . GLU A 1 150 ? -16.924 2.613   -3.251  1.00 38.98  ? 450  GLU F CA  1 
ATOM   1187 C C   . GLU A 1 150 ? -15.423 2.333   -3.387  1.00 38.21  ? 450  GLU F C   1 
ATOM   1188 O O   . GLU A 1 150 ? -14.937 1.936   -4.455  1.00 38.08  ? 450  GLU F O   1 
ATOM   1189 C CB  . GLU A 1 150 ? -17.178 4.118   -3.297  1.00 53.17  ? 450  GLU F CB  1 
ATOM   1190 C CG  . GLU A 1 150 ? -16.882 4.814   -4.604  1.00 57.38  ? 450  GLU F CG  1 
ATOM   1191 C CD  . GLU A 1 150 ? -16.978 6.322   -4.451  1.00 59.99  ? 450  GLU F CD  1 
ATOM   1192 O OE1 . GLU A 1 150 ? -17.787 6.773   -3.611  1.00 60.91  ? 450  GLU F OE1 1 
ATOM   1193 O OE2 . GLU A 1 150 ? -16.254 7.051   -5.167  1.00 63.13  ? 450  GLU F OE2 1 
ATOM   1194 N N   . HIS A 1 151 ? -14.696 2.518   -2.292  1.00 32.50  ? 451  HIS F N   1 
ATOM   1195 C CA  . HIS A 1 151 ? -13.258 2.321   -2.311  1.00 30.80  ? 451  HIS F CA  1 
ATOM   1196 C C   . HIS A 1 151 ? -12.759 0.972   -1.804  1.00 28.11  ? 451  HIS F C   1 
ATOM   1197 O O   . HIS A 1 151 ? -11.575 0.817   -1.549  1.00 27.14  ? 451  HIS F O   1 
ATOM   1198 C CB  . HIS A 1 151 ? -12.576 3.445   -1.527  1.00 30.60  ? 451  HIS F CB  1 
ATOM   1199 C CG  . HIS A 1 151 ? -12.980 4.814   -1.971  1.00 33.32  ? 451  HIS F CG  1 
ATOM   1200 N ND1 . HIS A 1 151 ? -13.059 5.171   -3.301  1.00 34.07  ? 451  HIS F ND1 1 
ATOM   1201 C CD2 . HIS A 1 151 ? -13.318 5.917   -1.265  1.00 34.94  ? 451  HIS F CD2 1 
ATOM   1202 C CE1 . HIS A 1 151 ? -13.428 6.434   -3.393  1.00 33.61  ? 451  HIS F CE1 1 
ATOM   1203 N NE2 . HIS A 1 151 ? -13.592 6.911   -2.173  1.00 35.47  ? 451  HIS F NE2 1 
ATOM   1204 N N   . VAL A 1 152 ? -13.637 -0.007  -1.654  1.00 25.86  ? 452  VAL F N   1 
ATOM   1205 C CA  . VAL A 1 152 ? -13.165 -1.300  -1.179  1.00 25.73  ? 452  VAL F CA  1 
ATOM   1206 C C   . VAL A 1 152 ? -12.802 -2.198  -2.362  1.00 25.77  ? 452  VAL F C   1 
ATOM   1207 O O   . VAL A 1 152 ? -13.651 -2.514  -3.198  1.00 25.60  ? 452  VAL F O   1 
ATOM   1208 C CB  . VAL A 1 152 ? -14.219 -1.974  -0.290  1.00 31.58  ? 452  VAL F CB  1 
ATOM   1209 C CG1 . VAL A 1 152 ? -13.667 -3.264  0.306   1.00 31.30  ? 452  VAL F CG1 1 
ATOM   1210 C CG2 . VAL A 1 152 ? -14.630 -1.016  0.822   1.00 33.18  ? 452  VAL F CG2 1 
ATOM   1211 N N   . LEU A 1 153 ? -11.528 -2.588  -2.438  1.00 27.71  ? 453  LEU F N   1 
ATOM   1212 C CA  . LEU A 1 153 ? -11.038 -3.436  -3.524  1.00 25.39  ? 453  LEU F CA  1 
ATOM   1213 C C   . LEU A 1 153 ? -11.101 -4.905  -3.105  1.00 25.71  ? 453  LEU F C   1 
ATOM   1214 O O   . LEU A 1 153 ? -11.431 -5.784  -3.913  1.00 26.08  ? 453  LEU F O   1 
ATOM   1215 C CB  . LEU A 1 153 ? -9.591  -3.073  -3.869  1.00 20.74  ? 453  LEU F CB  1 
ATOM   1216 C CG  . LEU A 1 153 ? -9.075  -3.226  -5.310  1.00 23.10  ? 453  LEU F CG  1 
ATOM   1217 C CD1 . LEU A 1 153 ? -7.573  -3.426  -5.270  1.00 20.26  ? 453  LEU F CD1 1 
ATOM   1218 C CD2 . LEU A 1 153 ? -9.720  -4.401  -6.018  1.00 22.80  ? 453  LEU F CD2 1 
ATOM   1219 N N   . GLY A 1 154 ? -10.788 -5.163  -1.837  1.00 22.78  ? 454  GLY F N   1 
ATOM   1220 C CA  . GLY A 1 154 ? -10.803 -6.526  -1.325  1.00 21.86  ? 454  GLY F CA  1 
ATOM   1221 C C   . GLY A 1 154 ? -11.119 -6.580  0.160   1.00 22.80  ? 454  GLY F C   1 
ATOM   1222 O O   . GLY A 1 154 ? -10.963 -5.578  0.876   1.00 22.93  ? 454  GLY F O   1 
ATOM   1223 N N   . THR A 1 155 ? -11.573 -7.736  0.633   1.00 20.93  ? 455  THR F N   1 
ATOM   1224 C CA  . THR A 1 155 ? -11.892 -7.882  2.047   1.00 21.34  ? 455  THR F CA  1 
ATOM   1225 C C   . THR A 1 155 ? -11.224 -9.106  2.645   1.00 22.17  ? 455  THR F C   1 
ATOM   1226 O O   . THR A 1 155 ? -10.848 -10.039 1.940   1.00 21.94  ? 455  THR F O   1 
ATOM   1227 C CB  . THR A 1 155 ? -13.410 -8.007  2.312   1.00 20.75  ? 455  THR F CB  1 
ATOM   1228 O OG1 . THR A 1 155 ? -13.895 -9.219  1.727   1.00 20.55  ? 455  THR F OG1 1 
ATOM   1229 C CG2 . THR A 1 155 ? -14.160 -6.818  1.751   1.00 20.36  ? 455  THR F CG2 1 
ATOM   1230 N N   . THR A 1 156 ? -11.101 -9.087  3.964   1.00 19.92  ? 456  THR F N   1 
ATOM   1231 C CA  . THR A 1 156 ? -10.486 -10.174 4.699   1.00 20.60  ? 456  THR F CA  1 
ATOM   1232 C C   . THR A 1 156 ? -11.100 -10.213 6.096   1.00 22.32  ? 456  THR F C   1 
ATOM   1233 O O   . THR A 1 156 ? -11.469 -9.169  6.657   1.00 20.61  ? 456  THR F O   1 
ATOM   1234 C CB  . THR A 1 156 ? -8.955  -9.951  4.835   1.00 20.57  ? 456  THR F CB  1 
ATOM   1235 O OG1 . THR A 1 156 ? -8.334  -10.016 3.544   1.00 20.10  ? 456  THR F OG1 1 
ATOM   1236 C CG2 . THR A 1 156 ? -8.347  -10.984 5.750   1.00 19.18  ? 456  THR F CG2 1 
ATOM   1237 N N   . GLU A 1 157 ? -11.215 -11.409 6.661   1.00 25.57  ? 457  GLU F N   1 
ATOM   1238 C CA  . GLU A 1 157 ? -11.759 -11.520 8.004   1.00 28.09  ? 457  GLU F CA  1 
ATOM   1239 C C   . GLU A 1 157 ? -10.702 -11.960 8.994   1.00 27.85  ? 457  GLU F C   1 
ATOM   1240 O O   . GLU A 1 157 ? -9.807  -12.731 8.655   1.00 30.49  ? 457  GLU F O   1 
ATOM   1241 C CB  . GLU A 1 157 ? -12.930 -12.503 8.065   1.00 30.44  ? 457  GLU F CB  1 
ATOM   1242 C CG  . GLU A 1 157 ? -13.371 -12.768 9.500   1.00 36.70  ? 457  GLU F CG  1 
ATOM   1243 C CD  . GLU A 1 157 ? -14.710 -13.466 9.611   1.00 41.45  ? 457  GLU F CD  1 
ATOM   1244 O OE1 . GLU A 1 157 ? -14.977 -14.396 8.826   1.00 46.11  ? 457  GLU F OE1 1 
ATOM   1245 O OE2 . GLU A 1 157 ? -15.498 -13.093 10.500  1.00 45.87  ? 457  GLU F OE2 1 
ATOM   1246 N N   . TYR A 1 158 ? -10.802 -11.432 10.212  1.00 22.20  ? 458  TYR F N   1 
ATOM   1247 C CA  . TYR A 1 158 ? -9.913  -11.782 11.306  1.00 22.97  ? 458  TYR F CA  1 
ATOM   1248 C C   . TYR A 1 158 ? -10.690 -11.731 12.613  1.00 24.97  ? 458  TYR F C   1 
ATOM   1249 O O   . TYR A 1 158 ? -11.119 -10.655 13.045  1.00 22.94  ? 458  TYR F O   1 
ATOM   1250 C CB  . TYR A 1 158 ? -8.721  -10.830 11.421  1.00 33.99  ? 458  TYR F CB  1 
ATOM   1251 C CG  . TYR A 1 158 ? -7.848  -11.149 12.629  1.00 37.26  ? 458  TYR F CG  1 
ATOM   1252 C CD1 . TYR A 1 158 ? -7.143  -12.356 12.702  1.00 40.12  ? 458  TYR F CD1 1 
ATOM   1253 C CD2 . TYR A 1 158 ? -7.752  -10.264 13.713  1.00 37.69  ? 458  TYR F CD2 1 
ATOM   1254 C CE1 . TYR A 1 158 ? -6.363  -12.676 13.826  1.00 41.55  ? 458  TYR F CE1 1 
ATOM   1255 C CE2 . TYR A 1 158 ? -6.979  -10.574 14.840  1.00 38.24  ? 458  TYR F CE2 1 
ATOM   1256 C CZ  . TYR A 1 158 ? -6.288  -11.783 14.886  1.00 40.83  ? 458  TYR F CZ  1 
ATOM   1257 O OH  . TYR A 1 158 ? -5.521  -12.108 15.978  1.00 40.90  ? 458  TYR F OH  1 
ATOM   1258 N N   . ASP A 1 159 ? -10.866 -12.895 13.236  1.00 27.92  ? 459  ASP F N   1 
ATOM   1259 C CA  . ASP A 1 159 ? -11.579 -12.988 14.506  1.00 32.21  ? 459  ASP F CA  1 
ATOM   1260 C C   . ASP A 1 159 ? -12.974 -12.359 14.428  1.00 31.35  ? 459  ASP F C   1 
ATOM   1261 O O   . ASP A 1 159 ? -13.326 -11.514 15.250  1.00 31.57  ? 459  ASP F O   1 
ATOM   1262 C CB  . ASP A 1 159 ? -10.759 -12.297 15.610  1.00 63.28  ? 459  ASP F CB  1 
ATOM   1263 C CG  . ASP A 1 159 ? -10.942 -12.948 16.978  1.00 70.10  ? 459  ASP F CG  1 
ATOM   1264 O OD1 . ASP A 1 159 ? -10.499 -12.357 17.993  1.00 71.33  ? 459  ASP F OD1 1 
ATOM   1265 O OD2 . ASP A 1 159 ? -11.521 -14.058 17.034  1.00 73.06  ? 459  ASP F OD2 1 
ATOM   1266 N N   . GLY A 1 160 ? -13.760 -12.755 13.431  1.00 35.59  ? 460  GLY F N   1 
ATOM   1267 C CA  . GLY A 1 160 ? -15.106 -12.217 13.295  1.00 35.06  ? 460  GLY F CA  1 
ATOM   1268 C C   . GLY A 1 160 ? -15.290 -10.832 12.685  1.00 34.63  ? 460  GLY F C   1 
ATOM   1269 O O   . GLY A 1 160 ? -16.406 -10.469 12.315  1.00 34.66  ? 460  GLY F O   1 
ATOM   1270 N N   . GLU A 1 161 ? -14.220 -10.054 12.571  1.00 31.25  ? 461  GLU F N   1 
ATOM   1271 C CA  . GLU A 1 161 ? -14.328 -8.712  11.999  1.00 29.19  ? 461  GLU F CA  1 
ATOM   1272 C C   . GLU A 1 161 ? -13.834 -8.721  10.550  1.00 28.13  ? 461  GLU F C   1 
ATOM   1273 O O   . GLU A 1 161 ? -12.730 -9.195  10.269  1.00 26.69  ? 461  GLU F O   1 
ATOM   1274 C CB  . GLU A 1 161 ? -13.500 -7.731  12.836  1.00 31.94  ? 461  GLU F CB  1 
ATOM   1275 C CG  . GLU A 1 161 ? -13.478 -6.277  12.357  1.00 33.11  ? 461  GLU F CG  1 
ATOM   1276 C CD  . GLU A 1 161 ? -12.489 -5.427  13.159  1.00 34.34  ? 461  GLU F CD  1 
ATOM   1277 O OE1 . GLU A 1 161 ? -12.298 -4.239  12.842  1.00 33.44  ? 461  GLU F OE1 1 
ATOM   1278 O OE2 . GLU A 1 161 ? -11.895 -5.953  14.120  1.00 37.05  ? 461  GLU F OE2 1 
ATOM   1279 N N   . ILE A 1 162 ? -14.661 -8.220  9.631   1.00 26.96  ? 462  ILE F N   1 
ATOM   1280 C CA  . ILE A 1 162 ? -14.285 -8.155  8.220   1.00 24.59  ? 462  ILE F CA  1 
ATOM   1281 C C   . ILE A 1 162 ? -13.853 -6.713  7.942   1.00 25.52  ? 462  ILE F C   1 
ATOM   1282 O O   . ILE A 1 162 ? -14.551 -5.755  8.280   1.00 28.16  ? 462  ILE F O   1 
ATOM   1283 C CB  . ILE A 1 162 ? -15.466 -8.520  7.293   1.00 18.76  ? 462  ILE F CB  1 
ATOM   1284 C CG1 . ILE A 1 162 ? -16.059 -9.869  7.697   1.00 17.10  ? 462  ILE F CG1 1 
ATOM   1285 C CG2 . ILE A 1 162 ? -14.985 -8.613  5.850   1.00 15.82  ? 462  ILE F CG2 1 
ATOM   1286 C CD1 . ILE A 1 162 ? -17.395 -10.167 7.045   1.00 11.52  ? 462  ILE F CD1 1 
ATOM   1287 N N   . PHE A 1 163 ? -12.699 -6.553  7.326   1.00 20.44  ? 463  PHE F N   1 
ATOM   1288 C CA  . PHE A 1 163 ? -12.201 -5.221  7.053   1.00 18.68  ? 463  PHE F CA  1 
ATOM   1289 C C   . PHE A 1 163 ? -11.671 -5.166  5.638   1.00 17.26  ? 463  PHE F C   1 
ATOM   1290 O O   . PHE A 1 163 ? -11.514 -6.188  4.982   1.00 18.67  ? 463  PHE F O   1 
ATOM   1291 C CB  . PHE A 1 163 ? -11.084 -4.880  8.047   1.00 19.64  ? 463  PHE F CB  1 
ATOM   1292 C CG  . PHE A 1 163 ? -9.897  -5.802  7.956   1.00 17.61  ? 463  PHE F CG  1 
ATOM   1293 C CD1 . PHE A 1 163 ? -8.731  -5.400  7.318   1.00 17.17  ? 463  PHE F CD1 1 
ATOM   1294 C CD2 . PHE A 1 163 ? -9.959  -7.083  8.481   1.00 17.98  ? 463  PHE F CD2 1 
ATOM   1295 C CE1 . PHE A 1 163 ? -7.639  -6.272  7.205   1.00 18.13  ? 463  PHE F CE1 1 
ATOM   1296 C CE2 . PHE A 1 163 ? -8.867  -7.965  8.372   1.00 16.59  ? 463  PHE F CE2 1 
ATOM   1297 C CZ  . PHE A 1 163 ? -7.712  -7.556  7.735   1.00 13.86  ? 463  PHE F CZ  1 
ATOM   1298 N N   . PRO A 1 164 ? -11.415 -3.960  5.138   1.00 17.50  ? 464  PRO F N   1 
ATOM   1299 C CA  . PRO A 1 164 ? -10.896 -3.835  3.780   1.00 18.50  ? 464  PRO F CA  1 
ATOM   1300 C C   . PRO A 1 164 ? -9.390  -4.122  3.723   1.00 19.27  ? 464  PRO F C   1 
ATOM   1301 O O   . PRO A 1 164 ? -8.581  -3.297  4.131   1.00 19.52  ? 464  PRO F O   1 
ATOM   1302 C CB  . PRO A 1 164 ? -11.236 -2.393  3.418   1.00 17.35  ? 464  PRO F CB  1 
ATOM   1303 C CG  . PRO A 1 164 ? -11.123 -1.695  4.743   1.00 18.76  ? 464  PRO F CG  1 
ATOM   1304 C CD  . PRO A 1 164 ? -11.789 -2.645  5.695   1.00 17.67  ? 464  PRO F CD  1 
ATOM   1305 N N   . SER A 1 165 ? -9.021  -5.307  3.233   1.00 23.89  ? 465  SER F N   1 
ATOM   1306 C CA  . SER A 1 165 ? -7.612  -5.665  3.116   1.00 23.02  ? 465  SER F CA  1 
ATOM   1307 C C   . SER A 1 165 ? -6.989  -4.997  1.882   1.00 22.89  ? 465  SER F C   1 
ATOM   1308 O O   . SER A 1 165 ? -5.764  -4.920  1.756   1.00 24.69  ? 465  SER F O   1 
ATOM   1309 C CB  . SER A 1 165 ? -7.468  -7.177  3.045   1.00 17.17  ? 465  SER F CB  1 
ATOM   1310 O OG  . SER A 1 165 ? -8.386  -7.713  2.112   1.00 19.37  ? 465  SER F OG  1 
ATOM   1311 N N   . ALA A 1 166 ? -7.836  -4.512  0.979   1.00 17.60  ? 466  ALA F N   1 
ATOM   1312 C CA  . ALA A 1 166 ? -7.377  -3.807  -0.224  1.00 20.48  ? 466  ALA F CA  1 
ATOM   1313 C C   . ALA A 1 166 ? -8.355  -2.693  -0.537  1.00 20.79  ? 466  ALA F C   1 
ATOM   1314 O O   . ALA A 1 166 ? -9.565  -2.870  -0.417  1.00 22.08  ? 466  ALA F O   1 
ATOM   1315 C CB  . ALA A 1 166 ? -7.294  -4.755  -1.428  1.00 18.19  ? 466  ALA F CB  1 
ATOM   1316 N N   . VAL A 1 167 ? -7.832  -1.544  -0.938  1.00 21.13  ? 467  VAL F N   1 
ATOM   1317 C CA  . VAL A 1 167 ? -8.683  -0.417  -1.284  1.00 20.69  ? 467  VAL F CA  1 
ATOM   1318 C C   . VAL A 1 167 ? -8.338  0.189   -2.642  1.00 22.28  ? 467  VAL F C   1 
ATOM   1319 O O   . VAL A 1 167 ? -7.247  -0.027  -3.177  1.00 18.97  ? 467  VAL F O   1 
ATOM   1320 C CB  . VAL A 1 167 ? -8.587  0.681   -0.233  1.00 15.26  ? 467  VAL F CB  1 
ATOM   1321 C CG1 . VAL A 1 167 ? -9.291  0.237   1.037   1.00 14.27  ? 467  VAL F CG1 1 
ATOM   1322 C CG2 . VAL A 1 167 ? -7.112  1.009   0.028   1.00 13.20  ? 467  VAL F CG2 1 
ATOM   1323 N N   . ARG A 1 168 ? -9.275  0.966   -3.185  1.00 27.20  ? 468  ARG F N   1 
ATOM   1324 C CA  . ARG A 1 168 ? -9.078  1.603   -4.481  1.00 30.31  ? 468  ARG F CA  1 
ATOM   1325 C C   . ARG A 1 168 ? -9.867  2.891   -4.701  1.00 32.43  ? 468  ARG F C   1 
ATOM   1326 O O   . ARG A 1 168 ? -11.054 2.980   -4.381  1.00 33.82  ? 468  ARG F O   1 
ATOM   1327 C CB  . ARG A 1 168 ? -9.431  0.626   -5.602  1.00 28.80  ? 468  ARG F CB  1 
ATOM   1328 C CG  . ARG A 1 168 ? -9.757  1.315   -6.922  1.00 30.28  ? 468  ARG F CG  1 
ATOM   1329 C CD  . ARG A 1 168 ? -10.882 0.574   -7.632  1.00 32.25  ? 468  ARG F CD  1 
ATOM   1330 N NE  . ARG A 1 168 ? -10.376 -0.513  -8.451  1.00 31.96  ? 468  ARG F NE  1 
ATOM   1331 C CZ  . ARG A 1 168 ? -11.056 -1.618  -8.739  1.00 35.11  ? 468  ARG F CZ  1 
ATOM   1332 N NH1 . ARG A 1 168 ? -12.282 -1.800  -8.265  1.00 33.27  ? 468  ARG F NH1 1 
ATOM   1333 N NH2 . ARG A 1 168 ? -10.503 -2.545  -9.515  1.00 36.35  ? 468  ARG F NH2 1 
ATOM   1334 N N   . LYS A 1 169 ? -9.187  3.883   -5.260  1.00 34.54  ? 469  LYS F N   1 
ATOM   1335 C CA  . LYS A 1 169 ? -9.797  5.163   -5.600  1.00 35.70  ? 469  LYS F CA  1 
ATOM   1336 C C   . LYS A 1 169 ? -9.050  5.655   -6.828  1.00 37.78  ? 469  LYS F C   1 
ATOM   1337 O O   . LYS A 1 169 ? -7.984  6.267   -6.719  1.00 39.51  ? 469  LYS F O   1 
ATOM   1338 C CB  . LYS A 1 169 ? -9.654  6.183   -4.473  1.00 27.97  ? 469  LYS F CB  1 
ATOM   1339 C CG  . LYS A 1 169 ? -10.261 7.531   -4.821  1.00 28.48  ? 469  LYS F CG  1 
ATOM   1340 C CD  . LYS A 1 169 ? -10.063 8.547   -3.712  1.00 30.64  ? 469  LYS F CD  1 
ATOM   1341 C CE  . LYS A 1 169 ? -10.597 9.925   -4.107  1.00 31.06  ? 469  LYS F CE  1 
ATOM   1342 N NZ  . LYS A 1 169 ? -10.557 10.912  -2.972  1.00 31.42  ? 469  LYS F NZ  1 
ATOM   1343 N N   . GLY A 1 170 ? -9.604  5.366   -8.001  1.00 32.46  ? 470  GLY F N   1 
ATOM   1344 C CA  . GLY A 1 170 ? -8.959  5.776   -9.234  1.00 33.02  ? 470  GLY F CA  1 
ATOM   1345 C C   . GLY A 1 170 ? -7.700  4.957   -9.443  1.00 34.51  ? 470  GLY F C   1 
ATOM   1346 O O   . GLY A 1 170 ? -7.745  3.726   -9.460  1.00 32.98  ? 470  GLY F O   1 
ATOM   1347 N N   . ARG A 1 171 ? -6.572  5.638   -9.603  1.00 46.21  ? 471  ARG F N   1 
ATOM   1348 C CA  . ARG A 1 171 ? -5.305  4.947   -9.801  1.00 48.53  ? 471  ARG F CA  1 
ATOM   1349 C C   . ARG A 1 171 ? -4.587  4.751   -8.460  1.00 46.11  ? 471  ARG F C   1 
ATOM   1350 O O   . ARG A 1 171 ? -3.404  4.419   -8.419  1.00 47.80  ? 471  ARG F O   1 
ATOM   1351 C CB  . ARG A 1 171 ? -4.420  5.735   -10.774 1.00 65.24  ? 471  ARG F CB  1 
ATOM   1352 C CG  . ARG A 1 171 ? -5.090  6.026   -12.110 1.00 70.73  ? 471  ARG F CG  1 
ATOM   1353 C CD  . ARG A 1 171 ? -4.132  6.693   -13.078 1.00 76.15  ? 471  ARG F CD  1 
ATOM   1354 N NE  . ARG A 1 171 ? -4.794  7.150   -14.301 1.00 80.73  ? 471  ARG F NE  1 
ATOM   1355 C CZ  . ARG A 1 171 ? -5.689  8.135   -14.349 1.00 82.53  ? 471  ARG F CZ  1 
ATOM   1356 N NH1 . ARG A 1 171 ? -6.042  8.776   -13.238 1.00 82.49  ? 471  ARG F NH1 1 
ATOM   1357 N NH2 . ARG A 1 171 ? -6.220  8.490   -15.512 1.00 82.22  ? 471  ARG F NH2 1 
ATOM   1358 N N   . ILE A 1 172 ? -5.306  4.966   -7.365  1.00 30.39  ? 472  ILE F N   1 
ATOM   1359 C CA  . ILE A 1 172 ? -4.717  4.781   -6.049  1.00 28.04  ? 472  ILE F CA  1 
ATOM   1360 C C   . ILE A 1 172 ? -5.120  3.412   -5.503  1.00 26.85  ? 472  ILE F C   1 
ATOM   1361 O O   . ILE A 1 172 ? -6.313  3.097   -5.404  1.00 27.82  ? 472  ILE F O   1 
ATOM   1362 C CB  . ILE A 1 172 ? -5.188  5.865   -5.055  1.00 27.57  ? 472  ILE F CB  1 
ATOM   1363 C CG1 . ILE A 1 172 ? -4.932  7.262   -5.639  1.00 24.48  ? 472  ILE F CG1 1 
ATOM   1364 C CG2 . ILE A 1 172 ? -4.467  5.681   -3.721  1.00 26.93  ? 472  ILE F CG2 1 
ATOM   1365 C CD1 . ILE A 1 172 ? -5.491  8.412   -4.806  1.00 19.84  ? 472  ILE F CD1 1 
ATOM   1366 N N   . LEU A 1 173 ? -4.127  2.594   -5.173  1.00 25.94  ? 473  LEU F N   1 
ATOM   1367 C CA  . LEU A 1 173 ? -4.380  1.266   -4.623  1.00 24.26  ? 473  LEU F CA  1 
ATOM   1368 C C   . LEU A 1 173 ? -3.722  1.120   -3.263  1.00 21.94  ? 473  LEU F C   1 
ATOM   1369 O O   . LEU A 1 173 ? -2.719  1.766   -2.960  1.00 22.29  ? 473  LEU F O   1 
ATOM   1370 C CB  . LEU A 1 173 ? -3.826  0.171   -5.533  1.00 32.11  ? 473  LEU F CB  1 
ATOM   1371 C CG  . LEU A 1 173 ? -4.233  0.114   -7.006  1.00 35.38  ? 473  LEU F CG  1 
ATOM   1372 C CD1 . LEU A 1 173 ? -3.489  -1.028  -7.668  1.00 33.56  ? 473  LEU F CD1 1 
ATOM   1373 C CD2 . LEU A 1 173 ? -5.741  -0.075  -7.133  1.00 36.16  ? 473  LEU F CD2 1 
ATOM   1374 N N   . GLY A 1 174 ? -4.286  0.245   -2.452  1.00 23.05  ? 474  GLY F N   1 
ATOM   1375 C CA  . GLY A 1 174 ? -3.729  -0.002  -1.146  1.00 23.92  ? 474  GLY F CA  1 
ATOM   1376 C C   . GLY A 1 174 ? -3.929  -1.465  -0.809  1.00 24.04  ? 474  GLY F C   1 
ATOM   1377 O O   . GLY A 1 174 ? -5.006  -2.010  -1.060  1.00 23.59  ? 474  GLY F O   1 
ATOM   1378 N N   . PHE A 1 175 ? -2.894  -2.094  -0.262  1.00 15.29  ? 475  PHE F N   1 
ATOM   1379 C CA  . PHE A 1 175 ? -2.969  -3.489  0.130   1.00 18.93  ? 475  PHE F CA  1 
ATOM   1380 C C   . PHE A 1 175 ? -2.463  -3.576  1.558   1.00 20.40  ? 475  PHE F C   1 
ATOM   1381 O O   . PHE A 1 175 ? -1.324  -3.190  1.854   1.00 20.65  ? 475  PHE F O   1 
ATOM   1382 C CB  . PHE A 1 175 ? -2.119  -4.364  -0.788  1.00 21.67  ? 475  PHE F CB  1 
ATOM   1383 C CG  . PHE A 1 175 ? -2.510  -4.276  -2.231  1.00 22.22  ? 475  PHE F CG  1 
ATOM   1384 C CD1 . PHE A 1 175 ? -1.711  -3.586  -3.144  1.00 21.30  ? 475  PHE F CD1 1 
ATOM   1385 C CD2 . PHE A 1 175 ? -3.696  -4.862  -2.677  1.00 21.45  ? 475  PHE F CD2 1 
ATOM   1386 C CE1 . PHE A 1 175 ? -2.093  -3.476  -4.490  1.00 22.40  ? 475  PHE F CE1 1 
ATOM   1387 C CE2 . PHE A 1 175 ? -4.091  -4.762  -4.012  1.00 21.61  ? 475  PHE F CE2 1 
ATOM   1388 C CZ  . PHE A 1 175 ? -3.292  -4.067  -4.925  1.00 22.09  ? 475  PHE F CZ  1 
ATOM   1389 N N   . GLN A 1 176 ? -3.327  -4.054  2.446   1.00 22.65  ? 476  GLN F N   1 
ATOM   1390 C CA  . GLN A 1 176 ? -2.985  -4.164  3.859   1.00 25.68  ? 476  GLN F CA  1 
ATOM   1391 C C   . GLN A 1 176 ? -2.032  -5.320  4.141   1.00 24.55  ? 476  GLN F C   1 
ATOM   1392 O O   . GLN A 1 176 ? -1.411  -5.365  5.191   1.00 24.47  ? 476  GLN F O   1 
ATOM   1393 C CB  . GLN A 1 176 ? -4.250  -4.354  4.701   1.00 31.53  ? 476  GLN F CB  1 
ATOM   1394 C CG  . GLN A 1 176 ? -3.970  -4.484  6.180   1.00 31.85  ? 476  GLN F CG  1 
ATOM   1395 C CD  . GLN A 1 176 ? -3.603  -3.158  6.783   1.00 33.95  ? 476  GLN F CD  1 
ATOM   1396 O OE1 . GLN A 1 176 ? -4.471  -2.322  7.021   1.00 32.95  ? 476  GLN F OE1 1 
ATOM   1397 N NE2 . GLN A 1 176 ? -2.309  -2.941  7.012   1.00 33.04  ? 476  GLN F NE2 1 
ATOM   1398 N N   . PHE A 1 177 ? -1.922  -6.253  3.207   1.00 22.37  ? 477  PHE F N   1 
ATOM   1399 C CA  . PHE A 1 177 ? -1.043  -7.393  3.407   1.00 24.88  ? 477  PHE F CA  1 
ATOM   1400 C C   . PHE A 1 177 ? 0.284   -7.147  2.704   1.00 26.63  ? 477  PHE F C   1 
ATOM   1401 O O   . PHE A 1 177 ? 0.443   -6.150  1.989   1.00 23.59  ? 477  PHE F O   1 
ATOM   1402 C CB  . PHE A 1 177 ? -1.686  -8.656  2.848   1.00 21.40  ? 477  PHE F CB  1 
ATOM   1403 C CG  . PHE A 1 177 ? -2.166  -8.495  1.451   1.00 23.71  ? 477  PHE F CG  1 
ATOM   1404 C CD1 . PHE A 1 177 ? -3.485  -8.138  1.195   1.00 24.06  ? 477  PHE F CD1 1 
ATOM   1405 C CD2 . PHE A 1 177 ? -1.287  -8.634  0.381   1.00 21.23  ? 477  PHE F CD2 1 
ATOM   1406 C CE1 . PHE A 1 177 ? -3.917  -7.921  -0.100  1.00 21.84  ? 477  PHE F CE1 1 
ATOM   1407 C CE2 . PHE A 1 177 ? -1.713  -8.415  -0.909  1.00 21.94  ? 477  PHE F CE2 1 
ATOM   1408 C CZ  . PHE A 1 177 ? -3.034  -8.057  -1.152  1.00 21.28  ? 477  PHE F CZ  1 
ATOM   1409 N N   . HIS A 1 178 ? 1.226   -8.064  2.918   1.00 24.40  ? 478  HIS F N   1 
ATOM   1410 C CA  . HIS A 1 178 ? 2.552   -7.982  2.312   1.00 28.41  ? 478  HIS F CA  1 
ATOM   1411 C C   . HIS A 1 178 ? 2.582   -8.767  1.015   1.00 27.99  ? 478  HIS F C   1 
ATOM   1412 O O   . HIS A 1 178 ? 2.621   -9.991  1.032   1.00 28.87  ? 478  HIS F O   1 
ATOM   1413 C CB  . HIS A 1 178 ? 3.595   -8.566  3.259   1.00 50.33  ? 478  HIS F CB  1 
ATOM   1414 C CG  . HIS A 1 178 ? 3.924   -7.685  4.422   1.00 54.66  ? 478  HIS F CG  1 
ATOM   1415 N ND1 . HIS A 1 178 ? 4.866   -6.682  4.353   1.00 58.19  ? 478  HIS F ND1 1 
ATOM   1416 C CD2 . HIS A 1 178 ? 3.446   -7.665  5.690   1.00 57.22  ? 478  HIS F CD2 1 
ATOM   1417 C CE1 . HIS A 1 178 ? 4.959   -6.084  5.528   1.00 60.10  ? 478  HIS F CE1 1 
ATOM   1418 N NE2 . HIS A 1 178 ? 4.106   -6.661  6.357   1.00 59.96  ? 478  HIS F NE2 1 
ATOM   1419 N N   . PRO A 1 179 ? 2.567   -8.077  -0.130  1.00 35.49  ? 479  PRO F N   1 
ATOM   1420 C CA  . PRO A 1 179 ? 2.599   -8.819  -1.393  1.00 37.52  ? 479  PRO F CA  1 
ATOM   1421 C C   . PRO A 1 179 ? 3.900   -9.618  -1.496  1.00 39.49  ? 479  PRO F C   1 
ATOM   1422 O O   . PRO A 1 179 ? 3.896   -10.792 -1.861  1.00 39.92  ? 479  PRO F O   1 
ATOM   1423 C CB  . PRO A 1 179 ? 2.523   -7.717  -2.450  1.00 32.89  ? 479  PRO F CB  1 
ATOM   1424 C CG  . PRO A 1 179 ? 1.871   -6.583  -1.735  1.00 32.98  ? 479  PRO F CG  1 
ATOM   1425 C CD  . PRO A 1 179 ? 2.492   -6.629  -0.373  1.00 32.21  ? 479  PRO F CD  1 
ATOM   1426 N N   . GLU A 1 180 ? 5.005   -8.966  -1.151  1.00 38.02  ? 480  GLU F N   1 
ATOM   1427 C CA  . GLU A 1 180 ? 6.324   -9.578  -1.219  1.00 41.66  ? 480  GLU F CA  1 
ATOM   1428 C C   . GLU A 1 180 ? 6.527   -10.773 -0.281  1.00 42.78  ? 480  GLU F C   1 
ATOM   1429 O O   . GLU A 1 180 ? 7.529   -11.473 -0.380  1.00 42.72  ? 480  GLU F O   1 
ATOM   1430 C CB  . GLU A 1 180 ? 7.414   -8.518  -0.968  1.00 43.60  ? 480  GLU F CB  1 
ATOM   1431 C CG  . GLU A 1 180 ? 7.604   -8.074  0.484   1.00 44.80  ? 480  GLU F CG  1 
ATOM   1432 C CD  . GLU A 1 180 ? 6.434   -7.283  1.056   1.00 46.15  ? 480  GLU F CD  1 
ATOM   1433 O OE1 . GLU A 1 180 ? 5.478   -6.967  0.313   1.00 46.67  ? 480  GLU F OE1 1 
ATOM   1434 O OE2 . GLU A 1 180 ? 6.475   -6.970  2.265   1.00 46.99  ? 480  GLU F OE2 1 
ATOM   1435 N N   . LYS A 1 181 ? 5.588   -11.003 0.628   1.00 55.99  ? 481  LYS F N   1 
ATOM   1436 C CA  . LYS A 1 181 ? 5.686   -12.138 1.547   1.00 57.42  ? 481  LYS F CA  1 
ATOM   1437 C C   . LYS A 1 181 ? 4.555   -13.134 1.319   1.00 59.28  ? 481  LYS F C   1 
ATOM   1438 O O   . LYS A 1 181 ? 4.297   -13.986 2.171   1.00 61.64  ? 481  LYS F O   1 
ATOM   1439 C CB  . LYS A 1 181 ? 5.634   -11.673 3.000   1.00 50.66  ? 481  LYS F CB  1 
ATOM   1440 C CG  . LYS A 1 181 ? 6.911   -11.055 3.506   1.00 52.80  ? 481  LYS F CG  1 
ATOM   1441 C CD  . LYS A 1 181 ? 6.829   -10.819 4.996   1.00 55.16  ? 481  LYS F CD  1 
ATOM   1442 C CE  . LYS A 1 181 ? 8.141   -10.262 5.525   1.00 57.87  ? 481  LYS F CE  1 
ATOM   1443 N NZ  . LYS A 1 181 ? 9.282   -11.165 5.215   1.00 58.63  ? 481  LYS F NZ  1 
ATOM   1444 N N   . SER A 1 182 ? 3.889   -13.026 0.173   1.00 49.10  ? 482  SER F N   1 
ATOM   1445 C CA  . SER A 1 182 ? 2.770   -13.905 -0.155  1.00 48.72  ? 482  SER F CA  1 
ATOM   1446 C C   . SER A 1 182 ? 3.048   -14.862 -1.311  1.00 50.06  ? 482  SER F C   1 
ATOM   1447 O O   . SER A 1 182 ? 2.154   -15.180 -2.102  1.00 49.87  ? 482  SER F O   1 
ATOM   1448 C CB  . SER A 1 182 ? 1.524   -13.069 -0.467  1.00 40.87  ? 482  SER F CB  1 
ATOM   1449 O OG  . SER A 1 182 ? 1.035   -12.443 0.704   1.00 37.39  ? 482  SER F OG  1 
ATOM   1450 N N   . SER A 1 183 ? 4.296   -15.307 -1.403  1.00 54.94  ? 483  SER F N   1 
ATOM   1451 C CA  . SER A 1 183 ? 4.722   -16.253 -2.424  1.00 55.34  ? 483  SER F CA  1 
ATOM   1452 C C   . SER A 1 183 ? 4.105   -16.072 -3.811  1.00 55.72  ? 483  SER F C   1 
ATOM   1453 O O   . SER A 1 183 ? 4.077   -14.974 -4.360  1.00 56.46  ? 483  SER F O   1 
ATOM   1454 C CB  . SER A 1 183 ? 4.473   -17.680 -1.926  1.00 58.06  ? 483  SER F CB  1 
ATOM   1455 N N   . LYS A 1 184 ? 3.612   -17.175 -4.366  1.00 62.17  ? 484  LYS F N   1 
ATOM   1456 C CA  . LYS A 1 184 ? 3.027   -17.203 -5.702  1.00 61.50  ? 484  LYS F CA  1 
ATOM   1457 C C   . LYS A 1 184 ? 1.953   -16.158 -6.002  1.00 61.02  ? 484  LYS F C   1 
ATOM   1458 O O   . LYS A 1 184 ? 2.102   -15.341 -6.920  1.00 60.16  ? 484  LYS F O   1 
ATOM   1459 C CB  . LYS A 1 184 ? 2.480   -18.602 -5.980  1.00 64.03  ? 484  LYS F CB  1 
ATOM   1460 N N   . ILE A 1 185 ? 0.866   -16.195 -5.237  1.00 46.54  ? 485  ILE F N   1 
ATOM   1461 C CA  . ILE A 1 185 ? -0.232  -15.267 -5.449  1.00 43.68  ? 485  ILE F CA  1 
ATOM   1462 C C   . ILE A 1 185 ? 0.227   -13.821 -5.240  1.00 43.00  ? 485  ILE F C   1 
ATOM   1463 O O   . ILE A 1 185 ? -0.365  -12.883 -5.777  1.00 41.16  ? 485  ILE F O   1 
ATOM   1464 C CB  . ILE A 1 185 ? -1.413  -15.618 -4.521  1.00 41.22  ? 485  ILE F CB  1 
ATOM   1465 C CG1 . ILE A 1 185 ? -2.622  -14.749 -4.861  1.00 41.48  ? 485  ILE F CG1 1 
ATOM   1466 C CG2 . ILE A 1 185 ? -0.998  -15.473 -3.074  1.00 40.35  ? 485  ILE F CG2 1 
ATOM   1467 C CD1 . ILE A 1 185 ? -3.889  -15.169 -4.143  1.00 41.05  ? 485  ILE F CD1 1 
ATOM   1468 N N   . GLY A 1 186 ? 1.305   -13.657 -4.479  1.00 43.45  ? 486  GLY F N   1 
ATOM   1469 C CA  . GLY A 1 186 ? 1.847   -12.332 -4.234  1.00 43.98  ? 486  GLY F CA  1 
ATOM   1470 C C   . GLY A 1 186 ? 2.500   -11.767 -5.485  1.00 45.14  ? 486  GLY F C   1 
ATOM   1471 O O   . GLY A 1 186 ? 2.138   -10.677 -5.945  1.00 44.55  ? 486  GLY F O   1 
ATOM   1472 N N   . ARG A 1 187 ? 3.461   -12.509 -6.040  1.00 47.35  ? 487  ARG F N   1 
ATOM   1473 C CA  . ARG A 1 187 ? 4.160   -12.086 -7.255  1.00 46.60  ? 487  ARG F CA  1 
ATOM   1474 C C   . ARG A 1 187 ? 3.129   -11.806 -8.332  1.00 45.24  ? 487  ARG F C   1 
ATOM   1475 O O   . ARG A 1 187 ? 3.267   -10.878 -9.124  1.00 46.30  ? 487  ARG F O   1 
ATOM   1476 C CB  . ARG A 1 187 ? 5.127   -13.181 -7.724  1.00 49.48  ? 487  ARG F CB  1 
ATOM   1477 N N   . LYS A 1 188 ? 2.086   -12.624 -8.348  1.00 43.06  ? 488  LYS F N   1 
ATOM   1478 C CA  . LYS A 1 188 ? 1.008   -12.488 -9.317  1.00 42.16  ? 488  LYS F CA  1 
ATOM   1479 C C   . LYS A 1 188 ? 0.278   -11.157 -9.111  1.00 40.75  ? 488  LYS F C   1 
ATOM   1480 O O   . LYS A 1 188 ? -0.094  -10.478 -10.077 1.00 38.93  ? 488  LYS F O   1 
ATOM   1481 C CB  . LYS A 1 188 ? 0.055   -13.666 -9.148  1.00 49.86  ? 488  LYS F CB  1 
ATOM   1482 C CG  . LYS A 1 188 ? -1.113  -13.699 -10.092 1.00 53.18  ? 488  LYS F CG  1 
ATOM   1483 C CD  . LYS A 1 188 ? -1.880  -14.997 -9.881  1.00 55.67  ? 488  LYS F CD  1 
ATOM   1484 C CE  . LYS A 1 188 ? -3.047  -15.144 -10.837 1.00 54.52  ? 488  LYS F CE  1 
ATOM   1485 N NZ  . LYS A 1 188 ? -3.696  -16.457 -10.627 1.00 55.37  ? 488  LYS F NZ  1 
ATOM   1486 N N   . LEU A 1 189 ? 0.082   -10.794 -7.844  1.00 38.62  ? 489  LEU F N   1 
ATOM   1487 C CA  . LEU A 1 189 ? -0.584  -9.550  -7.471  1.00 36.07  ? 489  LEU F CA  1 
ATOM   1488 C C   . LEU A 1 189 ? 0.264   -8.393  -7.977  1.00 35.27  ? 489  LEU F C   1 
ATOM   1489 O O   . LEU A 1 189 ? -0.219  -7.508  -8.697  1.00 32.64  ? 489  LEU F O   1 
ATOM   1490 C CB  . LEU A 1 189 ? -0.714  -9.468  -5.947  1.00 37.70  ? 489  LEU F CB  1 
ATOM   1491 C CG  . LEU A 1 189 ? -1.478  -8.319  -5.281  1.00 37.04  ? 489  LEU F CG  1 
ATOM   1492 C CD1 . LEU A 1 189 ? -0.728  -7.004  -5.428  1.00 35.48  ? 489  LEU F CD1 1 
ATOM   1493 C CD2 . LEU A 1 189 ? -2.856  -8.230  -5.891  1.00 37.58  ? 489  LEU F CD2 1 
ATOM   1494 N N   . LEU A 1 190 ? 1.536   -8.409  -7.589  1.00 33.74  ? 490  LEU F N   1 
ATOM   1495 C CA  . LEU A 1 190 ? 2.481   -7.374  -7.996  1.00 33.13  ? 490  LEU F CA  1 
ATOM   1496 C C   . LEU A 1 190 ? 2.505   -7.244  -9.508  1.00 33.91  ? 490  LEU F C   1 
ATOM   1497 O O   . LEU A 1 190 ? 2.573   -6.136  -10.039 1.00 32.71  ? 490  LEU F O   1 
ATOM   1498 C CB  . LEU A 1 190 ? 3.881   -7.707  -7.483  1.00 30.50  ? 490  LEU F CB  1 
ATOM   1499 C CG  . LEU A 1 190 ? 4.080   -7.636  -5.969  1.00 29.53  ? 490  LEU F CG  1 
ATOM   1500 C CD1 . LEU A 1 190 ? 5.516   -8.016  -5.631  1.00 27.95  ? 490  LEU F CD1 1 
ATOM   1501 C CD2 . LEU A 1 190 ? 3.768   -6.221  -5.474  1.00 28.87  ? 490  LEU F CD2 1 
ATOM   1502 N N   . GLU A 1 191 ? 2.451   -8.382  -10.201 1.00 39.69  ? 491  GLU F N   1 
ATOM   1503 C CA  . GLU A 1 191 ? 2.444   -8.381  -11.660 1.00 41.36  ? 491  GLU F CA  1 
ATOM   1504 C C   . GLU A 1 191 ? 1.214   -7.662  -12.175 1.00 41.04  ? 491  GLU F C   1 
ATOM   1505 O O   . GLU A 1 191 ? 1.307   -6.782  -13.039 1.00 40.63  ? 491  GLU F O   1 
ATOM   1506 C CB  . GLU A 1 191 ? 2.455   -9.806  -12.193 1.00 61.15  ? 491  GLU F CB  1 
ATOM   1507 C CG  . GLU A 1 191 ? 3.812   -10.469 -12.114 1.00 66.90  ? 491  GLU F CG  1 
ATOM   1508 C CD  . GLU A 1 191 ? 3.760   -11.922 -12.514 1.00 70.66  ? 491  GLU F CD  1 
ATOM   1509 O OE1 . GLU A 1 191 ? 3.204   -12.216 -13.598 1.00 72.81  ? 491  GLU F OE1 1 
ATOM   1510 O OE2 . GLU A 1 191 ? 4.274   -12.768 -11.746 1.00 72.34  ? 491  GLU F OE2 1 
ATOM   1511 N N   . LYS A 1 192 ? 0.057   -8.037  -11.638 1.00 37.43  ? 492  LYS F N   1 
ATOM   1512 C CA  . LYS A 1 192 ? -1.194  -7.416  -12.040 1.00 35.71  ? 492  LYS F CA  1 
ATOM   1513 C C   . LYS A 1 192 ? -1.119  -5.905  -11.816 1.00 34.35  ? 492  LYS F C   1 
ATOM   1514 O O   . LYS A 1 192 ? -1.645  -5.127  -12.610 1.00 34.12  ? 492  LYS F O   1 
ATOM   1515 C CB  . LYS A 1 192 ? -2.358  -8.012  -11.244 1.00 47.66  ? 492  LYS F CB  1 
ATOM   1516 C CG  . LYS A 1 192 ? -3.727  -7.657  -11.807 1.00 50.79  ? 492  LYS F CG  1 
ATOM   1517 C CD  . LYS A 1 192 ? -3.909  -8.245  -13.198 1.00 53.71  ? 492  LYS F CD  1 
ATOM   1518 C CE  . LYS A 1 192 ? -5.192  -7.759  -13.842 1.00 57.12  ? 492  LYS F CE  1 
ATOM   1519 N NZ  . LYS A 1 192 ? -5.332  -8.240  -15.250 1.00 56.92  ? 492  LYS F NZ  1 
ATOM   1520 N N   . VAL A 1 193 ? -0.456  -5.483  -10.740 1.00 37.43  ? 493  VAL F N   1 
ATOM   1521 C CA  . VAL A 1 193 ? -0.329  -4.052  -10.460 1.00 35.49  ? 493  VAL F CA  1 
ATOM   1522 C C   . VAL A 1 193 ? 0.472   -3.369  -11.561 1.00 36.15  ? 493  VAL F C   1 
ATOM   1523 O O   . VAL A 1 193 ? 0.063   -2.333  -12.084 1.00 35.41  ? 493  VAL F O   1 
ATOM   1524 C CB  . VAL A 1 193 ? 0.377   -3.769  -9.092  1.00 22.39  ? 493  VAL F CB  1 
ATOM   1525 C CG1 . VAL A 1 193 ? 0.636   -2.280  -8.946  1.00 17.72  ? 493  VAL F CG1 1 
ATOM   1526 C CG2 . VAL A 1 193 ? -0.484  -4.256  -7.935  1.00 17.30  ? 493  VAL F CG2 1 
ATOM   1527 N N   . ILE A 1 194 ? 1.619   -3.949  -11.900 1.00 35.34  ? 494  ILE F N   1 
ATOM   1528 C CA  . ILE A 1 194 ? 2.482   -3.396  -12.945 1.00 37.86  ? 494  ILE F CA  1 
ATOM   1529 C C   . ILE A 1 194 ? 1.698   -3.367  -14.245 1.00 40.88  ? 494  ILE F C   1 
ATOM   1530 O O   . ILE A 1 194 ? 1.698   -2.372  -14.974 1.00 40.69  ? 494  ILE F O   1 
ATOM   1531 C CB  . ILE A 1 194 ? 3.746   -4.266  -13.124 1.00 33.43  ? 494  ILE F CB  1 
ATOM   1532 C CG1 . ILE A 1 194 ? 4.589   -4.193  -11.855 1.00 29.50  ? 494  ILE F CG1 1 
ATOM   1533 C CG2 . ILE A 1 194 ? 4.540   -3.811  -14.337 1.00 31.06  ? 494  ILE F CG2 1 
ATOM   1534 C CD1 . ILE A 1 194 ? 5.772   -5.106  -11.863 1.00 32.70  ? 494  ILE F CD1 1 
ATOM   1535 N N   . GLU A 1 195 ? 1.014   -4.474  -14.502 1.00 47.02  ? 495  GLU F N   1 
ATOM   1536 C CA  . GLU A 1 195 ? 0.182   -4.660  -15.681 1.00 51.08  ? 495  GLU F CA  1 
ATOM   1537 C C   . GLU A 1 195 ? -0.826  -3.515  -15.845 1.00 51.29  ? 495  GLU F C   1 
ATOM   1538 O O   . GLU A 1 195 ? -0.981  -2.966  -16.939 1.00 51.67  ? 495  GLU F O   1 
ATOM   1539 C CB  . GLU A 1 195 ? -0.549  -5.989  -15.544 1.00 72.04  ? 495  GLU F CB  1 
ATOM   1540 C CG  . GLU A 1 195 ? -0.970  -6.638  -16.833 1.00 78.36  ? 495  GLU F CG  1 
ATOM   1541 C CD  . GLU A 1 195 ? -1.595  -7.994  -16.586 1.00 82.62  ? 495  GLU F CD  1 
ATOM   1542 O OE1 . GLU A 1 195 ? -0.938  -8.848  -15.944 1.00 82.84  ? 495  GLU F OE1 1 
ATOM   1543 O OE2 . GLU A 1 195 ? -2.746  -8.205  -17.027 1.00 86.53  ? 495  GLU F OE2 1 
ATOM   1544 N N   . CYS A 1 196 ? -1.505  -3.164  -14.753 1.00 43.79  ? 496  CYS F N   1 
ATOM   1545 C CA  . CYS A 1 196 ? -2.495  -2.088  -14.757 1.00 44.37  ? 496  CYS F CA  1 
ATOM   1546 C C   . CYS A 1 196 ? -1.892  -0.719  -15.037 1.00 46.12  ? 496  CYS F C   1 
ATOM   1547 O O   . CYS A 1 196 ? -2.488  0.097   -15.741 1.00 46.19  ? 496  CYS F O   1 
ATOM   1548 C CB  . CYS A 1 196 ? -3.225  -2.019  -13.412 1.00 47.82  ? 496  CYS F CB  1 
ATOM   1549 S SG  . CYS A 1 196 ? -4.475  -3.280  -13.148 1.00 44.84  ? 496  CYS F SG  1 
ATOM   1550 N N   . SER A 1 197 ? -0.720  -0.461  -14.465 1.00 54.57  ? 497  SER F N   1 
ATOM   1551 C CA  . SER A 1 197 ? -0.053  0.820   -14.654 1.00 56.46  ? 497  SER F CA  1 
ATOM   1552 C C   . SER A 1 197 ? 0.560   0.931   -16.047 1.00 57.30  ? 497  SER F C   1 
ATOM   1553 O O   . SER A 1 197 ? 0.861   2.030   -16.510 1.00 57.43  ? 497  SER F O   1 
ATOM   1554 C CB  . SER A 1 197 ? 1.030   1.020   -13.584 1.00 58.71  ? 497  SER F CB  1 
ATOM   1555 O OG  . SER A 1 197 ? 1.976   -0.034  -13.600 1.00 59.81  ? 497  SER F OG  1 
ATOM   1556 N N   . LEU A 1 198 ? 0.737   -0.210  -16.710 1.00 52.01  ? 498  LEU F N   1 
ATOM   1557 C CA  . LEU A 1 198 ? 1.306   -0.238  -18.059 1.00 53.79  ? 498  LEU F CA  1 
ATOM   1558 C C   . LEU A 1 198 ? 0.310   0.245   -19.108 1.00 55.91  ? 498  LEU F C   1 
ATOM   1559 O O   . LEU A 1 198 ? 0.702   0.798   -20.135 1.00 56.62  ? 498  LEU F O   1 
ATOM   1560 C CB  . LEU A 1 198 ? 1.777   -1.654  -18.421 1.00 41.39  ? 498  LEU F CB  1 
ATOM   1561 C CG  . LEU A 1 198 ? 3.096   -2.153  -17.814 1.00 40.06  ? 498  LEU F CG  1 
ATOM   1562 C CD1 . LEU A 1 198 ? 3.344   -3.586  -18.233 1.00 36.81  ? 498  LEU F CD1 1 
ATOM   1563 C CD2 . LEU A 1 198 ? 4.242   -1.264  -18.270 1.00 39.18  ? 498  LEU F CD2 1 
ATOM   1564 N N   . SER A 1 199 ? -0.977  0.039   -18.842 1.00 62.64  ? 499  SER F N   1 
ATOM   1565 C CA  . SER A 1 199 ? -2.035  0.452   -19.759 1.00 64.70  ? 499  SER F CA  1 
ATOM   1566 C C   . SER A 1 199 ? -2.537  1.867   -19.467 1.00 66.59  ? 499  SER F C   1 
ATOM   1567 O O   . SER A 1 199 ? -1.752  2.770   -19.166 1.00 66.90  ? 499  SER F O   1 
ATOM   1568 C CB  . SER A 1 199 ? -3.206  -0.524  -19.663 1.00 66.70  ? 499  SER F CB  1 
ATOM   1569 O OG  . SER A 1 199 ? -3.805  -0.462  -18.378 1.00 67.09  ? 499  SER F OG  1 
ATOM   1570 N N   . ARG A 1 200 ? -3.853  2.043   -19.563 1.00 81.04  ? 500  ARG F N   1 
ATOM   1571 C CA  . ARG A 1 200 ? -4.515  3.324   -19.316 1.00 82.80  ? 500  ARG F CA  1 
ATOM   1572 C C   . ARG A 1 200 ? -4.330  4.318   -20.463 1.00 83.43  ? 500  ARG F C   1 
ATOM   1573 O O   . ARG A 1 200 ? -3.672  3.957   -21.461 1.00 83.86  ? 500  ARG F O   1 
ATOM   1574 C CB  . ARG A 1 200 ? -4.014  3.933   -18.006 1.00 75.48  ? 500  ARG F CB  1 
HETATM 1575 C C   . ACY B 2 .   ? 1.225   -3.177  7.944   1.00 42.14  ? 1001 ACY F C   1 
HETATM 1576 O O   . ACY B 2 .   ? 2.511   -3.061  8.138   1.00 41.99  ? 1001 ACY F O   1 
HETATM 1577 O OXT . ACY B 2 .   ? 0.642   -3.970  7.129   1.00 40.81  ? 1001 ACY F OXT 1 
HETATM 1578 C CH3 . ACY B 2 .   ? 0.382   -2.232  8.800   1.00 39.56  ? 1001 ACY F CH3 1 
HETATM 1579 O O   . HOH C 3 .   ? -7.261  -2.232  6.348   1.00 21.67  ? 1    HOH F O   1 
HETATM 1580 O O   . HOH C 3 .   ? 15.665  9.852   -4.056  1.00 38.52  ? 2    HOH F O   1 
HETATM 1581 O O   . HOH C 3 .   ? -2.224  3.117   12.262  1.00 35.30  ? 3    HOH F O   1 
HETATM 1582 O O   . HOH C 3 .   ? 9.636   3.593   2.808   1.00 26.81  ? 4    HOH F O   1 
HETATM 1583 O O   . HOH C 3 .   ? -10.411 -13.553 5.331   1.00 27.71  ? 5    HOH F O   1 
HETATM 1584 O O   . HOH C 3 .   ? -9.846  -20.875 6.159   1.00 48.44  ? 6    HOH F O   1 
HETATM 1585 O O   . HOH C 3 .   ? -10.688 -8.396  14.966  1.00 35.71  ? 7    HOH F O   1 
HETATM 1586 O O   . HOH C 3 .   ? -15.805 -4.454  -10.327 1.00 34.99  ? 8    HOH F O   1 
HETATM 1587 O O   . HOH C 3 .   ? -7.569  -1.508  -10.364 1.00 41.32  ? 9    HOH F O   1 
HETATM 1588 O O   . HOH C 3 .   ? 0.009   -6.509  6.930   1.00 28.96  ? 10   HOH F O   1 
HETATM 1589 O O   . HOH C 3 .   ? 20.801  -8.408  0.163   1.00 43.28  ? 11   HOH F O   1 
HETATM 1590 O O   . HOH C 3 .   ? -12.904 -9.266  16.559  1.00 39.42  ? 12   HOH F O   1 
HETATM 1591 O O   . HOH C 3 .   ? -17.704 -8.710  14.646  1.00 44.78  ? 13   HOH F O   1 
HETATM 1592 O O   . HOH C 3 .   ? -4.542  16.827  11.877  1.00 54.03  ? 14   HOH F O   1 
HETATM 1593 O O   . HOH C 3 .   ? -19.272 4.566   -1.171  1.00 48.57  ? 15   HOH F O   1 
HETATM 1594 O O   . HOH C 3 .   ? -9.286  12.912  0.109   1.00 53.06  ? 16   HOH F O   1 
HETATM 1595 O O   . HOH C 3 .   ? -5.823  -11.086 -11.549 1.00 51.28  ? 17   HOH F O   1 
HETATM 1596 O O   . HOH C 3 .   ? 7.530   -19.135 -5.213  1.00 43.37  ? 18   HOH F O   1 
HETATM 1597 O O   . HOH C 3 .   ? -1.576  -11.384 21.777  1.00 45.59  ? 19   HOH F O   1 
HETATM 1598 O O   . HOH C 3 .   ? 12.829  -10.501 6.028   1.00 48.55  ? 20   HOH F O   1 
HETATM 1599 O O   . HOH C 3 .   ? -9.893  -14.309 -8.057  1.00 35.00  ? 21   HOH F O   1 
HETATM 1600 O O   . HOH C 3 .   ? 6.431   17.113  1.411   1.00 51.12  ? 22   HOH F O   1 
HETATM 1601 O O   . HOH C 3 .   ? 18.199  12.727  -6.208  1.00 43.96  ? 23   HOH F O   1 
HETATM 1602 O O   . HOH C 3 .   ? -7.134  1.062   -10.357 1.00 41.95  ? 24   HOH F O   1 
HETATM 1603 O O   . HOH C 3 .   ? -14.035 -1.137  -5.810  1.00 52.74  ? 25   HOH F O   1 
HETATM 1604 O O   . HOH C 3 .   ? 4.011   12.615  11.934  1.00 45.68  ? 26   HOH F O   1 
HETATM 1605 O O   . HOH C 3 .   ? 7.519   16.701  -1.570  1.00 40.66  ? 27   HOH F O   1 
HETATM 1606 O O   . HOH C 3 .   ? 6.988   4.433   2.996   1.00 26.39  ? 28   HOH F O   1 
HETATM 1607 O O   . HOH C 3 .   ? 6.878   6.354   5.322   1.00 22.59  ? 29   HOH F O   1 
HETATM 1608 O O   . HOH C 3 .   ? -14.050 -11.306 3.256   1.00 29.07  ? 30   HOH F O   1 
HETATM 1609 O O   . HOH C 3 .   ? 1.354   -10.343 -15.089 1.00 47.38  ? 31   HOH F O   1 
HETATM 1610 O O   . HOH C 3 .   ? -12.068 -2.313  14.385  1.00 36.71  ? 32   HOH F O   1 
HETATM 1611 O O   . HOH C 3 .   ? 10.570  -5.472  -24.228 1.00 49.33  ? 33   HOH F O   1 
HETATM 1612 O O   . HOH C 3 .   ? 5.747   -2.704  3.691   1.00 40.34  ? 34   HOH F O   1 
HETATM 1613 O O   . HOH C 3 .   ? -17.098 -5.737  11.450  0.50 31.86  ? 35   HOH F O   1 
HETATM 1614 O O   . HOH C 3 .   ? -10.965 -10.893 -8.521  1.00 59.66  ? 36   HOH F O   1 
HETATM 1615 O O   . HOH C 3 .   ? 10.140  -4.976  2.353   1.00 36.24  ? 37   HOH F O   1 
HETATM 1616 O O   . HOH C 3 .   ? -0.953  -1.849  12.019  1.00 46.84  ? 38   HOH F O   1 
HETATM 1617 O O   . HOH C 3 .   ? 5.278   3.749   5.802   1.00 42.93  ? 39   HOH F O   1 
HETATM 1618 O O   . HOH C 3 .   ? -6.243  14.983  11.385  1.00 50.75  ? 40   HOH F O   1 
HETATM 1619 O O   . HOH C 3 .   ? 5.045   1.907   -15.630 1.00 53.04  ? 41   HOH F O   1 
HETATM 1620 O O   . HOH C 3 .   ? -8.581  -14.787 19.933  1.00 43.91  ? 42   HOH F O   1 
HETATM 1621 O O   . HOH C 3 .   ? -5.960  -18.354 9.398   1.00 47.23  ? 43   HOH F O   1 
HETATM 1622 O O   . HOH C 3 .   ? 12.900  10.312  -16.589 1.00 53.44  ? 44   HOH F O   1 
HETATM 1623 O O   . HOH C 3 .   ? 15.111  -3.088  -16.098 1.00 45.46  ? 45   HOH F O   1 
HETATM 1624 O O   . HOH C 3 .   ? -9.484  -16.751 6.202   1.00 30.38  ? 46   HOH F O   1 
HETATM 1625 O O   . HOH C 3 .   ? 0.147   15.621  5.611   1.00 57.44  ? 47   HOH F O   1 
HETATM 1626 O O   . HOH C 3 .   ? 7.343   17.376  -4.204  1.00 55.31  ? 48   HOH F O   1 
HETATM 1627 O O   . HOH C 3 .   ? -8.932  7.536   13.867  1.00 69.39  ? 49   HOH F O   1 
HETATM 1628 O O   . HOH C 3 .   ? 6.968   2.860   13.570  1.00 42.23  ? 50   HOH F O   1 
HETATM 1629 O O   . HOH C 3 .   ? -9.992  -23.707 6.287   1.00 42.43  ? 51   HOH F O   1 
HETATM 1630 O O   . HOH C 3 .   ? 2.374   14.317  9.559   1.00 45.10  ? 52   HOH F O   1 
HETATM 1631 O O   . HOH C 3 .   ? 18.130  11.395  -3.158  1.00 50.47  ? 53   HOH F O   1 
HETATM 1632 O O   . HOH C 3 .   ? -16.824 -1.779  -10.818 1.00 42.81  ? 54   HOH F O   1 
HETATM 1633 O O   . HOH C 3 .   ? 1.281   -20.516 0.403   1.00 34.14  ? 55   HOH F O   1 
HETATM 1634 O O   . HOH C 3 .   ? -0.580  -20.453 2.464   0.50 10.47  ? 56   HOH F O   1 
HETATM 1635 O O   . HOH C 3 .   ? 13.570  10.501  8.390   1.00 49.75  ? 57   HOH F O   1 
HETATM 1636 O O   . HOH C 3 .   ? 8.601   -2.239  4.485   1.00 60.72  ? 58   HOH F O   1 
HETATM 1637 O O   . HOH C 3 .   ? 4.884   -4.098  13.147  1.00 39.70  ? 59   HOH F O   1 
HETATM 1638 O O   . HOH C 3 .   ? 5.701   -0.375  -15.204 1.00 38.82  ? 60   HOH F O   1 
HETATM 1639 O O   . HOH C 3 .   ? -0.392  -4.173  18.806  1.00 33.60  ? 61   HOH F O   1 
HETATM 1640 O O   . HOH C 3 .   ? -15.641 -8.161  16.765  1.00 43.55  ? 62   HOH F O   1 
HETATM 1641 O O   . HOH C 3 .   ? -16.632 -11.543 17.382  1.00 41.57  ? 63   HOH F O   1 
HETATM 1642 O O   . HOH C 3 .   ? -8.280  -7.662  -14.768 1.00 39.21  ? 64   HOH F O   1 
HETATM 1643 O O   . HOH C 3 .   ? -3.573  -12.419 -11.795 1.00 56.38  ? 65   HOH F O   1 
# 
